data_5NZF
#
_entry.id   5NZF
#
_cell.length_a   85.654
_cell.length_b   127.217
_cell.length_c   96.786
_cell.angle_alpha   90.000
_cell.angle_beta   92.930
_cell.angle_gamma   90.000
#
_symmetry.space_group_name_H-M   'P 1 21 1'
#
loop_
_entity.id
_entity.type
_entity.pdbx_description
1 polymer Neuraminidase
2 branched alpha-D-mannopyranose-(1-3)-[alpha-D-mannopyranose-(1-6)]beta-D-mannopyranose-(1-4)-2-acetamido-2-deoxy-beta-D-glucopyranose-(1-4)-2-acetamido-2-deoxy-beta-D-glucopyranose
3 branched 2-acetamido-2-deoxy-beta-D-glucopyranose-(1-4)-2-acetamido-2-deoxy-beta-D-glucopyranose
4 non-polymer 'CALCIUM ION'
5 non-polymer '(3R,4R,5S)-4-(acetylamino)-5-amino-3-(pentan-3-yloxy)cyclohex-1-ene-1-carboxylic acid'
6 non-polymer 2-acetamido-2-deoxy-beta-D-glucopyranose
7 non-polymer 1,2-ETHANEDIOL
8 non-polymer 'SODIUM ION'
9 water water
#
_entity_poly.entity_id   1
_entity_poly.type   'polypeptide(L)'
_entity_poly.pdbx_seq_one_letter_code
;SVKLAGNSSLCPVSGWAIYSKDNSVRIGSKGDVFVIREPFISCSPLECRTFFLTQGALLNDKHSNGTIKDRSPYRTLMSC
PIGEVPSPYNSRFESVAWSASACHDGINWLTIGISGPDNGAVAVLKYNGIITDTIKSWRNNVLRTQESECACVNGSCFTV
MTDGPSNGQASYKIFRIEKGKIVKSVEMNAPNYYYEECSCYPDSSEITCVCRDNWHGSNRPWVSFNQNLEYQIGYICSGI
FGDNPRPNDKTGSCGPVSSNGANGVKGFSFKYGNGVWIGRTKSISSRNGFEMIWDPNGWTGTDNNFSIKQDIVGINEWSG
YSGSFVQHPELTGLDCIRPCFWVELIRGRPKENTIWTSGSSISFCGVNSDTVGWSWPDGAELPFTIDK
;
_entity_poly.pdbx_strand_id   A,B,C,D
#
loop_
_chem_comp.id
_chem_comp.type
_chem_comp.name
_chem_comp.formula
BMA D-saccharide, beta linking beta-D-mannopyranose 'C6 H12 O6'
CA non-polymer 'CALCIUM ION' 'Ca 2'
EDO non-polymer 1,2-ETHANEDIOL 'C2 H6 O2'
G39 non-polymer '(3R,4R,5S)-4-(acetylamino)-5-amino-3-(pentan-3-yloxy)cyclohex-1-ene-1-carboxylic acid' 'C14 H24 N2 O4'
MAN D-saccharide, alpha linking alpha-D-mannopyranose 'C6 H12 O6'
NA non-polymer 'SODIUM ION' 'Na 1'
NAG D-saccharide, beta linking 2-acetamido-2-deoxy-beta-D-glucopyranose 'C8 H15 N O6'
#
# COMPACT_ATOMS: atom_id res chain seq x y z
N SER A 1 -21.57 -4.99 -14.42
CA SER A 1 -21.59 -6.15 -13.46
C SER A 1 -22.80 -7.03 -13.66
N VAL A 2 -22.56 -8.32 -13.88
CA VAL A 2 -23.62 -9.30 -14.07
C VAL A 2 -23.44 -10.43 -13.09
N LYS A 3 -24.55 -11.00 -12.66
CA LYS A 3 -24.57 -12.14 -11.76
C LYS A 3 -23.86 -13.32 -12.42
N LEU A 4 -23.06 -14.07 -11.65
CA LEU A 4 -22.49 -15.31 -12.17
C LEU A 4 -23.64 -16.31 -12.47
N ALA A 5 -23.62 -16.89 -13.68
CA ALA A 5 -24.67 -17.83 -14.12
C ALA A 5 -24.67 -19.10 -13.30
N GLY A 6 -23.47 -19.70 -13.22
CA GLY A 6 -23.29 -20.95 -12.47
C GLY A 6 -24.02 -22.16 -13.04
N ASN A 7 -24.33 -22.09 -14.32
CA ASN A 7 -25.12 -23.14 -14.98
C ASN A 7 -24.31 -24.08 -15.87
N SER A 8 -23.02 -23.83 -16.11
CA SER A 8 -22.20 -24.76 -16.88
C SER A 8 -21.64 -25.89 -15.96
N SER A 9 -21.05 -26.91 -16.56
CA SER A 9 -20.53 -28.03 -15.79
C SER A 9 -19.11 -27.74 -15.33
N LEU A 10 -18.62 -28.47 -14.33
CA LEU A 10 -17.17 -28.44 -13.96
C LEU A 10 -16.32 -28.82 -15.14
N CYS A 11 -15.21 -28.09 -15.38
CA CYS A 11 -14.25 -28.48 -16.40
C CYS A 11 -13.60 -29.80 -16.00
N PRO A 12 -13.50 -30.74 -16.94
CA PRO A 12 -12.77 -32.01 -16.75
C PRO A 12 -11.30 -31.72 -16.77
N VAL A 13 -10.58 -32.30 -15.82
CA VAL A 13 -9.17 -31.98 -15.69
C VAL A 13 -8.31 -33.21 -15.51
N SER A 14 -7.13 -33.17 -16.12
CA SER A 14 -6.19 -34.28 -16.07
C SER A 14 -5.13 -34.12 -14.97
N GLY A 15 -4.99 -32.87 -14.47
CA GLY A 15 -4.02 -32.60 -13.45
C GLY A 15 -4.08 -31.17 -12.99
N TRP A 16 -3.18 -30.83 -12.09
CA TRP A 16 -3.25 -29.58 -11.33
C TRP A 16 -1.99 -28.75 -11.55
N ALA A 17 -2.16 -27.51 -12.04
CA ALA A 17 -1.02 -26.58 -12.29
C ALA A 17 -0.89 -25.64 -11.11
N ILE A 18 0.33 -25.42 -10.58
CA ILE A 18 0.46 -24.50 -9.43
C ILE A 18 0.10 -23.06 -9.75
N TYR A 19 -0.70 -22.47 -8.86
CA TYR A 19 -1.35 -21.16 -9.10
C TYR A 19 -0.74 -20.09 -8.16
N SER A 20 -0.51 -20.41 -6.88
CA SER A 20 -0.01 -19.42 -5.94
C SER A 20 0.76 -20.10 -4.80
N LYS A 21 1.66 -19.36 -4.18
CA LYS A 21 2.31 -19.79 -2.90
C LYS A 21 2.67 -18.52 -2.28
N ASP A 22 2.37 -18.36 -0.98
CA ASP A 22 2.64 -17.00 -0.34
C ASP A 22 3.87 -16.89 0.58
N ASN A 23 4.36 -18.03 1.02
CA ASN A 23 5.55 -18.10 1.88
C ASN A 23 5.36 -17.28 3.11
N SER A 24 4.13 -17.22 3.64
CA SER A 24 3.81 -16.27 4.74
C SER A 24 4.72 -16.45 6.00
N VAL A 25 4.94 -17.70 6.40
CA VAL A 25 5.62 -17.95 7.65
C VAL A 25 7.11 -17.54 7.49
N ARG A 26 7.69 -17.89 6.32
CA ARG A 26 9.07 -17.54 6.02
C ARG A 26 9.25 -16.01 6.05
N ILE A 27 8.31 -15.31 5.44
N ILE A 27 8.31 -15.31 5.44
CA ILE A 27 8.37 -13.88 5.34
C ILE A 27 8.12 -13.22 6.70
C ILE A 27 8.12 -13.22 6.70
N GLY A 28 7.21 -13.79 7.50
CA GLY A 28 6.87 -13.23 8.82
C GLY A 28 7.98 -13.46 9.88
N SER A 29 8.99 -14.25 9.57
CA SER A 29 10.19 -14.27 10.41
C SER A 29 10.76 -12.84 10.63
N LYS A 30 10.63 -11.97 9.64
CA LYS A 30 11.11 -10.61 9.75
C LYS A 30 9.99 -9.61 9.54
N GLY A 31 9.26 -9.74 8.46
CA GLY A 31 8.20 -8.80 8.18
C GLY A 31 6.94 -8.92 9.03
N ASP A 32 6.04 -7.96 8.85
CA ASP A 32 4.84 -7.83 9.60
C ASP A 32 3.69 -8.59 8.91
N VAL A 33 3.54 -9.85 9.27
CA VAL A 33 2.59 -10.77 8.72
C VAL A 33 1.71 -11.26 9.85
N PHE A 34 0.41 -11.38 9.56
CA PHE A 34 -0.55 -11.82 10.56
C PHE A 34 -0.30 -13.26 10.93
N VAL A 35 -0.44 -13.60 12.23
CA VAL A 35 -0.68 -14.97 12.61
C VAL A 35 -2.06 -15.30 12.06
N ILE A 36 -2.18 -16.38 11.31
CA ILE A 36 -3.48 -16.78 10.72
C ILE A 36 -3.68 -18.28 10.70
N ARG A 37 -4.94 -18.70 10.71
CA ARG A 37 -5.29 -20.02 10.23
C ARG A 37 -6.60 -19.95 9.45
N GLU A 38 -7.03 -21.10 8.94
CA GLU A 38 -8.28 -21.21 8.16
C GLU A 38 -8.25 -20.28 6.92
N PRO A 39 -7.16 -20.31 6.16
CA PRO A 39 -7.19 -19.49 4.95
C PRO A 39 -8.12 -20.12 3.89
N PHE A 40 -8.51 -19.36 2.88
CA PHE A 40 -9.18 -19.92 1.72
C PHE A 40 -9.18 -18.89 0.58
N ILE A 41 -9.43 -19.40 -0.60
CA ILE A 41 -9.39 -18.55 -1.78
C ILE A 41 -10.77 -18.43 -2.36
N SER A 42 -11.10 -17.25 -2.87
CA SER A 42 -12.35 -17.10 -3.58
C SER A 42 -12.19 -15.96 -4.58
N CYS A 43 -12.93 -16.04 -5.67
CA CYS A 43 -12.71 -15.18 -6.82
C CYS A 43 -13.97 -14.39 -7.18
N SER A 44 -13.78 -13.17 -7.67
CA SER A 44 -14.86 -12.39 -8.29
C SER A 44 -14.76 -12.62 -9.82
N PRO A 45 -15.59 -11.93 -10.65
CA PRO A 45 -15.32 -12.02 -12.09
C PRO A 45 -14.07 -11.25 -12.56
N LEU A 46 -13.35 -10.60 -11.64
CA LEU A 46 -12.15 -9.78 -11.94
C LEU A 46 -10.86 -10.14 -11.16
N GLU A 47 -10.95 -10.83 -10.02
CA GLU A 47 -9.68 -11.18 -9.31
C GLU A 47 -9.94 -12.31 -8.34
N CYS A 48 -8.86 -12.91 -7.82
CA CYS A 48 -8.91 -13.91 -6.79
C CYS A 48 -8.26 -13.37 -5.55
N ARG A 49 -8.83 -13.74 -4.37
CA ARG A 49 -8.41 -13.27 -3.10
C ARG A 49 -8.25 -14.37 -2.10
N THR A 50 -7.31 -14.16 -1.17
CA THR A 50 -7.12 -15.02 -0.03
C THR A 50 -7.81 -14.38 1.17
N PHE A 51 -8.70 -15.17 1.78
CA PHE A 51 -9.46 -14.87 2.98
C PHE A 51 -8.80 -15.70 4.10
N PHE A 52 -8.81 -15.18 5.30
CA PHE A 52 -8.15 -15.89 6.40
C PHE A 52 -8.60 -15.34 7.72
N LEU A 53 -8.51 -16.19 8.76
CA LEU A 53 -8.80 -15.74 10.10
C LEU A 53 -7.53 -15.35 10.84
N THR A 54 -7.41 -14.05 11.12
CA THR A 54 -6.28 -13.60 11.88
C THR A 54 -6.44 -13.96 13.38
N GLN A 55 -5.35 -13.84 14.10
CA GLN A 55 -5.36 -13.92 15.53
C GLN A 55 -5.21 -12.58 16.15
N GLY A 56 -5.41 -11.50 15.39
CA GLY A 56 -5.16 -10.16 15.94
C GLY A 56 -3.74 -9.93 16.43
N ALA A 57 -2.79 -10.55 15.75
CA ALA A 57 -1.40 -10.60 16.19
C ALA A 57 -0.48 -10.91 15.02
N LEU A 58 0.75 -10.47 15.12
CA LEU A 58 1.75 -10.73 14.09
C LEU A 58 2.73 -11.84 14.49
N LEU A 59 3.25 -12.51 13.49
CA LEU A 59 4.28 -13.52 13.71
C LEU A 59 5.54 -12.91 14.38
N ASN A 60 6.10 -13.68 15.27
CA ASN A 60 7.36 -13.33 15.92
C ASN A 60 7.19 -12.17 16.94
N ASP A 61 5.95 -11.91 17.33
CA ASP A 61 5.62 -11.00 18.41
C ASP A 61 4.95 -11.80 19.54
N LYS A 62 5.09 -11.29 20.74
CA LYS A 62 4.56 -11.98 21.93
C LYS A 62 3.05 -12.22 21.91
N HIS A 63 2.26 -11.39 21.24
CA HIS A 63 0.81 -11.67 21.16
C HIS A 63 0.43 -12.88 20.28
N SER A 64 1.41 -13.48 19.60
CA SER A 64 1.24 -14.75 18.94
C SER A 64 1.12 -15.89 19.93
N ASN A 65 1.47 -15.65 21.19
CA ASN A 65 1.39 -16.71 22.22
C ASN A 65 -0.05 -17.22 22.40
N GLY A 66 -0.22 -18.53 22.46
CA GLY A 66 -1.53 -19.14 22.75
C GLY A 66 -2.43 -19.29 21.53
N THR A 67 -1.88 -18.99 20.35
CA THR A 67 -2.66 -19.02 19.10
C THR A 67 -3.07 -20.39 18.61
N ILE A 68 -2.73 -21.43 19.37
CA ILE A 68 -3.38 -22.74 19.22
C ILE A 68 -4.89 -22.65 19.49
N LYS A 69 -5.28 -21.68 20.32
CA LYS A 69 -6.69 -21.49 20.66
C LYS A 69 -7.50 -21.08 19.43
N ASP A 70 -8.65 -21.73 19.22
CA ASP A 70 -9.47 -21.46 18.03
C ASP A 70 -10.29 -20.20 18.06
N ARG A 71 -10.86 -19.88 19.20
CA ARG A 71 -11.95 -18.90 19.25
C ARG A 71 -11.62 -17.87 20.31
N SER A 72 -11.65 -16.62 19.90
CA SER A 72 -11.38 -15.50 20.77
C SER A 72 -12.08 -14.26 20.20
N PRO A 73 -12.27 -13.20 21.00
CA PRO A 73 -12.77 -11.95 20.43
C PRO A 73 -11.78 -11.16 19.52
N TYR A 74 -10.52 -11.61 19.42
CA TYR A 74 -9.50 -10.89 18.67
C TYR A 74 -9.44 -11.31 17.22
N ARG A 75 -10.00 -12.47 16.89
CA ARG A 75 -9.91 -13.02 15.53
C ARG A 75 -10.84 -12.25 14.57
N THR A 76 -10.30 -11.96 13.40
CA THR A 76 -10.96 -11.17 12.35
C THR A 76 -10.75 -11.88 11.03
N LEU A 77 -11.81 -11.87 10.23
CA LEU A 77 -11.76 -12.29 8.84
C LEU A 77 -11.24 -11.15 8.05
N MET A 78 -10.21 -11.41 7.28
CA MET A 78 -9.56 -10.37 6.48
C MET A 78 -9.17 -10.98 5.16
N SER A 79 -8.88 -10.14 4.17
CA SER A 79 -8.55 -10.66 2.84
C SER A 79 -7.42 -9.90 2.17
N CYS A 80 -6.59 -10.60 1.38
CA CYS A 80 -5.56 -9.96 0.56
C CYS A 80 -5.50 -10.62 -0.84
N PRO A 81 -4.79 -10.01 -1.82
CA PRO A 81 -4.69 -10.59 -3.17
C PRO A 81 -3.99 -11.93 -3.13
N ILE A 82 -4.35 -12.84 -3.99
CA ILE A 82 -3.81 -14.17 -3.92
C ILE A 82 -2.27 -14.20 -4.02
N GLY A 83 -1.62 -15.07 -3.21
CA GLY A 83 -0.16 -15.15 -3.28
C GLY A 83 0.63 -14.12 -2.47
N GLU A 84 -0.04 -13.08 -1.95
CA GLU A 84 0.65 -12.07 -1.15
C GLU A 84 0.58 -12.48 0.31
N VAL A 85 1.58 -12.17 1.11
CA VAL A 85 1.50 -12.46 2.54
C VAL A 85 0.37 -11.67 3.18
N PRO A 86 -0.34 -12.24 4.19
CA PRO A 86 -1.37 -11.44 4.83
C PRO A 86 -0.76 -10.48 5.83
N SER A 87 -0.77 -9.20 5.50
CA SER A 87 -0.09 -8.24 6.33
C SER A 87 -1.11 -7.19 6.73
N PRO A 88 -0.89 -6.49 7.85
CA PRO A 88 -1.73 -5.31 8.11
C PRO A 88 -1.64 -4.28 7.02
N TYR A 89 -0.59 -4.27 6.20
CA TYR A 89 -0.41 -3.18 5.16
C TYR A 89 -1.03 -3.51 3.79
N ASN A 90 -1.43 -4.73 3.56
CA ASN A 90 -2.03 -5.11 2.31
C ASN A 90 -3.42 -5.77 2.45
N SER A 91 -3.88 -6.00 3.71
CA SER A 91 -5.12 -6.71 3.98
C SER A 91 -6.35 -5.81 4.24
N ARG A 92 -7.46 -6.19 3.63
CA ARG A 92 -8.77 -5.54 3.75
C ARG A 92 -9.50 -6.21 4.87
N PHE A 93 -10.08 -5.39 5.72
CA PHE A 93 -10.86 -5.88 6.83
C PHE A 93 -12.21 -6.37 6.29
N GLU A 94 -12.64 -7.56 6.72
CA GLU A 94 -13.98 -8.10 6.35
C GLU A 94 -14.98 -8.20 7.53
N SER A 95 -14.61 -8.79 8.67
CA SER A 95 -15.63 -9.09 9.69
C SER A 95 -14.90 -9.56 10.90
N VAL A 96 -15.52 -9.39 12.07
CA VAL A 96 -14.99 -10.02 13.27
C VAL A 96 -15.45 -11.48 13.21
N ALA A 97 -14.52 -12.42 13.38
CA ALA A 97 -14.80 -13.81 13.00
C ALA A 97 -13.79 -14.76 13.53
N TRP A 98 -14.31 -15.85 14.11
CA TRP A 98 -13.51 -17.06 14.39
C TRP A 98 -13.95 -18.29 13.59
N SER A 99 -14.91 -18.08 12.69
CA SER A 99 -15.35 -19.08 11.69
C SER A 99 -15.96 -18.22 10.56
N ALA A 100 -15.75 -18.62 9.31
CA ALA A 100 -16.12 -17.76 8.19
C ALA A 100 -16.36 -18.43 6.91
N SER A 101 -16.99 -17.66 6.03
CA SER A 101 -17.12 -18.00 4.62
C SER A 101 -17.21 -16.71 3.83
N ALA A 102 -16.96 -16.80 2.52
CA ALA A 102 -17.19 -15.64 1.60
C ALA A 102 -17.33 -16.16 0.20
N CYS A 103 -17.93 -15.36 -0.68
CA CYS A 103 -18.09 -15.70 -2.08
C CYS A 103 -18.72 -14.49 -2.80
N HIS A 104 -18.46 -14.39 -4.11
CA HIS A 104 -18.81 -13.21 -4.85
C HIS A 104 -19.90 -13.70 -5.80
N ASP A 105 -21.04 -13.02 -5.81
CA ASP A 105 -22.21 -13.44 -6.64
C ASP A 105 -22.11 -12.93 -8.09
N GLY A 106 -21.02 -12.28 -8.46
CA GLY A 106 -20.89 -11.50 -9.71
C GLY A 106 -21.02 -9.97 -9.59
N ILE A 107 -21.70 -9.52 -8.55
N ILE A 107 -21.70 -9.52 -8.55
CA ILE A 107 -21.96 -8.11 -8.33
C ILE A 107 -21.17 -7.63 -7.13
C ILE A 107 -21.18 -7.62 -7.12
N ASN A 108 -21.34 -8.29 -5.98
CA ASN A 108 -20.57 -7.94 -4.75
C ASN A 108 -20.15 -9.16 -3.95
N TRP A 109 -19.25 -8.89 -3.02
CA TRP A 109 -18.77 -9.89 -2.07
C TRP A 109 -19.80 -10.09 -1.00
N LEU A 110 -20.12 -11.34 -0.74
CA LEU A 110 -20.73 -11.77 0.50
C LEU A 110 -19.65 -12.32 1.44
N THR A 111 -19.73 -11.89 2.69
CA THR A 111 -18.90 -12.40 3.79
C THR A 111 -19.77 -12.82 4.89
N ILE A 112 -19.36 -13.91 5.60
CA ILE A 112 -20.04 -14.46 6.75
C ILE A 112 -19.02 -14.64 7.84
N GLY A 113 -19.21 -13.95 8.95
CA GLY A 113 -18.25 -13.95 10.07
C GLY A 113 -18.97 -14.32 11.36
N ILE A 114 -18.55 -15.41 11.99
CA ILE A 114 -19.17 -15.82 13.28
C ILE A 114 -18.27 -15.37 14.42
N SER A 115 -18.81 -14.58 15.35
CA SER A 115 -18.14 -14.29 16.62
C SER A 115 -19.16 -14.42 17.75
N GLY A 116 -18.75 -14.01 18.94
CA GLY A 116 -19.55 -14.19 20.13
C GLY A 116 -19.14 -15.44 20.90
N PRO A 117 -19.88 -15.76 21.98
CA PRO A 117 -19.58 -16.87 22.90
C PRO A 117 -19.91 -18.22 22.33
N ASP A 118 -19.31 -19.27 22.88
CA ASP A 118 -19.54 -20.63 22.33
C ASP A 118 -21.03 -21.04 22.47
N ASN A 119 -21.70 -20.55 23.52
CA ASN A 119 -23.11 -20.92 23.78
C ASN A 119 -24.16 -20.06 23.04
N GLY A 120 -23.73 -19.12 22.18
CA GLY A 120 -24.75 -18.33 21.43
C GLY A 120 -24.12 -17.43 20.38
N ALA A 121 -23.24 -18.00 19.58
CA ALA A 121 -22.49 -17.25 18.56
C ALA A 121 -23.44 -16.77 17.51
N VAL A 122 -23.01 -15.75 16.77
CA VAL A 122 -23.80 -15.11 15.74
C VAL A 122 -22.96 -14.94 14.51
N ALA A 123 -23.51 -15.37 13.38
CA ALA A 123 -22.97 -15.10 12.11
C ALA A 123 -23.46 -13.75 11.63
N VAL A 124 -22.52 -12.86 11.29
CA VAL A 124 -22.87 -11.57 10.70
C VAL A 124 -22.62 -11.67 9.21
N LEU A 125 -23.66 -11.47 8.40
CA LEU A 125 -23.50 -11.43 6.98
C LEU A 125 -23.36 -9.96 6.49
N LYS A 126 -22.42 -9.77 5.59
CA LYS A 126 -22.19 -8.51 4.86
C LYS A 126 -22.24 -8.69 3.37
N TYR A 127 -22.83 -7.71 2.68
CA TYR A 127 -22.84 -7.67 1.24
C TYR A 127 -22.25 -6.33 0.86
N ASN A 128 -21.17 -6.35 0.11
CA ASN A 128 -20.40 -5.12 -0.16
C ASN A 128 -19.95 -4.40 1.13
N GLY A 129 -19.63 -5.17 2.15
CA GLY A 129 -19.16 -4.64 3.43
C GLY A 129 -20.19 -4.06 4.37
N ILE A 130 -21.46 -4.08 3.98
CA ILE A 130 -22.57 -3.56 4.77
C ILE A 130 -23.26 -4.75 5.43
N ILE A 131 -23.53 -4.68 6.74
CA ILE A 131 -24.32 -5.74 7.39
C ILE A 131 -25.75 -5.86 6.82
N THR A 132 -26.06 -7.04 6.31
CA THR A 132 -27.34 -7.33 5.62
C THR A 132 -28.19 -8.38 6.37
N ASP A 133 -27.56 -9.16 7.25
CA ASP A 133 -28.32 -10.15 8.05
C ASP A 133 -27.46 -10.71 9.15
N THR A 134 -28.12 -11.38 10.10
CA THR A 134 -27.44 -12.14 11.14
C THR A 134 -28.15 -13.44 11.32
N ILE A 135 -27.44 -14.44 11.78
CA ILE A 135 -28.10 -15.65 12.26
C ILE A 135 -27.39 -16.21 13.50
N LYS A 136 -28.18 -16.51 14.51
CA LYS A 136 -27.69 -16.91 15.82
C LYS A 136 -27.68 -18.42 15.98
N SER A 137 -26.75 -18.89 16.82
CA SER A 137 -26.66 -20.30 17.17
C SER A 137 -28.08 -20.76 17.60
N TRP A 138 -28.47 -21.94 17.12
CA TRP A 138 -29.77 -22.59 17.43
C TRP A 138 -29.63 -23.85 18.30
N ARG A 139 -28.40 -24.29 18.58
CA ARG A 139 -28.14 -25.37 19.51
C ARG A 139 -27.14 -24.94 20.59
N ASN A 140 -26.63 -23.70 20.54
CA ASN A 140 -25.81 -23.14 21.60
C ASN A 140 -24.50 -23.86 21.85
N ASN A 141 -23.95 -24.42 20.77
CA ASN A 141 -22.73 -25.16 20.86
C ASN A 141 -21.85 -24.97 19.64
N VAL A 142 -21.18 -23.80 19.62
CA VAL A 142 -20.19 -23.37 18.63
C VAL A 142 -20.76 -23.41 17.20
N LEU A 143 -21.64 -22.47 16.93
CA LEU A 143 -22.09 -22.27 15.56
C LEU A 143 -20.82 -22.12 14.70
N ARG A 144 -20.75 -22.89 13.64
CA ARG A 144 -19.55 -22.89 12.79
C ARG A 144 -19.90 -23.09 11.34
N THR A 145 -19.04 -22.57 10.46
CA THR A 145 -19.29 -22.65 9.02
C THR A 145 -18.03 -23.17 8.22
N GLN A 146 -18.03 -22.96 6.92
CA GLN A 146 -17.20 -23.70 6.00
C GLN A 146 -15.70 -23.54 6.14
N GLU A 147 -15.25 -22.34 6.42
CA GLU A 147 -13.82 -21.96 6.31
C GLU A 147 -13.33 -22.12 4.89
N SER A 148 -14.25 -21.93 3.92
CA SER A 148 -13.93 -21.86 2.54
C SER A 148 -15.11 -21.13 1.83
N GLU A 149 -14.96 -20.97 0.55
CA GLU A 149 -15.91 -20.15 -0.23
C GLU A 149 -17.27 -20.77 -0.21
N CYS A 150 -18.26 -19.89 -0.12
CA CYS A 150 -19.62 -20.28 -0.41
C CYS A 150 -19.80 -20.38 -1.95
N ALA A 151 -20.96 -20.84 -2.44
CA ALA A 151 -21.10 -21.16 -3.86
C ALA A 151 -22.28 -20.39 -4.38
N CYS A 152 -22.17 -19.85 -5.61
CA CYS A 152 -23.17 -18.94 -6.16
C CYS A 152 -23.66 -19.36 -7.54
N VAL A 153 -24.98 -19.24 -7.73
CA VAL A 153 -25.69 -19.60 -8.98
C VAL A 153 -26.81 -18.60 -9.17
N ASN A 154 -26.68 -17.83 -10.22
CA ASN A 154 -27.71 -16.91 -10.70
C ASN A 154 -28.21 -15.98 -9.60
N GLY A 155 -27.28 -15.37 -8.89
CA GLY A 155 -27.64 -14.37 -7.89
C GLY A 155 -27.95 -14.86 -6.50
N SER A 156 -27.93 -16.18 -6.29
CA SER A 156 -28.13 -16.75 -4.97
C SER A 156 -26.82 -17.43 -4.56
N CYS A 157 -26.44 -17.26 -3.31
CA CYS A 157 -25.27 -17.90 -2.75
C CYS A 157 -25.67 -18.88 -1.65
N PHE A 158 -24.95 -19.98 -1.57
CA PHE A 158 -25.28 -21.08 -0.68
C PHE A 158 -24.14 -21.40 0.25
N THR A 159 -24.44 -21.74 1.50
CA THR A 159 -23.45 -22.20 2.49
C THR A 159 -24.12 -23.22 3.41
N VAL A 160 -23.31 -23.88 4.21
CA VAL A 160 -23.73 -24.82 5.22
C VAL A 160 -23.15 -24.34 6.55
N MET A 161 -23.91 -24.48 7.64
CA MET A 161 -23.41 -24.28 8.99
C MET A 161 -23.86 -25.42 9.90
N THR A 162 -23.11 -25.59 10.96
CA THR A 162 -23.28 -26.70 11.89
C THR A 162 -23.33 -26.12 13.26
N ASP A 163 -24.13 -26.74 14.10
CA ASP A 163 -24.22 -26.33 15.49
C ASP A 163 -24.47 -27.57 16.31
N GLY A 164 -23.76 -27.71 17.42
CA GLY A 164 -23.82 -28.88 18.26
C GLY A 164 -22.45 -29.46 18.55
N PRO A 165 -22.41 -30.66 19.19
CA PRO A 165 -21.20 -31.41 19.49
C PRO A 165 -20.29 -31.70 18.32
N SER A 166 -18.98 -31.80 18.58
CA SER A 166 -18.04 -32.25 17.53
C SER A 166 -17.60 -33.71 17.66
N ASN A 167 -18.13 -34.43 18.67
CA ASN A 167 -17.83 -35.87 18.88
C ASN A 167 -19.09 -36.75 18.90
N GLY A 168 -20.11 -36.29 18.19
CA GLY A 168 -21.41 -36.94 18.14
C GLY A 168 -22.31 -36.28 17.13
N GLN A 169 -23.54 -36.79 17.05
CA GLN A 169 -24.55 -36.18 16.17
C GLN A 169 -24.71 -34.69 16.49
N ALA A 170 -24.70 -33.86 15.45
CA ALA A 170 -24.97 -32.42 15.59
C ALA A 170 -26.03 -32.06 14.61
N SER A 171 -26.28 -30.75 14.44
CA SER A 171 -27.30 -30.24 13.54
C SER A 171 -26.67 -29.46 12.41
N TYR A 172 -27.19 -29.65 11.20
CA TYR A 172 -26.59 -29.11 9.96
C TYR A 172 -27.67 -28.40 9.21
N LYS A 173 -27.42 -27.10 8.89
CA LYS A 173 -28.35 -26.32 8.11
C LYS A 173 -27.75 -25.83 6.79
N ILE A 174 -28.56 -25.83 5.74
CA ILE A 174 -28.20 -25.28 4.43
C ILE A 174 -28.94 -23.95 4.26
N PHE A 175 -28.26 -22.93 3.73
CA PHE A 175 -28.79 -21.55 3.55
C PHE A 175 -28.74 -21.09 2.12
N ARG A 176 -29.81 -20.45 1.65
CA ARG A 176 -29.79 -19.69 0.38
C ARG A 176 -29.77 -18.21 0.77
N ILE A 177 -28.82 -17.46 0.18
CA ILE A 177 -28.60 -16.06 0.55
C ILE A 177 -28.64 -15.23 -0.76
N GLU A 178 -29.39 -14.12 -0.74
CA GLU A 178 -29.48 -13.20 -1.87
C GLU A 178 -29.20 -11.79 -1.37
N LYS A 179 -28.17 -11.16 -1.94
CA LYS A 179 -27.69 -9.84 -1.56
C LYS A 179 -27.45 -9.74 -0.07
N GLY A 180 -26.87 -10.80 0.46
CA GLY A 180 -26.54 -10.87 1.87
C GLY A 180 -27.67 -11.15 2.85
N LYS A 181 -28.87 -11.40 2.32
CA LYS A 181 -30.04 -11.71 3.12
C LYS A 181 -30.34 -13.21 3.03
N ILE A 182 -30.54 -13.87 4.18
CA ILE A 182 -30.96 -15.27 4.18
C ILE A 182 -32.44 -15.29 3.76
N VAL A 183 -32.70 -15.95 2.65
CA VAL A 183 -34.05 -16.06 2.09
C VAL A 183 -34.67 -17.45 2.25
N LYS A 184 -33.84 -18.45 2.53
CA LYS A 184 -34.34 -19.77 2.88
C LYS A 184 -33.24 -20.51 3.57
N SER A 185 -33.62 -21.37 4.52
CA SER A 185 -32.72 -22.34 5.16
C SER A 185 -33.52 -23.61 5.44
N VAL A 186 -32.82 -24.75 5.48
CA VAL A 186 -33.43 -26.02 5.88
C VAL A 186 -32.47 -26.72 6.77
N GLU A 187 -33.01 -27.46 7.72
CA GLU A 187 -32.19 -28.29 8.59
C GLU A 187 -32.19 -29.68 7.99
N MET A 188 -31.00 -30.28 7.85
CA MET A 188 -30.86 -31.55 7.17
C MET A 188 -31.34 -32.66 8.07
N ASN A 189 -32.08 -33.58 7.47
CA ASN A 189 -32.36 -34.86 8.13
C ASN A 189 -31.15 -35.71 7.77
N ALA A 190 -30.29 -35.97 8.73
CA ALA A 190 -29.02 -36.70 8.47
C ALA A 190 -28.57 -37.51 9.68
N PRO A 191 -29.43 -38.47 10.13
CA PRO A 191 -29.09 -39.27 11.29
C PRO A 191 -27.88 -40.14 10.97
N ASN A 192 -26.99 -40.22 11.93
CA ASN A 192 -25.75 -40.98 11.84
C ASN A 192 -24.67 -40.38 10.93
N TYR A 193 -24.94 -39.21 10.33
CA TYR A 193 -23.99 -38.47 9.49
C TYR A 193 -23.51 -37.28 10.29
N TYR A 194 -22.36 -36.73 9.87
CA TYR A 194 -21.83 -35.52 10.49
C TYR A 194 -21.13 -34.65 9.46
N TYR A 195 -21.46 -33.36 9.44
CA TYR A 195 -20.99 -32.42 8.44
C TYR A 195 -20.41 -31.20 9.16
N GLU A 196 -19.18 -30.84 8.83
CA GLU A 196 -18.68 -29.49 9.17
C GLU A 196 -17.60 -29.07 8.15
N GLU A 197 -17.31 -27.79 8.06
CA GLU A 197 -16.20 -27.29 7.25
C GLU A 197 -16.34 -27.75 5.78
N CYS A 198 -17.57 -27.62 5.30
CA CYS A 198 -17.91 -28.02 3.93
C CYS A 198 -17.16 -27.25 2.85
N SER A 199 -16.65 -27.97 1.85
CA SER A 199 -16.10 -27.30 0.69
C SER A 199 -17.19 -27.45 -0.38
N CYS A 200 -17.82 -26.34 -0.71
CA CYS A 200 -18.97 -26.29 -1.65
C CYS A 200 -18.63 -25.58 -2.96
N TYR A 201 -19.11 -26.19 -4.06
CA TYR A 201 -18.90 -25.63 -5.37
C TYR A 201 -20.16 -25.76 -6.24
N PRO A 202 -20.29 -24.86 -7.19
CA PRO A 202 -21.42 -24.99 -8.09
C PRO A 202 -21.05 -25.88 -9.31
N ASP A 203 -22.04 -26.59 -9.84
CA ASP A 203 -21.83 -27.43 -11.01
C ASP A 203 -23.23 -27.60 -11.66
N SER A 204 -23.40 -27.09 -12.88
CA SER A 204 -24.70 -27.19 -13.59
C SER A 204 -25.89 -26.76 -12.72
N SER A 205 -25.80 -25.55 -12.16
CA SER A 205 -26.86 -24.89 -11.39
C SER A 205 -27.18 -25.48 -10.03
N GLU A 206 -26.41 -26.50 -9.61
CA GLU A 206 -26.60 -27.13 -8.34
C GLU A 206 -25.31 -27.09 -7.54
N ILE A 207 -25.42 -27.29 -6.23
CA ILE A 207 -24.25 -27.11 -5.35
C ILE A 207 -23.87 -28.51 -4.86
N THR A 208 -22.58 -28.83 -4.88
CA THR A 208 -22.10 -30.06 -4.21
C THR A 208 -21.12 -29.65 -3.14
N CYS A 209 -21.32 -30.16 -1.92
CA CYS A 209 -20.43 -29.96 -0.80
C CYS A 209 -19.82 -31.30 -0.34
N VAL A 210 -18.52 -31.26 -0.06
CA VAL A 210 -17.78 -32.34 0.54
C VAL A 210 -17.21 -31.80 1.85
N CYS A 211 -17.40 -32.54 2.94
CA CYS A 211 -17.21 -32.00 4.27
C CYS A 211 -16.36 -32.93 5.17
N ARG A 212 -16.33 -32.59 6.44
CA ARG A 212 -15.59 -33.32 7.48
C ARG A 212 -16.53 -33.98 8.47
N ASP A 213 -16.42 -35.31 8.59
CA ASP A 213 -17.08 -36.08 9.63
C ASP A 213 -16.10 -36.21 10.77
N ASN A 214 -16.27 -35.36 11.78
CA ASN A 214 -15.45 -35.36 13.01
C ASN A 214 -15.88 -36.39 14.03
N TRP A 215 -17.05 -36.97 13.80
CA TRP A 215 -17.64 -37.93 14.72
C TRP A 215 -17.12 -39.36 14.49
N HIS A 216 -17.37 -39.90 13.32
CA HIS A 216 -17.14 -41.34 13.13
C HIS A 216 -16.96 -41.80 11.72
N GLY A 217 -16.32 -40.97 10.90
CA GLY A 217 -16.08 -41.23 9.51
C GLY A 217 -14.70 -40.81 9.04
N SER A 218 -13.98 -41.75 8.42
CA SER A 218 -12.66 -41.51 7.84
C SER A 218 -12.75 -41.23 6.34
N ASN A 219 -13.92 -41.51 5.75
CA ASN A 219 -14.26 -41.03 4.42
C ASN A 219 -15.01 -39.75 4.58
N ARG A 220 -15.25 -39.03 3.47
CA ARG A 220 -15.92 -37.70 3.59
C ARG A 220 -17.40 -37.78 3.32
N PRO A 221 -18.20 -37.11 4.16
CA PRO A 221 -19.63 -36.92 3.84
C PRO A 221 -19.80 -35.89 2.67
N TRP A 222 -20.86 -36.02 1.89
CA TRP A 222 -21.25 -35.04 0.89
C TRP A 222 -22.75 -34.73 0.98
N VAL A 223 -23.09 -33.50 0.62
CA VAL A 223 -24.50 -33.08 0.45
C VAL A 223 -24.56 -32.26 -0.82
N SER A 224 -25.55 -32.54 -1.68
CA SER A 224 -25.73 -31.76 -2.88
C SER A 224 -27.17 -31.25 -2.84
N PHE A 225 -27.41 -30.09 -3.44
CA PHE A 225 -28.75 -29.50 -3.41
C PHE A 225 -28.98 -28.53 -4.53
N ASN A 226 -30.26 -28.30 -4.79
CA ASN A 226 -30.67 -27.38 -5.85
C ASN A 226 -30.98 -26.03 -5.22
N GLN A 227 -31.35 -25.08 -6.05
CA GLN A 227 -31.61 -23.71 -5.58
C GLN A 227 -32.74 -23.60 -4.56
N ASN A 228 -33.66 -24.58 -4.53
CA ASN A 228 -34.71 -24.70 -3.52
C ASN A 228 -34.24 -25.40 -2.24
N LEU A 229 -32.95 -25.77 -2.13
CA LEU A 229 -32.44 -26.49 -0.96
C LEU A 229 -33.07 -27.88 -0.79
N GLU A 230 -33.55 -28.46 -1.89
CA GLU A 230 -33.86 -29.89 -1.93
C GLU A 230 -32.53 -30.62 -2.06
N TYR A 231 -32.25 -31.55 -1.15
CA TYR A 231 -30.88 -32.07 -1.01
C TYR A 231 -30.80 -33.60 -1.08
N GLN A 232 -29.63 -34.12 -1.44
CA GLN A 232 -29.30 -35.51 -1.36
C GLN A 232 -28.07 -35.65 -0.49
N ILE A 233 -27.93 -36.78 0.21
CA ILE A 233 -26.77 -36.99 1.10
C ILE A 233 -26.13 -38.34 0.86
N GLY A 234 -24.86 -38.43 1.25
CA GLY A 234 -24.03 -39.59 0.98
C GLY A 234 -22.65 -39.39 1.55
N TYR A 235 -21.82 -40.43 1.43
CA TYR A 235 -20.40 -40.33 1.80
C TYR A 235 -19.68 -40.82 0.57
N ILE A 236 -18.44 -40.39 0.43
CA ILE A 236 -17.62 -40.82 -0.69
C ILE A 236 -17.30 -42.29 -0.42
N CYS A 237 -17.57 -43.11 -1.44
CA CYS A 237 -17.53 -44.56 -1.35
C CYS A 237 -16.16 -45.12 -1.49
N SER A 238 -15.25 -44.38 -2.11
CA SER A 238 -13.93 -44.90 -2.42
C SER A 238 -13.20 -45.37 -1.16
N GLY A 239 -12.53 -46.52 -1.30
CA GLY A 239 -11.60 -46.99 -0.31
C GLY A 239 -10.30 -46.23 -0.27
N ILE A 240 -10.16 -45.25 -1.15
CA ILE A 240 -9.11 -44.22 -0.95
C ILE A 240 -9.64 -43.19 0.04
N PHE A 241 -9.41 -43.44 1.33
CA PHE A 241 -10.10 -42.67 2.35
C PHE A 241 -9.58 -41.23 2.33
N GLY A 242 -10.49 -40.26 2.48
CA GLY A 242 -10.17 -38.84 2.27
C GLY A 242 -9.81 -38.03 3.51
N ASP A 243 -10.18 -38.50 4.73
CA ASP A 243 -10.01 -37.69 5.95
C ASP A 243 -8.61 -37.90 6.53
N ASN A 244 -8.31 -37.11 7.53
CA ASN A 244 -7.17 -37.31 8.40
C ASN A 244 -7.63 -37.09 9.82
N PRO A 245 -7.55 -38.08 10.70
CA PRO A 245 -6.89 -39.34 10.45
C PRO A 245 -7.76 -40.28 9.63
N ARG A 246 -7.17 -41.43 9.29
CA ARG A 246 -7.84 -42.43 8.53
C ARG A 246 -7.06 -43.76 8.60
N PRO A 247 -7.67 -44.85 8.12
CA PRO A 247 -6.91 -46.06 7.94
C PRO A 247 -6.11 -46.00 6.69
N ASN A 248 -5.21 -46.97 6.51
CA ASN A 248 -4.70 -47.21 5.19
C ASN A 248 -5.81 -47.67 4.24
N ASP A 249 -5.57 -47.49 2.95
CA ASP A 249 -6.63 -47.72 1.95
C ASP A 249 -7.03 -49.22 1.85
N LYS A 250 -8.33 -49.44 1.87
CA LYS A 250 -8.92 -50.79 1.74
C LYS A 250 -10.31 -50.61 1.15
N THR A 251 -11.24 -51.53 1.40
CA THR A 251 -12.60 -51.39 0.90
C THR A 251 -13.34 -50.30 1.66
N GLY A 252 -13.97 -49.43 0.91
CA GLY A 252 -14.63 -48.25 1.48
C GLY A 252 -16.06 -48.55 1.75
N SER A 253 -16.83 -47.51 2.03
CA SER A 253 -18.27 -47.66 2.25
C SER A 253 -18.98 -46.40 1.78
N CYS A 254 -20.26 -46.55 1.42
CA CYS A 254 -21.08 -45.42 1.08
C CYS A 254 -21.71 -44.74 2.31
N GLY A 255 -21.53 -45.34 3.49
CA GLY A 255 -21.82 -44.73 4.77
C GLY A 255 -20.52 -44.36 5.48
N PRO A 256 -20.62 -43.79 6.69
CA PRO A 256 -19.39 -43.39 7.36
C PRO A 256 -18.52 -44.61 7.66
N VAL A 257 -17.23 -44.47 7.35
CA VAL A 257 -16.21 -45.47 7.70
C VAL A 257 -15.75 -45.20 9.12
N SER A 258 -16.12 -46.10 10.05
CA SER A 258 -15.85 -45.87 11.44
C SER A 258 -14.39 -46.08 11.83
N SER A 259 -13.66 -46.94 11.12
CA SER A 259 -12.23 -47.12 11.44
C SER A 259 -11.45 -45.80 11.34
N ASN A 260 -10.84 -45.38 12.46
CA ASN A 260 -10.10 -44.10 12.59
C ASN A 260 -10.98 -42.88 12.28
N GLY A 261 -12.28 -43.03 12.49
CA GLY A 261 -13.25 -42.06 12.02
C GLY A 261 -13.34 -40.81 12.85
N ALA A 262 -13.07 -40.91 14.14
CA ALA A 262 -13.10 -39.76 15.02
C ALA A 262 -12.02 -38.76 14.62
N ASN A 263 -12.26 -37.49 14.98
CA ASN A 263 -11.48 -36.33 14.61
C ASN A 263 -11.47 -36.16 13.08
N GLY A 264 -10.61 -35.27 12.58
CA GLY A 264 -10.69 -35.01 11.15
C GLY A 264 -9.85 -33.84 10.72
N VAL A 265 -10.06 -33.42 9.47
CA VAL A 265 -9.42 -32.26 8.91
C VAL A 265 -10.33 -31.70 7.82
N LYS A 266 -10.43 -30.38 7.70
CA LYS A 266 -11.17 -29.82 6.57
C LYS A 266 -10.49 -30.28 5.29
N GLY A 267 -11.32 -30.78 4.36
CA GLY A 267 -10.89 -31.10 3.02
C GLY A 267 -11.92 -30.90 1.95
N PHE A 268 -11.64 -31.43 0.77
CA PHE A 268 -12.51 -31.26 -0.41
C PHE A 268 -12.40 -32.48 -1.37
N SER A 269 -13.36 -32.57 -2.28
CA SER A 269 -13.22 -33.44 -3.45
C SER A 269 -14.15 -32.91 -4.54
N PHE A 270 -13.88 -33.29 -5.78
CA PHE A 270 -14.72 -32.90 -6.95
C PHE A 270 -15.28 -34.16 -7.60
N LYS A 271 -16.58 -34.20 -7.78
CA LYS A 271 -17.34 -35.26 -8.44
C LYS A 271 -17.44 -35.05 -9.96
N TYR A 272 -17.23 -36.13 -10.70
CA TYR A 272 -17.32 -36.14 -12.14
C TYR A 272 -18.05 -37.45 -12.48
N GLY A 273 -19.36 -37.39 -12.55
CA GLY A 273 -20.18 -38.61 -12.66
C GLY A 273 -19.90 -39.57 -11.51
N ASN A 274 -19.42 -40.78 -11.81
CA ASN A 274 -19.11 -41.78 -10.82
C ASN A 274 -17.71 -41.62 -10.26
N GLY A 275 -16.90 -40.75 -10.90
CA GLY A 275 -15.52 -40.56 -10.49
C GLY A 275 -15.36 -39.43 -9.51
N VAL A 276 -14.14 -39.28 -9.02
CA VAL A 276 -13.86 -38.24 -8.03
C VAL A 276 -12.38 -37.91 -8.06
N TRP A 277 -12.11 -36.60 -8.01
CA TRP A 277 -10.80 -36.10 -7.66
C TRP A 277 -10.79 -35.88 -6.17
N ILE A 278 -9.95 -36.67 -5.48
CA ILE A 278 -9.72 -36.56 -4.01
C ILE A 278 -8.40 -35.83 -3.69
N GLY A 279 -8.46 -34.78 -2.86
CA GLY A 279 -7.29 -34.20 -2.27
C GLY A 279 -7.18 -34.73 -0.85
N ARG A 280 -5.98 -35.14 -0.44
CA ARG A 280 -5.79 -35.58 0.93
C ARG A 280 -4.37 -35.45 1.43
N THR A 281 -4.19 -35.58 2.73
CA THR A 281 -2.85 -35.66 3.28
C THR A 281 -2.18 -36.94 2.78
N LYS A 282 -0.86 -37.05 2.91
CA LYS A 282 -0.19 -38.34 2.60
C LYS A 282 -0.07 -39.21 3.87
N SER A 283 0.08 -38.60 5.06
CA SER A 283 0.06 -39.33 6.32
C SER A 283 -1.34 -39.73 6.65
N ILE A 284 -1.49 -40.91 7.23
CA ILE A 284 -2.82 -41.39 7.71
C ILE A 284 -3.17 -40.89 9.12
N SER A 285 -2.21 -40.34 9.84
CA SER A 285 -2.38 -40.00 11.23
C SER A 285 -2.17 -38.54 11.59
N SER A 286 -1.43 -37.78 10.78
CA SER A 286 -1.19 -36.38 11.07
C SER A 286 -1.26 -35.55 9.79
N ARG A 287 -1.30 -34.23 9.96
CA ARG A 287 -1.51 -33.33 8.84
C ARG A 287 -0.17 -33.07 8.15
N ASN A 288 0.29 -34.09 7.42
CA ASN A 288 1.55 -34.06 6.69
C ASN A 288 1.37 -34.59 5.27
N GLY A 289 2.00 -33.92 4.34
CA GLY A 289 1.87 -34.28 2.94
C GLY A 289 0.53 -33.90 2.32
N PHE A 290 0.50 -33.96 0.99
CA PHE A 290 -0.71 -33.73 0.26
C PHE A 290 -0.56 -34.29 -1.15
N GLU A 291 -1.65 -34.84 -1.63
CA GLU A 291 -1.68 -35.47 -2.94
C GLU A 291 -3.07 -35.38 -3.51
N MET A 292 -3.14 -35.34 -4.83
CA MET A 292 -4.40 -35.40 -5.57
C MET A 292 -4.54 -36.73 -6.27
N ILE A 293 -5.69 -37.33 -6.14
CA ILE A 293 -5.98 -38.63 -6.71
C ILE A 293 -7.27 -38.61 -7.50
N TRP A 294 -7.17 -39.10 -8.72
CA TRP A 294 -8.29 -39.39 -9.57
C TRP A 294 -8.66 -40.86 -9.51
N ASP A 295 -9.87 -41.11 -9.03
CA ASP A 295 -10.42 -42.42 -8.89
C ASP A 295 -11.69 -42.45 -9.71
N PRO A 296 -11.65 -43.06 -10.91
CA PRO A 296 -12.74 -42.91 -11.89
C PRO A 296 -14.06 -43.53 -11.46
N ASN A 297 -14.06 -44.37 -10.44
CA ASN A 297 -15.34 -44.88 -9.93
C ASN A 297 -15.47 -44.63 -8.42
N GLY A 298 -14.73 -43.65 -7.91
CA GLY A 298 -14.60 -43.44 -6.46
C GLY A 298 -15.77 -42.74 -5.78
N TRP A 299 -16.64 -42.05 -6.52
CA TRP A 299 -17.77 -41.41 -5.86
C TRP A 299 -18.75 -42.47 -5.33
N THR A 300 -18.96 -43.50 -6.15
CA THR A 300 -19.98 -44.54 -5.91
C THR A 300 -19.43 -45.97 -5.69
N GLY A 301 -18.18 -46.23 -6.06
CA GLY A 301 -17.56 -47.55 -5.95
C GLY A 301 -16.67 -47.62 -4.73
N THR A 302 -16.55 -48.79 -4.11
CA THR A 302 -15.85 -48.93 -2.82
C THR A 302 -14.44 -49.53 -2.90
N ASP A 303 -13.95 -49.85 -4.09
CA ASP A 303 -12.60 -50.39 -4.20
C ASP A 303 -11.54 -49.31 -3.88
N ASN A 304 -10.29 -49.74 -3.66
CA ASN A 304 -9.16 -48.80 -3.40
C ASN A 304 -8.21 -48.63 -4.56
N ASN A 305 -8.72 -48.82 -5.78
CA ASN A 305 -7.94 -48.64 -6.98
C ASN A 305 -8.19 -47.28 -7.53
N PHE A 306 -7.13 -46.64 -8.02
CA PHE A 306 -7.26 -45.31 -8.63
C PHE A 306 -6.43 -45.24 -9.89
N SER A 307 -6.66 -44.20 -10.70
CA SER A 307 -5.98 -44.12 -11.97
C SER A 307 -4.81 -43.16 -12.02
N ILE A 308 -4.82 -42.08 -11.23
CA ILE A 308 -3.77 -41.04 -11.28
C ILE A 308 -3.48 -40.51 -9.88
N LYS A 309 -2.21 -40.30 -9.58
CA LYS A 309 -1.84 -39.57 -8.38
C LYS A 309 -0.81 -38.51 -8.72
N GLN A 310 -0.99 -37.34 -8.11
CA GLN A 310 -0.14 -36.15 -8.33
C GLN A 310 0.27 -35.62 -6.98
N ASP A 311 1.56 -35.70 -6.70
CA ASP A 311 2.10 -35.18 -5.46
C ASP A 311 2.02 -33.68 -5.41
N ILE A 312 1.77 -33.17 -4.19
CA ILE A 312 1.61 -31.71 -3.97
C ILE A 312 2.53 -31.24 -2.82
N VAL A 313 2.48 -31.90 -1.67
CA VAL A 313 3.40 -31.71 -0.50
C VAL A 313 3.98 -33.11 -0.03
N GLY A 314 5.28 -33.17 0.25
CA GLY A 314 5.89 -34.48 0.46
C GLY A 314 5.46 -34.92 1.86
N ILE A 315 5.59 -36.22 2.09
CA ILE A 315 5.07 -36.86 3.28
C ILE A 315 5.71 -36.35 4.55
N ASN A 316 6.95 -35.90 4.50
CA ASN A 316 7.60 -35.41 5.72
C ASN A 316 7.29 -33.95 6.03
N GLU A 317 6.52 -33.28 5.18
CA GLU A 317 6.27 -31.82 5.30
C GLU A 317 4.88 -31.52 5.86
N TRP A 318 4.76 -30.42 6.57
CA TRP A 318 3.49 -30.03 7.19
C TRP A 318 2.46 -29.61 6.13
N SER A 319 1.24 -30.12 6.31
CA SER A 319 0.10 -29.64 5.53
C SER A 319 -0.98 -29.19 6.51
N GLY A 320 -2.24 -29.39 6.15
CA GLY A 320 -3.30 -28.83 6.98
C GLY A 320 -4.62 -28.92 6.27
N TYR A 321 -5.45 -27.92 6.53
CA TYR A 321 -6.74 -27.78 5.84
C TYR A 321 -6.54 -27.67 4.31
N SER A 322 -7.58 -28.05 3.54
CA SER A 322 -7.61 -27.80 2.10
C SER A 322 -9.02 -27.52 1.73
N GLY A 323 -9.19 -26.84 0.59
CA GLY A 323 -10.52 -26.61 0.12
C GLY A 323 -10.57 -26.25 -1.33
N SER A 324 -11.79 -26.36 -1.83
CA SER A 324 -12.07 -26.06 -3.19
C SER A 324 -12.32 -24.56 -3.32
N PHE A 325 -11.94 -24.08 -4.52
CA PHE A 325 -12.46 -22.84 -5.13
C PHE A 325 -12.59 -23.01 -6.66
N VAL A 326 -13.45 -22.20 -7.22
CA VAL A 326 -13.77 -22.28 -8.65
C VAL A 326 -13.46 -20.98 -9.38
N GLN A 327 -13.18 -21.09 -10.67
CA GLN A 327 -13.15 -19.91 -11.52
C GLN A 327 -14.24 -20.08 -12.54
N HIS A 328 -15.22 -19.17 -12.45
CA HIS A 328 -16.41 -19.24 -13.26
C HIS A 328 -16.03 -18.75 -14.68
N PRO A 329 -16.83 -19.13 -15.72
CA PRO A 329 -16.69 -18.61 -17.09
C PRO A 329 -16.63 -17.11 -17.21
N GLU A 330 -17.33 -16.39 -16.35
CA GLU A 330 -17.31 -14.92 -16.39
C GLU A 330 -15.91 -14.36 -16.08
N LEU A 331 -15.07 -15.14 -15.38
CA LEU A 331 -13.68 -14.74 -15.09
C LEU A 331 -12.67 -15.23 -16.16
N THR A 332 -12.74 -16.50 -16.55
CA THR A 332 -11.77 -17.15 -17.46
C THR A 332 -12.10 -17.02 -18.98
N GLY A 333 -13.34 -16.82 -19.33
CA GLY A 333 -13.76 -16.98 -20.74
C GLY A 333 -13.92 -18.43 -21.20
N LEU A 334 -13.74 -19.40 -20.29
CA LEU A 334 -13.98 -20.79 -20.64
C LEU A 334 -15.49 -21.03 -20.75
N ASP A 335 -15.84 -22.23 -21.17
CA ASP A 335 -17.26 -22.68 -21.23
C ASP A 335 -17.69 -23.60 -20.05
N CYS A 336 -16.88 -23.64 -19.00
CA CYS A 336 -17.12 -24.55 -17.92
C CYS A 336 -16.56 -23.91 -16.68
N ILE A 337 -17.00 -24.40 -15.54
CA ILE A 337 -16.55 -23.86 -14.23
C ILE A 337 -15.24 -24.58 -13.93
N ARG A 338 -14.14 -23.82 -13.72
CA ARG A 338 -12.83 -24.46 -13.49
C ARG A 338 -12.58 -24.83 -12.00
N PRO A 339 -12.22 -26.07 -11.69
CA PRO A 339 -11.96 -26.42 -10.30
C PRO A 339 -10.55 -26.01 -9.97
N CYS A 340 -10.38 -25.48 -8.74
CA CYS A 340 -9.09 -25.17 -8.21
C CYS A 340 -9.12 -25.65 -6.75
N PHE A 341 -7.96 -25.62 -6.09
CA PHE A 341 -7.91 -25.91 -4.65
C PHE A 341 -6.74 -25.24 -3.97
N TRP A 342 -6.87 -25.04 -2.67
CA TRP A 342 -5.80 -24.48 -1.86
C TRP A 342 -5.46 -25.48 -0.76
N VAL A 343 -4.23 -25.39 -0.25
CA VAL A 343 -3.85 -26.17 0.92
C VAL A 343 -3.24 -25.18 1.87
N GLU A 344 -3.68 -25.28 3.12
CA GLU A 344 -3.08 -24.61 4.29
C GLU A 344 -1.94 -25.50 4.82
N LEU A 345 -0.77 -24.87 5.01
CA LEU A 345 0.41 -25.52 5.52
C LEU A 345 0.64 -24.97 6.95
N ILE A 346 0.16 -25.75 7.95
CA ILE A 346 0.13 -25.31 9.35
C ILE A 346 1.48 -25.46 10.02
N ARG A 347 1.97 -24.40 10.67
CA ARG A 347 3.22 -24.45 11.40
C ARG A 347 3.00 -24.11 12.86
N GLY A 348 3.82 -24.68 13.72
CA GLY A 348 3.75 -24.36 15.15
C GLY A 348 3.02 -25.44 15.96
N ARG A 349 2.14 -25.02 16.86
CA ARG A 349 1.50 -25.96 17.79
C ARG A 349 0.40 -26.67 17.02
N PRO A 350 0.10 -27.95 17.33
CA PRO A 350 0.65 -28.67 18.50
C PRO A 350 1.93 -29.46 18.18
N LYS A 351 2.33 -29.48 16.91
CA LYS A 351 3.40 -30.41 16.50
C LYS A 351 4.82 -29.91 16.72
N GLU A 352 5.02 -28.61 16.83
CA GLU A 352 6.35 -28.06 16.90
C GLU A 352 6.52 -27.26 18.16
N ASN A 353 7.76 -26.97 18.50
CA ASN A 353 8.12 -26.31 19.74
C ASN A 353 8.09 -24.79 19.72
N THR A 354 6.88 -24.27 19.57
CA THR A 354 6.67 -22.87 19.46
C THR A 354 5.58 -22.45 20.47
N ILE A 355 5.41 -21.15 20.61
CA ILE A 355 4.32 -20.58 21.41
C ILE A 355 3.05 -20.32 20.57
N TRP A 356 3.19 -20.43 19.26
CA TRP A 356 2.19 -19.96 18.28
C TRP A 356 1.84 -21.06 17.26
N THR A 357 0.72 -20.86 16.56
CA THR A 357 0.32 -21.66 15.42
C THR A 357 -0.08 -20.69 14.29
N SER A 358 0.42 -20.96 13.07
CA SER A 358 0.06 -20.14 11.90
C SER A 358 0.18 -20.91 10.62
N GLY A 359 -0.45 -20.48 9.52
CA GLY A 359 -0.28 -21.21 8.29
C GLY A 359 0.24 -20.32 7.16
N SER A 360 0.82 -20.94 6.15
CA SER A 360 0.98 -20.34 4.83
C SER A 360 0.07 -21.11 3.88
N SER A 361 0.07 -20.74 2.59
CA SER A 361 -0.75 -21.45 1.63
CA SER A 361 -0.77 -21.41 1.62
C SER A 361 -0.10 -21.70 0.29
N ILE A 362 -0.69 -22.65 -0.39
CA ILE A 362 -0.42 -22.95 -1.78
C ILE A 362 -1.77 -23.17 -2.44
N SER A 363 -1.84 -22.85 -3.73
CA SER A 363 -3.03 -23.30 -4.51
C SER A 363 -2.67 -23.71 -5.93
N PHE A 364 -3.60 -24.44 -6.57
CA PHE A 364 -3.43 -25.05 -7.85
C PHE A 364 -4.75 -24.90 -8.63
N CYS A 365 -4.67 -24.83 -9.94
CA CYS A 365 -5.91 -24.92 -10.77
C CYS A 365 -5.85 -26.09 -11.71
N GLY A 366 -7.04 -26.62 -11.96
CA GLY A 366 -7.17 -27.82 -12.77
C GLY A 366 -7.01 -27.52 -14.24
N VAL A 367 -6.18 -28.29 -14.91
CA VAL A 367 -5.95 -28.10 -16.37
C VAL A 367 -6.06 -29.44 -17.11
N ASN A 368 -6.12 -29.39 -18.44
CA ASN A 368 -5.89 -30.60 -19.27
C ASN A 368 -4.58 -30.65 -20.00
N SER A 369 -3.67 -29.76 -19.65
CA SER A 369 -2.38 -29.72 -20.26
C SER A 369 -1.41 -30.42 -19.27
N ASP A 370 -0.14 -30.42 -19.61
CA ASP A 370 0.79 -31.21 -18.86
C ASP A 370 1.06 -30.58 -17.51
N THR A 371 1.26 -31.47 -16.53
CA THR A 371 1.50 -31.06 -15.14
C THR A 371 2.54 -31.96 -14.53
N VAL A 372 2.94 -31.63 -13.30
CA VAL A 372 3.92 -32.47 -12.61
C VAL A 372 3.70 -32.48 -11.11
N GLY A 373 4.03 -33.60 -10.49
CA GLY A 373 3.98 -33.69 -9.10
C GLY A 373 5.31 -33.15 -8.55
N TRP A 374 5.25 -32.57 -7.36
CA TRP A 374 6.47 -32.20 -6.62
C TRP A 374 6.06 -31.98 -5.17
N SER A 375 6.86 -31.25 -4.43
CA SER A 375 6.53 -30.81 -3.12
C SER A 375 6.78 -29.31 -3.02
N TRP A 376 5.73 -28.55 -2.71
CA TRP A 376 5.83 -27.09 -2.38
C TRP A 376 5.42 -26.87 -0.90
N PRO A 377 6.35 -27.09 0.04
CA PRO A 377 6.10 -26.96 1.45
C PRO A 377 6.28 -25.60 1.97
N ASP A 378 6.01 -25.44 3.27
CA ASP A 378 5.96 -24.12 3.86
C ASP A 378 7.32 -23.47 3.82
N GLY A 379 8.33 -24.20 4.31
CA GLY A 379 9.70 -23.74 4.15
C GLY A 379 10.29 -23.00 5.36
N ALA A 380 9.49 -22.62 6.35
CA ALA A 380 9.99 -21.87 7.44
C ALA A 380 10.84 -22.77 8.38
N GLU A 381 11.84 -22.19 9.05
CA GLU A 381 12.72 -22.93 9.98
C GLU A 381 12.25 -22.49 11.37
N LEU A 382 11.67 -23.45 12.10
CA LEU A 382 11.12 -23.26 13.41
C LEU A 382 12.12 -23.88 14.37
N PRO A 383 12.19 -23.41 15.60
CA PRO A 383 11.42 -22.26 16.14
C PRO A 383 11.93 -20.89 15.74
N PHE A 384 11.11 -19.88 16.08
CA PHE A 384 11.35 -18.50 15.75
C PHE A 384 11.98 -17.80 16.93
N THR A 385 12.44 -16.57 16.72
CA THR A 385 13.04 -15.72 17.77
C THR A 385 12.17 -15.63 19.03
N ILE A 386 10.85 -15.50 18.83
CA ILE A 386 9.91 -15.32 19.94
C ILE A 386 9.71 -16.57 20.83
N ASP A 387 10.06 -17.73 20.31
CA ASP A 387 9.79 -18.98 20.94
C ASP A 387 10.84 -19.28 22.02
N SER B 1 -22.64 10.83 -8.47
CA SER B 1 -22.27 11.43 -7.15
C SER B 1 -23.30 12.48 -6.70
N VAL B 2 -23.97 12.23 -5.59
CA VAL B 2 -25.08 13.07 -5.16
C VAL B 2 -25.08 13.27 -3.65
N LYS B 3 -25.63 14.40 -3.26
CA LYS B 3 -25.67 14.81 -1.86
C LYS B 3 -26.51 13.81 -1.11
N LEU B 4 -26.07 13.45 0.08
CA LEU B 4 -26.88 12.65 0.97
C LEU B 4 -28.15 13.43 1.35
N ALA B 5 -29.31 12.80 1.20
CA ALA B 5 -30.58 13.47 1.51
C ALA B 5 -30.68 13.81 2.96
N GLY B 6 -30.48 12.81 3.83
CA GLY B 6 -30.60 12.98 5.27
C GLY B 6 -32.02 13.22 5.79
N ASN B 7 -33.01 12.90 4.97
CA ASN B 7 -34.39 13.23 5.31
C ASN B 7 -35.21 12.05 5.83
N SER B 8 -34.67 10.83 5.82
CA SER B 8 -35.38 9.70 6.39
C SER B 8 -35.14 9.61 7.90
N SER B 9 -35.90 8.78 8.58
CA SER B 9 -35.72 8.65 10.02
C SER B 9 -34.70 7.57 10.31
N LEU B 10 -34.19 7.57 11.54
CA LEU B 10 -33.36 6.44 12.03
C LEU B 10 -34.11 5.12 11.98
N CYS B 11 -33.40 4.07 11.55
CA CYS B 11 -33.92 2.71 11.60
C CYS B 11 -34.09 2.34 13.08
N PRO B 12 -35.30 1.92 13.48
CA PRO B 12 -35.37 1.33 14.84
C PRO B 12 -34.59 0.04 14.86
N VAL B 13 -33.92 -0.23 15.96
CA VAL B 13 -33.10 -1.41 16.07
C VAL B 13 -33.37 -2.13 17.37
N SER B 14 -33.16 -3.45 17.40
CA SER B 14 -33.32 -4.27 18.62
C SER B 14 -32.00 -4.68 19.26
N GLY B 15 -30.89 -4.55 18.52
CA GLY B 15 -29.61 -5.01 19.02
C GLY B 15 -28.50 -4.54 18.10
N TRP B 16 -27.28 -4.84 18.51
CA TRP B 16 -26.06 -4.35 17.90
C TRP B 16 -25.20 -5.54 17.41
N ALA B 17 -24.90 -5.56 16.14
CA ALA B 17 -24.12 -6.62 15.51
C ALA B 17 -22.71 -6.11 15.32
N ILE B 18 -21.71 -6.95 15.61
CA ILE B 18 -20.33 -6.45 15.58
C ILE B 18 -19.90 -6.21 14.13
N TYR B 19 -19.24 -5.05 13.91
CA TYR B 19 -18.95 -4.56 12.56
C TYR B 19 -17.44 -4.57 12.28
N SER B 20 -16.63 -4.09 13.25
CA SER B 20 -15.18 -4.08 13.06
C SER B 20 -14.48 -4.15 14.37
N LYS B 21 -13.21 -4.57 14.29
CA LYS B 21 -12.28 -4.55 15.37
C LYS B 21 -10.90 -4.50 14.72
N ASP B 22 -10.08 -3.56 15.15
CA ASP B 22 -8.76 -3.38 14.52
C ASP B 22 -7.60 -4.05 15.23
N ASN B 23 -7.70 -4.35 16.52
CA ASN B 23 -6.59 -4.91 17.32
C ASN B 23 -5.29 -4.07 17.24
N SER B 24 -5.39 -2.75 17.18
CA SER B 24 -4.21 -1.96 16.82
C SER B 24 -3.06 -2.03 17.80
N VAL B 25 -3.39 -2.11 19.07
CA VAL B 25 -2.34 -2.08 20.12
C VAL B 25 -1.59 -3.46 20.08
N ARG B 26 -2.33 -4.56 19.93
CA ARG B 26 -1.73 -5.92 19.80
C ARG B 26 -0.80 -5.99 18.62
N ILE B 27 -1.26 -5.44 17.47
CA ILE B 27 -0.48 -5.45 16.25
C ILE B 27 0.70 -4.53 16.36
N GLY B 28 0.51 -3.38 17.01
CA GLY B 28 1.58 -2.42 17.28
C GLY B 28 2.74 -2.83 18.15
N SER B 29 2.58 -3.94 18.85
CA SER B 29 3.70 -4.53 19.56
C SER B 29 4.94 -4.83 18.66
N LYS B 30 4.71 -5.25 17.40
CA LYS B 30 5.75 -5.42 16.43
C LYS B 30 5.56 -4.55 15.18
N GLY B 31 4.35 -4.42 14.71
CA GLY B 31 4.10 -3.65 13.49
C GLY B 31 4.24 -2.16 13.65
N ASP B 32 4.21 -1.46 12.51
CA ASP B 32 4.36 -0.01 12.48
C ASP B 32 2.98 0.64 12.60
N VAL B 33 2.52 0.85 13.83
CA VAL B 33 1.15 1.30 14.10
C VAL B 33 1.26 2.61 14.84
N PHE B 34 0.57 3.64 14.38
CA PHE B 34 0.54 4.92 15.08
C PHE B 34 0.03 4.79 16.53
N VAL B 35 0.65 5.53 17.44
CA VAL B 35 0.04 5.83 18.69
C VAL B 35 -1.10 6.77 18.37
N ILE B 36 -2.29 6.47 18.83
CA ILE B 36 -3.43 7.29 18.51
C ILE B 36 -4.35 7.39 19.71
N ARG B 37 -5.17 8.42 19.67
CA ARG B 37 -6.38 8.44 20.52
C ARG B 37 -7.49 9.15 19.76
N GLU B 38 -8.68 9.25 20.35
CA GLU B 38 -9.79 9.95 19.75
C GLU B 38 -10.10 9.46 18.32
N PRO B 39 -10.23 8.13 18.13
CA PRO B 39 -10.67 7.62 16.85
C PRO B 39 -12.20 7.78 16.65
N PHE B 40 -12.63 7.70 15.41
CA PHE B 40 -14.05 7.69 15.14
C PHE B 40 -14.26 7.17 13.75
N ILE B 41 -15.48 6.74 13.43
CA ILE B 41 -15.78 6.20 12.13
C ILE B 41 -16.70 7.18 11.42
N SER B 42 -16.54 7.28 10.12
CA SER B 42 -17.45 8.05 9.29
C SER B 42 -17.51 7.41 7.92
N CYS B 43 -18.68 7.45 7.27
CA CYS B 43 -18.86 6.81 5.99
C CYS B 43 -19.23 7.76 4.87
N SER B 44 -18.86 7.39 3.68
CA SER B 44 -19.33 8.07 2.47
C SER B 44 -20.43 7.20 1.88
N PRO B 45 -20.91 7.54 0.66
CA PRO B 45 -21.81 6.59 -0.01
C PRO B 45 -21.19 5.28 -0.49
N LEU B 46 -19.85 5.19 -0.49
CA LEU B 46 -19.10 4.03 -0.95
C LEU B 46 -18.30 3.24 0.12
N GLU B 47 -17.81 3.87 1.19
CA GLU B 47 -17.01 3.18 2.22
C GLU B 47 -17.08 3.84 3.58
N CYS B 48 -16.63 3.10 4.60
CA CYS B 48 -16.50 3.60 5.93
C CYS B 48 -15.01 3.64 6.24
N ARG B 49 -14.62 4.71 6.92
CA ARG B 49 -13.23 4.97 7.29
C ARG B 49 -13.12 5.25 8.77
N THR B 50 -11.96 4.95 9.34
CA THR B 50 -11.67 5.30 10.70
C THR B 50 -10.74 6.52 10.66
N PHE B 51 -11.11 7.55 11.39
CA PHE B 51 -10.35 8.78 11.53
C PHE B 51 -9.74 8.71 12.91
N PHE B 52 -8.64 9.36 13.11
CA PHE B 52 -7.97 9.24 14.43
C PHE B 52 -6.96 10.34 14.53
N LEU B 53 -6.59 10.70 15.77
CA LEU B 53 -5.56 11.66 16.04
C LEU B 53 -4.29 10.91 16.50
N THR B 54 -3.30 10.91 15.61
CA THR B 54 -2.03 10.35 15.93
C THR B 54 -1.29 11.24 16.91
N GLN B 55 -0.24 10.66 17.51
CA GLN B 55 0.68 11.45 18.28
C GLN B 55 1.99 11.69 17.53
N GLY B 56 1.97 11.61 16.21
CA GLY B 56 3.22 11.72 15.49
C GLY B 56 4.30 10.73 15.80
N ALA B 57 3.93 9.51 16.23
CA ALA B 57 4.83 8.49 16.83
C ALA B 57 4.24 7.11 16.66
N LEU B 58 5.10 6.11 16.57
CA LEU B 58 4.67 4.73 16.49
C LEU B 58 4.69 4.03 17.83
N LEU B 59 3.80 3.05 18.03
CA LEU B 59 3.86 2.16 19.26
C LEU B 59 5.19 1.43 19.39
N ASN B 60 5.58 1.28 20.64
CA ASN B 60 6.79 0.61 21.01
C ASN B 60 8.05 1.33 20.55
N ASP B 61 7.94 2.65 20.25
CA ASP B 61 9.08 3.43 19.89
C ASP B 61 9.20 4.57 20.94
N LYS B 62 10.41 5.09 21.13
CA LYS B 62 10.63 6.04 22.25
C LYS B 62 9.82 7.33 22.06
N HIS B 63 9.47 7.67 20.82
CA HIS B 63 8.66 8.88 20.59
C HIS B 63 7.21 8.79 21.11
N SER B 64 6.79 7.61 21.48
CA SER B 64 5.47 7.41 22.15
C SER B 64 5.53 7.87 23.61
N ASN B 65 6.72 8.19 24.11
CA ASN B 65 6.88 8.72 25.51
C ASN B 65 6.03 10.00 25.71
N GLY B 66 5.28 10.04 26.80
CA GLY B 66 4.54 11.23 27.19
C GLY B 66 3.25 11.47 26.44
N THR B 67 2.73 10.44 25.75
CA THR B 67 1.53 10.56 24.88
C THR B 67 0.23 10.57 25.68
N ILE B 68 0.30 10.55 27.01
CA ILE B 68 -0.80 11.02 27.84
C ILE B 68 -1.20 12.48 27.51
N LYS B 69 -0.22 13.28 27.10
CA LYS B 69 -0.45 14.66 26.78
C LYS B 69 -1.39 14.81 25.59
N ASP B 70 -2.40 15.66 25.75
CA ASP B 70 -3.47 15.80 24.77
C ASP B 70 -3.11 16.63 23.54
N ARG B 71 -2.34 17.71 23.74
CA ARG B 71 -2.18 18.68 22.64
C ARG B 71 -0.71 18.98 22.43
N SER B 72 -0.28 18.77 21.18
CA SER B 72 1.09 19.05 20.79
C SER B 72 1.04 19.47 19.30
N PRO B 73 2.16 19.96 18.78
CA PRO B 73 2.19 20.32 17.35
C PRO B 73 2.42 19.08 16.46
N TYR B 74 2.63 17.91 17.05
CA TYR B 74 2.91 16.68 16.29
C TYR B 74 1.62 15.96 15.94
N ARG B 75 0.52 16.28 16.62
CA ARG B 75 -0.65 15.45 16.48
C ARG B 75 -1.25 15.73 15.10
N THR B 76 -1.68 14.68 14.42
CA THR B 76 -2.30 14.87 13.09
C THR B 76 -3.56 14.03 13.01
N LEU B 77 -4.57 14.54 12.30
CA LEU B 77 -5.76 13.81 11.92
C LEU B 77 -5.49 13.02 10.64
N MET B 78 -5.63 11.70 10.71
CA MET B 78 -5.47 10.83 9.55
C MET B 78 -6.66 9.82 9.51
N SER B 79 -6.73 9.05 8.46
CA SER B 79 -7.78 8.06 8.31
C SER B 79 -7.29 6.83 7.58
N CYS B 80 -7.93 5.71 7.89
CA CYS B 80 -7.74 4.50 7.14
C CYS B 80 -9.04 3.73 6.98
N PRO B 81 -9.02 2.64 6.21
CA PRO B 81 -10.26 1.88 6.05
C PRO B 81 -10.68 1.25 7.37
N ILE B 82 -11.98 1.10 7.58
CA ILE B 82 -12.46 0.58 8.82
C ILE B 82 -11.88 -0.82 9.08
N GLY B 83 -11.52 -1.02 10.33
CA GLY B 83 -10.97 -2.29 10.79
C GLY B 83 -9.50 -2.55 10.49
N GLU B 84 -8.86 -1.73 9.68
CA GLU B 84 -7.39 -1.89 9.53
C GLU B 84 -6.69 -1.10 10.62
N VAL B 85 -5.50 -1.57 11.02
CA VAL B 85 -4.69 -0.81 12.00
C VAL B 85 -4.20 0.51 11.38
N PRO B 86 -4.14 1.59 12.16
CA PRO B 86 -3.65 2.81 11.59
C PRO B 86 -2.11 2.82 11.47
N SER B 87 -1.62 2.68 10.25
CA SER B 87 -0.16 2.66 9.99
C SER B 87 0.29 3.80 9.10
N PRO B 88 1.59 4.18 9.14
CA PRO B 88 1.94 5.16 8.11
C PRO B 88 1.81 4.59 6.68
N TYR B 89 1.65 3.26 6.56
CA TYR B 89 1.66 2.61 5.25
C TYR B 89 0.29 2.39 4.74
N ASN B 90 -0.73 2.62 5.53
CA ASN B 90 -2.12 2.54 4.98
C ASN B 90 -2.94 3.80 5.28
N SER B 91 -2.32 4.76 5.96
CA SER B 91 -3.08 5.95 6.44
C SER B 91 -3.02 7.18 5.53
N ARG B 92 -4.20 7.67 5.16
CA ARG B 92 -4.36 8.97 4.48
C ARG B 92 -4.20 10.13 5.42
N PHE B 93 -3.38 11.13 5.03
CA PHE B 93 -3.18 12.29 5.87
C PHE B 93 -4.40 13.25 5.74
N GLU B 94 -4.92 13.78 6.84
CA GLU B 94 -6.07 14.73 6.71
C GLU B 94 -5.74 16.14 7.09
N SER B 95 -5.12 16.35 8.25
CA SER B 95 -4.97 17.64 8.82
C SER B 95 -4.04 17.56 10.01
N VAL B 96 -3.44 18.72 10.33
CA VAL B 96 -2.67 18.85 11.56
C VAL B 96 -3.73 19.18 12.61
N ALA B 97 -3.80 18.39 13.68
CA ALA B 97 -4.92 18.46 14.60
C ALA B 97 -4.62 17.73 15.89
N TRP B 98 -5.01 18.39 16.98
CA TRP B 98 -5.21 17.79 18.25
C TRP B 98 -6.70 17.69 18.72
N SER B 99 -7.64 18.07 17.87
CA SER B 99 -9.06 17.86 18.07
C SER B 99 -9.70 17.96 16.65
N ALA B 100 -10.74 17.19 16.37
CA ALA B 100 -11.21 17.10 14.96
C ALA B 100 -12.63 16.60 14.82
N SER B 101 -13.13 16.76 13.60
CA SER B 101 -14.32 16.13 13.16
C SER B 101 -14.20 15.88 11.64
N ALA B 102 -15.03 14.98 11.09
CA ALA B 102 -15.08 14.77 9.65
C ALA B 102 -16.42 14.16 9.28
N CYS B 103 -16.86 14.44 8.06
CA CYS B 103 -18.07 13.86 7.51
C CYS B 103 -18.13 14.09 6.02
N HIS B 104 -18.85 13.20 5.34
CA HIS B 104 -18.96 13.22 3.90
C HIS B 104 -20.38 13.66 3.53
N ASP B 105 -20.48 14.61 2.61
CA ASP B 105 -21.83 15.17 2.26
C ASP B 105 -22.50 14.45 1.13
N GLY B 106 -21.87 13.41 0.62
CA GLY B 106 -22.30 12.69 -0.56
C GLY B 106 -21.40 12.90 -1.76
N ILE B 107 -20.69 14.02 -1.78
CA ILE B 107 -19.84 14.42 -2.88
C ILE B 107 -18.37 14.33 -2.42
N ASN B 108 -18.03 14.95 -1.29
CA ASN B 108 -16.65 14.97 -0.78
C ASN B 108 -16.59 14.97 0.74
N TRP B 109 -15.40 14.67 1.25
CA TRP B 109 -15.13 14.68 2.67
C TRP B 109 -14.88 16.09 3.15
N LEU B 110 -15.55 16.46 4.22
CA LEU B 110 -15.24 17.59 5.03
C LEU B 110 -14.37 17.10 6.18
N THR B 111 -13.24 17.77 6.43
CA THR B 111 -12.45 17.52 7.65
C THR B 111 -12.20 18.84 8.39
N ILE B 112 -12.16 18.75 9.70
CA ILE B 112 -11.95 19.86 10.61
C ILE B 112 -10.84 19.44 11.56
N GLY B 113 -9.75 20.16 11.55
CA GLY B 113 -8.62 19.89 12.43
C GLY B 113 -8.23 21.15 13.15
N ILE B 114 -8.17 21.10 14.46
CA ILE B 114 -7.81 22.24 15.27
C ILE B 114 -6.38 22.03 15.73
N SER B 115 -5.52 23.02 15.50
CA SER B 115 -4.17 23.05 16.08
C SER B 115 -3.85 24.47 16.50
N GLY B 116 -2.58 24.66 16.91
CA GLY B 116 -2.10 25.90 17.44
C GLY B 116 -2.18 25.95 18.96
N PRO B 117 -1.86 27.12 19.55
CA PRO B 117 -1.76 27.25 21.02
C PRO B 117 -3.13 27.18 21.75
N ASP B 118 -3.10 26.76 23.02
CA ASP B 118 -4.31 26.74 23.86
C ASP B 118 -5.03 28.11 23.91
N ASN B 119 -4.27 29.21 23.86
CA ASN B 119 -4.87 30.55 23.93
C ASN B 119 -5.29 31.12 22.56
N GLY B 120 -5.20 30.35 21.49
CA GLY B 120 -5.57 30.87 20.19
C GLY B 120 -5.68 29.85 19.07
N ALA B 121 -6.35 28.74 19.36
CA ALA B 121 -6.31 27.61 18.45
C ALA B 121 -7.15 27.95 17.25
N VAL B 122 -6.88 27.29 16.14
CA VAL B 122 -7.57 27.51 14.87
C VAL B 122 -7.98 26.16 14.32
N ALA B 123 -9.28 26.01 14.12
CA ALA B 123 -9.86 24.99 13.22
C ALA B 123 -9.62 25.27 11.72
N VAL B 124 -8.99 24.32 11.06
CA VAL B 124 -8.79 24.38 9.64
C VAL B 124 -9.80 23.45 9.03
N LEU B 125 -10.55 23.97 8.08
CA LEU B 125 -11.57 23.17 7.37
C LEU B 125 -11.13 22.89 5.96
N LYS B 126 -11.29 21.64 5.58
CA LYS B 126 -10.93 21.16 4.28
C LYS B 126 -12.10 20.44 3.69
N TYR B 127 -12.25 20.64 2.38
CA TYR B 127 -13.26 19.91 1.56
C TYR B 127 -12.48 19.29 0.43
N ASN B 128 -12.56 17.96 0.25
CA ASN B 128 -11.76 17.17 -0.68
C ASN B 128 -10.24 17.51 -0.49
N GLY B 129 -9.81 17.70 0.74
CA GLY B 129 -8.36 18.01 1.00
C GLY B 129 -7.81 19.37 0.65
N ILE B 130 -8.67 20.29 0.23
CA ILE B 130 -8.32 21.67 0.02
C ILE B 130 -8.86 22.48 1.19
N ILE B 131 -8.04 23.39 1.72
CA ILE B 131 -8.49 24.28 2.75
C ILE B 131 -9.56 25.23 2.18
N THR B 132 -10.70 25.28 2.85
CA THR B 132 -11.87 26.06 2.41
C THR B 132 -12.34 27.04 3.46
N ASP B 133 -11.89 26.90 4.74
CA ASP B 133 -12.15 27.90 5.75
C ASP B 133 -11.33 27.70 7.01
N THR B 134 -11.34 28.69 7.88
CA THR B 134 -10.86 28.56 9.23
C THR B 134 -11.77 29.20 10.25
N ILE B 135 -11.74 28.71 11.46
CA ILE B 135 -12.36 29.46 12.53
C ILE B 135 -11.42 29.42 13.75
N LYS B 136 -11.24 30.56 14.40
CA LYS B 136 -10.31 30.75 15.48
C LYS B 136 -11.01 30.82 16.79
N SER B 137 -10.30 30.40 17.82
CA SER B 137 -10.73 30.49 19.20
C SER B 137 -11.33 31.88 19.51
N TRP B 138 -12.54 31.90 20.07
CA TRP B 138 -13.23 33.16 20.46
C TRP B 138 -13.26 33.38 22.00
N ARG B 139 -12.92 32.39 22.79
CA ARG B 139 -12.69 32.51 24.23
C ARG B 139 -11.23 32.22 24.67
N ASN B 140 -10.33 31.97 23.71
CA ASN B 140 -8.91 31.75 24.00
C ASN B 140 -8.64 30.67 25.01
N ASN B 141 -9.42 29.61 24.96
CA ASN B 141 -9.24 28.55 25.94
C ASN B 141 -9.59 27.20 25.41
N VAL B 142 -8.61 26.60 24.75
CA VAL B 142 -8.70 25.31 24.09
C VAL B 142 -9.98 25.11 23.23
N LEU B 143 -10.04 25.81 22.09
CA LEU B 143 -11.06 25.51 21.07
C LEU B 143 -11.04 24.01 20.82
N ARG B 144 -12.20 23.35 20.86
CA ARG B 144 -12.27 21.90 20.74
C ARG B 144 -13.58 21.43 20.11
N THR B 145 -13.54 20.31 19.42
CA THR B 145 -14.76 19.88 18.72
C THR B 145 -15.07 18.42 19.01
N GLN B 146 -15.78 17.74 18.10
CA GLN B 146 -16.50 16.59 18.47
C GLN B 146 -15.67 15.36 18.84
N GLU B 147 -14.56 15.17 18.15
CA GLU B 147 -13.85 13.87 18.12
C GLU B 147 -14.77 12.76 17.60
N SER B 148 -15.70 13.12 16.75
CA SER B 148 -16.53 12.14 16.05
C SER B 148 -17.11 12.76 14.80
N GLU B 149 -17.85 11.99 14.01
CA GLU B 149 -18.32 12.52 12.74
C GLU B 149 -19.28 13.68 12.91
N CYS B 150 -19.11 14.70 12.05
CA CYS B 150 -20.17 15.68 11.81
C CYS B 150 -21.38 15.02 11.11
N ALA B 151 -22.44 15.77 10.96
CA ALA B 151 -23.70 15.24 10.38
C ALA B 151 -24.10 16.07 9.19
N CYS B 152 -24.60 15.41 8.14
CA CYS B 152 -24.92 16.08 6.91
C CYS B 152 -26.35 15.80 6.45
N VAL B 153 -26.99 16.86 5.91
CA VAL B 153 -28.35 16.82 5.40
C VAL B 153 -28.41 17.70 4.16
N ASN B 154 -28.71 17.10 3.01
CA ASN B 154 -28.95 17.85 1.78
C ASN B 154 -27.86 18.87 1.44
N GLY B 155 -26.60 18.46 1.58
CA GLY B 155 -25.51 19.29 1.18
C GLY B 155 -24.98 20.26 2.20
N SER B 156 -25.59 20.28 3.39
CA SER B 156 -25.06 21.03 4.53
C SER B 156 -24.59 20.06 5.61
N CYS B 157 -23.42 20.35 6.18
CA CYS B 157 -22.86 19.61 7.30
C CYS B 157 -22.78 20.47 8.55
N PHE B 158 -22.87 19.83 9.69
CA PHE B 158 -23.12 20.50 10.95
C PHE B 158 -22.18 19.94 12.00
N THR B 159 -21.62 20.82 12.83
CA THR B 159 -20.82 20.39 13.97
C THR B 159 -20.98 21.37 15.11
N VAL B 160 -20.46 20.97 16.26
CA VAL B 160 -20.50 21.72 17.48
C VAL B 160 -19.03 21.92 17.93
N MET B 161 -18.70 23.14 18.36
CA MET B 161 -17.41 23.43 18.96
C MET B 161 -17.57 24.13 20.29
N THR B 162 -16.59 23.94 21.15
CA THR B 162 -16.59 24.52 22.50
C THR B 162 -15.34 25.31 22.75
N ASP B 163 -15.46 26.40 23.51
CA ASP B 163 -14.29 27.19 23.89
C ASP B 163 -14.53 27.73 25.30
N GLY B 164 -13.56 27.57 26.20
CA GLY B 164 -13.70 27.97 27.63
C GLY B 164 -13.19 26.92 28.58
N PRO B 165 -13.28 27.16 29.92
CA PRO B 165 -12.81 26.15 30.91
C PRO B 165 -13.54 24.81 30.80
N SER B 166 -12.95 23.77 31.34
CA SER B 166 -13.56 22.43 31.35
C SER B 166 -14.18 22.05 32.70
N ASN B 167 -14.14 23.00 33.66
CA ASN B 167 -14.68 22.80 35.02
C ASN B 167 -15.67 23.92 35.43
N GLY B 168 -16.36 24.45 34.43
CA GLY B 168 -17.33 25.53 34.62
C GLY B 168 -18.01 25.89 33.33
N GLN B 169 -18.81 26.96 33.38
CA GLN B 169 -19.53 27.46 32.21
C GLN B 169 -18.53 27.70 31.09
N ALA B 170 -18.84 27.21 29.88
CA ALA B 170 -18.02 27.58 28.74
C ALA B 170 -18.94 28.08 27.67
N SER B 171 -18.41 28.30 26.47
CA SER B 171 -19.17 28.81 25.38
C SER B 171 -19.27 27.71 24.31
N TYR B 172 -20.45 27.56 23.73
CA TYR B 172 -20.73 26.46 22.78
C TYR B 172 -21.34 27.01 21.53
N LYS B 173 -20.81 26.63 20.37
CA LYS B 173 -21.27 27.20 19.12
C LYS B 173 -21.64 26.09 18.17
N ILE B 174 -22.60 26.36 17.31
CA ILE B 174 -23.06 25.38 16.32
C ILE B 174 -22.83 25.96 14.91
N PHE B 175 -22.35 25.11 14.01
CA PHE B 175 -21.95 25.58 12.69
C PHE B 175 -22.73 24.87 11.56
N ARG B 176 -23.09 25.65 10.52
CA ARG B 176 -23.55 25.07 9.24
C ARG B 176 -22.47 25.25 8.20
N ILE B 177 -22.09 24.16 7.51
CA ILE B 177 -20.94 24.18 6.60
C ILE B 177 -21.36 23.56 5.28
N GLU B 178 -21.06 24.28 4.19
CA GLU B 178 -21.41 23.84 2.85
C GLU B 178 -20.16 23.90 1.98
N LYS B 179 -19.73 22.74 1.48
CA LYS B 179 -18.54 22.59 0.70
C LYS B 179 -17.35 23.14 1.43
N GLY B 180 -17.30 22.89 2.72
CA GLY B 180 -16.22 23.31 3.57
C GLY B 180 -16.23 24.76 4.03
N LYS B 181 -17.23 25.55 3.59
CA LYS B 181 -17.33 26.94 4.01
C LYS B 181 -18.35 27.09 5.10
N ILE B 182 -17.99 27.83 6.16
CA ILE B 182 -18.93 28.10 7.24
C ILE B 182 -19.91 29.12 6.66
N VAL B 183 -21.18 28.74 6.55
CA VAL B 183 -22.21 29.65 6.07
C VAL B 183 -23.14 30.23 7.13
N LYS B 184 -23.22 29.59 8.30
CA LYS B 184 -23.83 30.19 9.45
C LYS B 184 -23.26 29.56 10.70
N SER B 185 -23.24 30.35 11.78
CA SER B 185 -22.88 29.85 13.12
C SER B 185 -23.69 30.59 14.17
N VAL B 186 -23.99 29.94 15.29
CA VAL B 186 -24.77 30.56 16.33
C VAL B 186 -24.12 30.15 17.61
N GLU B 187 -24.12 31.04 18.59
CA GLU B 187 -23.65 30.68 19.94
C GLU B 187 -24.83 30.30 20.81
N MET B 188 -24.75 29.13 21.44
CA MET B 188 -25.84 28.67 22.28
C MET B 188 -26.03 29.48 23.60
N ASN B 189 -27.29 29.85 23.84
CA ASN B 189 -27.73 30.37 25.13
C ASN B 189 -28.00 29.15 25.99
N ALA B 190 -27.06 28.76 26.86
CA ALA B 190 -27.18 27.51 27.62
C ALA B 190 -26.62 27.68 28.99
N PRO B 191 -27.18 28.61 29.77
CA PRO B 191 -26.65 28.84 31.12
C PRO B 191 -26.80 27.60 31.98
N ASN B 192 -25.78 27.27 32.75
CA ASN B 192 -25.75 26.09 33.60
C ASN B 192 -25.68 24.78 32.79
N TYR B 193 -25.52 24.84 31.47
CA TYR B 193 -25.29 23.62 30.71
C TYR B 193 -23.84 23.59 30.36
N TYR B 194 -23.31 22.39 30.09
CA TYR B 194 -22.01 22.25 29.45
C TYR B 194 -22.01 21.18 28.34
N TYR B 195 -21.34 21.45 27.25
CA TYR B 195 -21.38 20.59 26.06
C TYR B 195 -19.95 20.52 25.55
N GLU B 196 -19.41 19.31 25.40
CA GLU B 196 -18.27 19.12 24.51
C GLU B 196 -18.27 17.71 23.94
N GLU B 197 -17.34 17.44 23.02
CA GLU B 197 -17.22 16.10 22.40
C GLU B 197 -18.60 15.52 22.01
N CYS B 198 -19.35 16.32 21.27
CA CYS B 198 -20.72 15.97 20.90
C CYS B 198 -20.70 14.83 19.88
N SER B 199 -21.61 13.90 20.07
CA SER B 199 -21.88 12.88 19.02
C SER B 199 -23.20 13.27 18.37
N CYS B 200 -23.14 13.65 17.10
CA CYS B 200 -24.24 14.25 16.34
C CYS B 200 -24.61 13.39 15.18
N TYR B 201 -25.91 13.19 14.97
CA TYR B 201 -26.37 12.41 13.80
C TYR B 201 -27.61 13.07 13.17
N PRO B 202 -27.81 12.87 11.87
CA PRO B 202 -28.98 13.33 11.15
C PRO B 202 -30.15 12.34 11.37
N ASP B 203 -31.38 12.87 11.27
CA ASP B 203 -32.60 12.10 11.54
C ASP B 203 -33.77 12.99 11.10
N SER B 204 -34.44 12.62 10.01
CA SER B 204 -35.62 13.35 9.50
C SER B 204 -35.28 14.83 9.24
N SER B 205 -34.16 15.02 8.54
CA SER B 205 -33.64 16.32 8.19
C SER B 205 -33.15 17.21 9.36
N GLU B 206 -33.11 16.70 10.58
CA GLU B 206 -32.66 17.48 11.71
C GLU B 206 -31.48 16.82 12.39
N ILE B 207 -30.78 17.59 13.22
CA ILE B 207 -29.53 17.10 13.82
C ILE B 207 -29.75 16.92 15.30
N THR B 208 -29.38 15.77 15.84
CA THR B 208 -29.39 15.56 17.28
C THR B 208 -27.99 15.25 17.77
N CYS B 209 -27.55 15.97 18.80
CA CYS B 209 -26.25 15.71 19.42
C CYS B 209 -26.37 15.39 20.88
N VAL B 210 -25.58 14.40 21.33
CA VAL B 210 -25.48 13.99 22.73
C VAL B 210 -24.01 14.12 23.11
N CYS B 211 -23.76 14.86 24.19
CA CYS B 211 -22.46 15.38 24.44
C CYS B 211 -21.99 14.99 25.83
N ARG B 212 -20.87 15.57 26.23
CA ARG B 212 -20.29 15.37 27.52
C ARG B 212 -20.40 16.65 28.37
N ASP B 213 -20.96 16.50 29.57
CA ASP B 213 -20.92 17.56 30.59
C ASP B 213 -19.78 17.27 31.52
N ASN B 214 -18.66 17.97 31.33
CA ASN B 214 -17.48 17.85 32.17
C ASN B 214 -17.54 18.67 33.43
N TRP B 215 -18.48 19.61 33.48
CA TRP B 215 -18.63 20.55 34.60
C TRP B 215 -19.33 19.92 35.80
N HIS B 216 -20.57 19.53 35.62
CA HIS B 216 -21.42 19.12 36.74
C HIS B 216 -22.63 18.27 36.32
N GLY B 217 -22.41 17.34 35.39
CA GLY B 217 -23.51 16.49 34.90
C GLY B 217 -23.04 15.05 34.72
N SER B 218 -23.77 14.10 35.29
CA SER B 218 -23.47 12.67 35.18
C SER B 218 -24.42 11.96 34.22
N ASN B 219 -25.49 12.65 33.85
CA ASN B 219 -26.24 12.40 32.64
C ASN B 219 -25.66 13.26 31.52
N ARG B 220 -26.08 12.99 30.30
CA ARG B 220 -25.51 13.65 29.14
C ARG B 220 -26.42 14.75 28.66
N PRO B 221 -25.83 15.91 28.38
CA PRO B 221 -26.60 16.94 27.69
C PRO B 221 -26.88 16.62 26.21
N TRP B 222 -27.95 17.19 25.68
CA TRP B 222 -28.27 17.09 24.24
C TRP B 222 -28.66 18.45 23.65
N VAL B 223 -28.55 18.54 22.34
CA VAL B 223 -28.95 19.75 21.56
C VAL B 223 -29.35 19.23 20.22
N SER B 224 -30.48 19.72 19.75
CA SER B 224 -30.95 19.35 18.48
C SER B 224 -31.28 20.63 17.76
N PHE B 225 -31.22 20.59 16.43
CA PHE B 225 -31.40 21.80 15.65
C PHE B 225 -31.71 21.52 14.22
N ASN B 226 -32.27 22.50 13.53
CA ASN B 226 -32.59 22.33 12.12
C ASN B 226 -31.54 22.98 11.26
N GLN B 227 -31.74 22.97 9.94
CA GLN B 227 -30.80 23.53 9.00
C GLN B 227 -30.49 25.02 9.23
N ASN B 228 -31.42 25.76 9.83
CA ASN B 228 -31.21 27.19 10.16
C ASN B 228 -30.56 27.38 11.54
N LEU B 229 -30.18 26.28 12.19
CA LEU B 229 -29.54 26.28 13.49
C LEU B 229 -30.42 26.85 14.59
N GLU B 230 -31.73 26.73 14.39
CA GLU B 230 -32.67 27.02 15.45
C GLU B 230 -32.68 25.77 16.27
N TYR B 231 -32.44 25.89 17.56
CA TYR B 231 -32.10 24.74 18.40
C TYR B 231 -32.98 24.60 19.62
N GLN B 232 -32.93 23.41 20.21
CA GLN B 232 -33.52 23.11 21.48
C GLN B 232 -32.47 22.36 22.33
N ILE B 233 -32.57 22.51 23.63
CA ILE B 233 -31.58 21.94 24.57
C ILE B 233 -32.19 21.19 25.74
N GLY B 234 -31.46 20.21 26.25
CA GLY B 234 -31.88 19.46 27.42
C GLY B 234 -30.83 18.50 27.89
N TYR B 235 -31.16 17.71 28.90
CA TYR B 235 -30.32 16.56 29.31
C TYR B 235 -31.15 15.31 29.24
N ILE B 236 -30.51 14.16 29.00
CA ILE B 236 -31.22 12.89 28.95
C ILE B 236 -31.75 12.61 30.36
N CYS B 237 -33.05 12.35 30.46
CA CYS B 237 -33.74 12.25 31.77
C CYS B 237 -33.54 10.96 32.49
N SER B 238 -33.25 9.90 31.75
CA SER B 238 -33.11 8.58 32.33
C SER B 238 -32.24 8.56 33.55
N GLY B 239 -32.65 7.75 34.51
CA GLY B 239 -31.86 7.42 35.69
C GLY B 239 -30.73 6.40 35.48
N ILE B 240 -30.68 5.86 34.27
CA ILE B 240 -29.52 5.09 33.74
C ILE B 240 -28.52 6.15 33.22
N PHE B 241 -27.69 6.64 34.13
CA PHE B 241 -26.83 7.79 33.85
C PHE B 241 -25.75 7.37 32.86
N GLY B 242 -25.53 8.22 31.85
CA GLY B 242 -24.68 7.85 30.75
C GLY B 242 -23.21 8.21 30.85
N ASP B 243 -22.82 9.13 31.73
CA ASP B 243 -21.43 9.64 31.69
C ASP B 243 -20.55 8.70 32.50
N ASN B 244 -19.25 8.96 32.50
CA ASN B 244 -18.30 8.29 33.37
C ASN B 244 -17.31 9.35 33.82
N PRO B 245 -17.18 9.64 35.13
CA PRO B 245 -17.86 8.93 36.21
C PRO B 245 -19.35 9.30 36.37
N ARG B 246 -20.03 8.59 37.26
CA ARG B 246 -21.43 8.78 37.51
C ARG B 246 -21.75 8.06 38.81
N PRO B 247 -22.92 8.34 39.39
CA PRO B 247 -23.36 7.52 40.52
C PRO B 247 -24.00 6.25 40.02
N ASN B 248 -24.28 5.33 40.95
CA ASN B 248 -25.16 4.19 40.67
C ASN B 248 -26.49 4.70 40.20
N ASP B 249 -27.19 3.88 39.42
CA ASP B 249 -28.47 4.26 38.82
C ASP B 249 -29.52 4.52 39.93
N LYS B 250 -30.37 5.51 39.68
CA LYS B 250 -31.44 5.94 40.60
C LYS B 250 -32.29 6.91 39.81
N THR B 251 -33.19 7.64 40.46
CA THR B 251 -34.01 8.60 39.74
C THR B 251 -33.12 9.67 39.08
N GLY B 252 -33.40 9.92 37.82
CA GLY B 252 -32.59 10.85 37.02
C GLY B 252 -33.12 12.26 37.12
N SER B 253 -32.72 13.07 36.14
CA SER B 253 -33.15 14.46 36.04
C SER B 253 -33.06 14.93 34.60
N CYS B 254 -33.95 15.84 34.25
CA CYS B 254 -33.99 16.45 32.93
C CYS B 254 -33.05 17.66 32.77
N GLY B 255 -32.41 18.11 33.86
CA GLY B 255 -31.28 19.05 33.79
C GLY B 255 -30.03 18.29 34.21
N PRO B 256 -28.90 18.98 34.49
CA PRO B 256 -27.67 18.23 34.86
C PRO B 256 -27.67 17.55 36.25
N VAL B 257 -27.27 16.29 36.29
CA VAL B 257 -27.15 15.57 37.56
C VAL B 257 -25.79 15.86 38.19
N SER B 258 -25.77 16.60 39.30
CA SER B 258 -24.52 17.03 39.89
C SER B 258 -23.73 15.92 40.56
N SER B 259 -24.39 14.89 41.09
CA SER B 259 -23.69 13.79 41.73
C SER B 259 -22.69 13.12 40.77
N ASN B 260 -21.44 13.09 41.18
CA ASN B 260 -20.28 12.63 40.38
C ASN B 260 -20.20 13.31 39.01
N GLY B 261 -20.69 14.56 38.94
CA GLY B 261 -20.94 15.19 37.68
C GLY B 261 -19.70 15.78 37.02
N ALA B 262 -18.72 16.18 37.83
CA ALA B 262 -17.45 16.71 37.33
C ALA B 262 -16.72 15.63 36.53
N ASN B 263 -15.99 16.04 35.50
CA ASN B 263 -15.25 15.12 34.65
C ASN B 263 -16.23 14.37 33.77
N GLY B 264 -15.74 13.40 32.99
CA GLY B 264 -16.63 12.72 32.03
C GLY B 264 -15.85 11.91 31.00
N VAL B 265 -16.55 11.47 30.01
CA VAL B 265 -15.98 10.73 28.88
C VAL B 265 -16.87 11.08 27.69
N LYS B 266 -16.30 11.14 26.49
CA LYS B 266 -17.12 11.26 25.26
C LYS B 266 -18.02 10.06 25.14
N GLY B 267 -19.26 10.34 24.80
CA GLY B 267 -20.23 9.30 24.53
C GLY B 267 -21.31 9.69 23.56
N PHE B 268 -22.30 8.81 23.49
CA PHE B 268 -23.39 9.01 22.54
C PHE B 268 -24.68 8.38 23.10
N SER B 269 -25.78 8.73 22.44
CA SER B 269 -27.06 8.02 22.58
C SER B 269 -27.90 8.25 21.36
N PHE B 270 -28.85 7.36 21.11
CA PHE B 270 -29.80 7.55 20.00
C PHE B 270 -31.22 7.71 20.57
N LYS B 271 -31.93 8.71 20.03
CA LYS B 271 -33.30 9.07 20.45
C LYS B 271 -34.28 8.45 19.52
N TYR B 272 -35.31 7.82 20.07
CA TYR B 272 -36.38 7.21 19.32
C TYR B 272 -37.66 7.62 20.10
N GLY B 273 -38.33 8.66 19.63
CA GLY B 273 -39.43 9.28 20.41
C GLY B 273 -38.98 9.58 21.83
N ASN B 274 -39.70 9.04 22.83
CA ASN B 274 -39.40 9.21 24.26
C ASN B 274 -38.39 8.20 24.77
N GLY B 275 -38.04 7.22 23.95
CA GLY B 275 -37.02 6.21 24.33
C GLY B 275 -35.60 6.57 23.88
N VAL B 276 -34.63 5.84 24.46
CA VAL B 276 -33.24 6.10 24.17
C VAL B 276 -32.41 4.79 24.22
N TRP B 277 -31.48 4.65 23.29
CA TRP B 277 -30.43 3.66 23.38
C TRP B 277 -29.23 4.39 23.93
N ILE B 278 -28.81 3.98 25.10
CA ILE B 278 -27.65 4.52 25.75
C ILE B 278 -26.46 3.54 25.62
N GLY B 279 -25.35 4.04 25.08
CA GLY B 279 -24.05 3.39 25.30
C GLY B 279 -23.33 4.04 26.47
N ARG B 280 -22.72 3.24 27.34
CA ARG B 280 -21.97 3.74 28.47
C ARG B 280 -20.98 2.71 28.95
N THR B 281 -20.09 3.15 29.81
CA THR B 281 -19.13 2.28 30.49
C THR B 281 -19.91 1.38 31.46
N LYS B 282 -19.35 0.23 31.83
CA LYS B 282 -20.01 -0.60 32.85
C LYS B 282 -19.60 -0.15 34.26
N SER B 283 -18.39 0.39 34.40
CA SER B 283 -17.94 0.92 35.68
C SER B 283 -18.50 2.34 35.88
N ILE B 284 -18.88 2.66 37.11
CA ILE B 284 -19.31 4.02 37.43
C ILE B 284 -18.15 5.01 37.70
N SER B 285 -16.94 4.51 37.94
CA SER B 285 -15.82 5.32 38.34
C SER B 285 -14.65 5.43 37.37
N SER B 286 -14.50 4.47 36.47
CA SER B 286 -13.40 4.53 35.50
C SER B 286 -13.82 3.99 34.14
N ARG B 287 -12.93 4.13 33.15
CA ARG B 287 -13.35 3.80 31.79
C ARG B 287 -13.13 2.30 31.56
N ASN B 288 -14.06 1.51 32.08
CA ASN B 288 -14.01 0.05 32.09
C ASN B 288 -15.37 -0.50 31.68
N GLY B 289 -15.33 -1.43 30.75
CA GLY B 289 -16.50 -2.04 30.17
C GLY B 289 -17.27 -1.13 29.24
N PHE B 290 -18.27 -1.73 28.63
CA PHE B 290 -19.20 -1.06 27.80
C PHE B 290 -20.46 -1.91 27.62
N GLU B 291 -21.59 -1.20 27.61
CA GLU B 291 -22.86 -1.85 27.40
C GLU B 291 -23.78 -0.90 26.68
N MET B 292 -24.73 -1.45 25.94
CA MET B 292 -25.83 -0.72 25.38
C MET B 292 -27.13 -1.06 26.12
N ILE B 293 -27.95 -0.02 26.35
CA ILE B 293 -29.19 -0.13 27.14
C ILE B 293 -30.30 0.58 26.41
N TRP B 294 -31.40 -0.14 26.16
CA TRP B 294 -32.59 0.43 25.54
C TRP B 294 -33.53 0.76 26.68
N ASP B 295 -33.76 2.06 26.90
CA ASP B 295 -34.71 2.51 27.90
C ASP B 295 -35.88 3.17 27.16
N PRO B 296 -37.06 2.49 27.06
CA PRO B 296 -38.12 2.98 26.18
C PRO B 296 -38.75 4.34 26.61
N ASN B 297 -38.49 4.84 27.83
CA ASN B 297 -38.91 6.23 28.22
C ASN B 297 -37.74 7.09 28.78
N GLY B 298 -36.51 6.66 28.51
CA GLY B 298 -35.35 7.33 29.08
C GLY B 298 -34.98 8.72 28.54
N TRP B 299 -35.47 9.09 27.39
CA TRP B 299 -35.16 10.41 26.88
C TRP B 299 -35.80 11.44 27.81
N THR B 300 -37.10 11.21 28.11
CA THR B 300 -37.92 12.15 28.93
C THR B 300 -38.31 11.69 30.35
N GLY B 301 -38.22 10.39 30.63
CA GLY B 301 -38.54 9.84 31.94
C GLY B 301 -37.31 9.69 32.83
N THR B 302 -37.52 9.82 34.13
CA THR B 302 -36.43 9.91 35.11
C THR B 302 -36.21 8.62 35.92
N ASP B 303 -37.07 7.64 35.76
CA ASP B 303 -36.86 6.36 36.43
C ASP B 303 -35.61 5.66 35.87
N ASN B 304 -35.07 4.74 36.67
CA ASN B 304 -33.95 3.91 36.28
C ASN B 304 -34.36 2.50 35.79
N ASN B 305 -35.55 2.39 35.22
CA ASN B 305 -35.99 1.12 34.66
C ASN B 305 -35.70 1.10 33.15
N PHE B 306 -35.27 -0.05 32.66
CA PHE B 306 -34.90 -0.26 31.25
C PHE B 306 -35.29 -1.67 30.83
N SER B 307 -35.36 -1.89 29.51
CA SER B 307 -35.87 -3.16 28.99
C SER B 307 -34.85 -4.07 28.31
N ILE B 308 -33.75 -3.54 27.73
CA ILE B 308 -32.73 -4.39 27.09
C ILE B 308 -31.34 -3.90 27.48
N LYS B 309 -30.44 -4.83 27.83
CA LYS B 309 -29.02 -4.55 28.03
C LYS B 309 -28.23 -5.55 27.20
N GLN B 310 -27.28 -5.07 26.40
CA GLN B 310 -26.45 -5.90 25.56
C GLN B 310 -25.00 -5.58 25.95
N ASP B 311 -24.27 -6.58 26.43
CA ASP B 311 -22.87 -6.40 26.79
C ASP B 311 -21.99 -6.25 25.52
N ILE B 312 -21.01 -5.38 25.62
CA ILE B 312 -20.05 -5.05 24.53
C ILE B 312 -18.59 -5.22 24.99
N VAL B 313 -18.24 -4.70 26.16
CA VAL B 313 -16.93 -4.93 26.77
C VAL B 313 -17.15 -5.23 28.25
N GLY B 314 -16.45 -6.26 28.73
CA GLY B 314 -16.59 -6.73 30.12
C GLY B 314 -16.07 -5.73 31.13
N ILE B 315 -16.71 -5.69 32.29
CA ILE B 315 -16.39 -4.71 33.33
C ILE B 315 -14.92 -4.66 33.77
N ASN B 316 -14.18 -5.77 33.68
CA ASN B 316 -12.74 -5.75 34.01
C ASN B 316 -11.81 -5.34 32.83
N GLU B 317 -12.38 -4.87 31.72
CA GLU B 317 -11.61 -4.56 30.51
C GLU B 317 -11.63 -3.07 30.26
N TRP B 318 -10.55 -2.57 29.68
CA TRP B 318 -10.40 -1.12 29.47
C TRP B 318 -11.29 -0.68 28.34
N SER B 319 -12.01 0.43 28.51
CA SER B 319 -12.80 1.00 27.45
C SER B 319 -12.31 2.43 27.25
N GLY B 320 -13.20 3.39 27.03
CA GLY B 320 -12.75 4.74 26.68
C GLY B 320 -13.89 5.50 25.99
N TYR B 321 -13.53 6.37 25.05
CA TYR B 321 -14.51 7.14 24.24
C TYR B 321 -15.42 6.21 23.43
N SER B 322 -16.62 6.75 23.14
CA SER B 322 -17.50 6.08 22.23
C SER B 322 -18.21 7.13 21.44
N GLY B 323 -18.65 6.77 20.29
CA GLY B 323 -19.37 7.78 19.46
C GLY B 323 -20.32 7.15 18.47
N SER B 324 -21.31 7.90 18.08
CA SER B 324 -22.21 7.50 16.98
C SER B 324 -21.56 7.63 15.61
N PHE B 325 -21.97 6.75 14.68
CA PHE B 325 -21.84 7.03 13.27
C PHE B 325 -23.04 6.43 12.55
N VAL B 326 -23.39 6.99 11.39
CA VAL B 326 -24.53 6.51 10.62
C VAL B 326 -24.13 5.99 9.28
N GLN B 327 -24.98 5.11 8.77
CA GLN B 327 -24.96 4.70 7.37
C GLN B 327 -26.27 5.17 6.75
N HIS B 328 -26.15 6.03 5.75
CA HIS B 328 -27.28 6.64 5.07
C HIS B 328 -27.85 5.62 4.04
N PRO B 329 -29.15 5.77 3.70
CA PRO B 329 -29.73 5.02 2.55
C PRO B 329 -28.90 4.94 1.28
N GLU B 330 -28.20 6.04 0.94
CA GLU B 330 -27.36 6.10 -0.26
C GLU B 330 -26.23 5.05 -0.25
N LEU B 331 -25.80 4.69 0.95
CA LEU B 331 -24.79 3.64 1.16
C LEU B 331 -25.37 2.21 1.28
N THR B 332 -26.47 2.08 2.00
CA THR B 332 -27.05 0.78 2.38
C THR B 332 -28.16 0.25 1.48
N GLY B 333 -28.86 1.12 0.76
CA GLY B 333 -30.09 0.73 0.09
C GLY B 333 -31.31 0.63 1.00
N LEU B 334 -31.19 0.91 2.28
CA LEU B 334 -32.31 0.87 3.18
C LEU B 334 -33.19 2.15 3.02
N ASP B 335 -34.34 2.18 3.69
CA ASP B 335 -35.21 3.38 3.66
C ASP B 335 -35.11 4.24 4.92
N CYS B 336 -34.03 4.06 5.66
CA CYS B 336 -33.86 4.74 6.92
C CYS B 336 -32.37 4.91 7.17
N ILE B 337 -32.05 5.78 8.11
CA ILE B 337 -30.66 6.06 8.45
C ILE B 337 -30.28 5.04 9.50
N ARG B 338 -29.31 4.19 9.20
CA ARG B 338 -28.89 3.16 10.16
C ARG B 338 -27.92 3.69 11.22
N PRO B 339 -28.22 3.48 12.54
CA PRO B 339 -27.30 3.88 13.57
C PRO B 339 -26.23 2.83 13.78
N CYS B 340 -25.01 3.30 14.02
CA CYS B 340 -23.90 2.46 14.36
C CYS B 340 -23.17 3.17 15.47
N PHE B 341 -22.23 2.49 16.09
CA PHE B 341 -21.37 3.12 17.09
C PHE B 341 -19.98 2.48 17.11
N TRP B 342 -19.00 3.22 17.62
CA TRP B 342 -17.67 2.72 17.83
C TRP B 342 -17.32 2.91 19.34
N VAL B 343 -16.37 2.14 19.81
CA VAL B 343 -15.83 2.30 21.12
C VAL B 343 -14.33 2.33 21.00
N GLU B 344 -13.74 3.28 21.69
CA GLU B 344 -12.27 3.40 21.82
C GLU B 344 -11.79 2.64 23.05
N LEU B 345 -10.82 1.73 22.84
CA LEU B 345 -10.30 0.94 23.94
C LEU B 345 -8.92 1.51 24.30
N ILE B 346 -8.87 2.27 25.39
CA ILE B 346 -7.67 2.97 25.73
C ILE B 346 -6.72 2.10 26.50
N ARG B 347 -5.45 2.11 26.14
CA ARG B 347 -4.40 1.42 26.85
C ARG B 347 -3.28 2.33 27.21
N GLY B 348 -2.62 2.04 28.36
CA GLY B 348 -1.50 2.81 28.86
C GLY B 348 -1.87 3.78 29.97
N ARG B 349 -1.27 4.98 29.94
CA ARG B 349 -1.51 5.98 31.00
C ARG B 349 -2.95 6.51 30.91
N PRO B 350 -3.57 6.84 32.04
CA PRO B 350 -2.91 6.90 33.35
C PRO B 350 -3.08 5.59 34.12
N LYS B 351 -3.86 4.65 33.62
CA LYS B 351 -4.25 3.48 34.42
C LYS B 351 -3.24 2.35 34.43
N GLU B 352 -2.32 2.36 33.49
CA GLU B 352 -1.33 1.31 33.36
C GLU B 352 0.08 1.88 33.36
N ASN B 353 1.02 1.01 33.69
CA ASN B 353 2.40 1.41 33.96
C ASN B 353 3.23 1.41 32.69
N THR B 354 2.95 2.40 31.83
CA THR B 354 3.64 2.55 30.55
C THR B 354 4.10 3.99 30.40
N ILE B 355 4.93 4.27 29.37
CA ILE B 355 5.33 5.63 29.04
C ILE B 355 4.35 6.30 28.09
N TRP B 356 3.37 5.52 27.59
CA TRP B 356 2.53 5.93 26.45
C TRP B 356 1.04 5.66 26.73
N THR B 357 0.17 6.24 25.90
CA THR B 357 -1.25 6.02 25.90
C THR B 357 -1.65 5.86 24.43
N SER B 358 -2.44 4.82 24.11
CA SER B 358 -2.91 4.62 22.75
C SER B 358 -4.16 3.75 22.76
N GLY B 359 -4.97 3.79 21.75
CA GLY B 359 -6.25 3.10 21.74
C GLY B 359 -6.41 2.12 20.58
N SER B 360 -7.23 1.05 20.74
CA SER B 360 -7.74 0.38 19.57
C SER B 360 -9.25 0.67 19.48
N SER B 361 -9.91 0.03 18.54
CA SER B 361 -11.36 0.27 18.41
C SER B 361 -12.12 -0.94 18.03
N ILE B 362 -13.39 -0.87 18.36
CA ILE B 362 -14.42 -1.86 17.94
C ILE B 362 -15.63 -1.03 17.46
N SER B 363 -16.45 -1.58 16.56
CA SER B 363 -17.64 -0.92 16.12
C SER B 363 -18.75 -1.93 15.80
N PHE B 364 -19.97 -1.43 15.92
CA PHE B 364 -21.16 -2.22 15.92
C PHE B 364 -22.21 -1.45 15.09
N CYS B 365 -23.06 -2.19 14.39
CA CYS B 365 -24.21 -1.57 13.69
C CYS B 365 -25.57 -2.11 14.18
N GLY B 366 -26.57 -1.23 14.25
CA GLY B 366 -27.89 -1.62 14.72
C GLY B 366 -28.60 -2.48 13.72
N VAL B 367 -29.28 -3.51 14.20
CA VAL B 367 -30.03 -4.43 13.38
C VAL B 367 -31.31 -4.81 14.16
N ASN B 368 -32.25 -5.44 13.47
CA ASN B 368 -33.40 -6.09 14.08
C ASN B 368 -33.38 -7.60 13.98
N SER B 369 -32.23 -8.15 13.62
CA SER B 369 -32.08 -9.58 13.58
C SER B 369 -31.37 -9.93 14.89
N ASP B 370 -31.08 -11.22 15.07
CA ASP B 370 -30.54 -11.69 16.35
C ASP B 370 -29.11 -11.24 16.57
N THR B 371 -28.76 -11.05 17.84
CA THR B 371 -27.49 -10.49 18.25
C THR B 371 -27.16 -11.09 19.59
N VAL B 372 -25.95 -10.86 20.07
CA VAL B 372 -25.57 -11.44 21.31
C VAL B 372 -24.65 -10.52 22.04
N GLY B 373 -24.72 -10.56 23.36
CA GLY B 373 -23.76 -9.86 24.19
C GLY B 373 -22.45 -10.63 24.31
N TRP B 374 -21.34 -9.91 24.42
CA TRP B 374 -20.05 -10.57 24.70
C TRP B 374 -19.07 -9.55 25.16
N SER B 375 -17.79 -9.88 25.19
CA SER B 375 -16.74 -8.87 25.46
C SER B 375 -15.72 -8.93 24.31
N TRP B 376 -15.52 -7.79 23.63
CA TRP B 376 -14.51 -7.69 22.58
C TRP B 376 -13.46 -6.64 22.99
N PRO B 377 -12.54 -6.97 23.93
CA PRO B 377 -11.65 -5.97 24.53
C PRO B 377 -10.41 -5.73 23.70
N ASP B 378 -9.51 -4.88 24.15
CA ASP B 378 -8.35 -4.50 23.32
C ASP B 378 -7.42 -5.74 23.09
N GLY B 379 -7.07 -6.43 24.19
CA GLY B 379 -6.31 -7.66 24.12
C GLY B 379 -4.80 -7.61 24.23
N ALA B 380 -4.22 -6.42 24.26
CA ALA B 380 -2.78 -6.26 24.29
C ALA B 380 -2.28 -6.60 25.69
N GLU B 381 -1.04 -7.03 25.79
CA GLU B 381 -0.42 -7.41 27.06
C GLU B 381 0.56 -6.32 27.35
N LEU B 382 0.26 -5.52 28.37
CA LEU B 382 1.11 -4.40 28.77
C LEU B 382 1.87 -4.81 30.02
N PRO B 383 3.03 -4.22 30.28
CA PRO B 383 3.71 -3.26 29.42
C PRO B 383 4.34 -3.85 28.16
N PHE B 384 4.79 -2.95 27.29
CA PHE B 384 5.55 -3.28 26.11
C PHE B 384 7.05 -3.11 26.37
N THR B 385 7.83 -3.65 25.43
CA THR B 385 9.30 -3.56 25.42
C THR B 385 9.81 -2.16 25.72
N ILE B 386 9.16 -1.11 25.18
CA ILE B 386 9.64 0.25 25.33
C ILE B 386 9.51 0.78 26.77
N ASP B 387 8.65 0.15 27.58
CA ASP B 387 8.31 0.59 28.89
C ASP B 387 9.36 0.11 29.90
N SER C 1 -9.54 16.00 -18.93
CA SER C 1 -8.16 16.51 -18.56
C SER C 1 -7.74 17.76 -19.38
N VAL C 2 -7.48 18.88 -18.70
CA VAL C 2 -7.20 20.15 -19.40
C VAL C 2 -5.96 20.85 -18.82
N LYS C 3 -5.24 21.55 -19.70
CA LYS C 3 -4.08 22.37 -19.31
C LYS C 3 -4.44 23.38 -18.22
N LEU C 4 -3.59 23.54 -17.22
CA LEU C 4 -3.78 24.61 -16.27
C LEU C 4 -3.64 25.96 -17.02
N ALA C 5 -4.59 26.88 -16.81
CA ALA C 5 -4.58 28.19 -17.52
C ALA C 5 -3.40 29.05 -17.07
N GLY C 6 -3.24 29.20 -15.75
CA GLY C 6 -2.14 29.99 -15.19
C GLY C 6 -2.24 31.48 -15.45
N ASN C 7 -3.43 31.95 -15.76
CA ASN C 7 -3.64 33.32 -16.19
C ASN C 7 -4.28 34.22 -15.14
N SER C 8 -4.73 33.70 -14.00
CA SER C 8 -5.29 34.54 -12.94
C SER C 8 -4.14 35.06 -12.04
N SER C 9 -4.45 36.02 -11.17
CA SER C 9 -3.47 36.56 -10.25
C SER C 9 -3.36 35.68 -9.01
N LEU C 10 -2.28 35.89 -8.25
CA LEU C 10 -2.16 35.29 -6.90
C LEU C 10 -3.25 35.78 -5.98
N CYS C 11 -3.89 34.88 -5.22
CA CYS C 11 -4.86 35.23 -4.21
C CYS C 11 -4.19 36.09 -3.14
N PRO C 12 -4.82 37.20 -2.77
CA PRO C 12 -4.29 37.99 -1.66
C PRO C 12 -4.53 37.26 -0.37
N VAL C 13 -3.57 37.29 0.51
CA VAL C 13 -3.71 36.57 1.77
C VAL C 13 -3.27 37.33 2.98
N SER C 14 -3.99 37.12 4.07
CA SER C 14 -3.73 37.77 5.34
C SER C 14 -2.91 36.92 6.32
N GLY C 15 -2.86 35.61 6.08
CA GLY C 15 -2.10 34.71 6.91
C GLY C 15 -2.09 33.30 6.35
N TRP C 16 -1.53 32.40 7.13
CA TRP C 16 -1.14 31.09 6.65
C TRP C 16 -1.76 30.04 7.57
N ALA C 17 -2.55 29.14 6.98
CA ALA C 17 -3.21 28.06 7.72
C ALA C 17 -2.40 26.79 7.52
N ILE C 18 -2.15 26.04 8.60
CA ILE C 18 -1.37 24.79 8.46
C ILE C 18 -2.08 23.76 7.63
N TYR C 19 -1.31 23.16 6.72
CA TYR C 19 -1.88 22.31 5.67
C TYR C 19 -1.42 20.84 5.93
N SER C 20 -0.13 20.64 6.24
CA SER C 20 0.39 19.28 6.42
C SER C 20 1.57 19.23 7.40
N LYS C 21 1.77 18.10 8.07
CA LYS C 21 3.01 17.83 8.82
C LYS C 21 3.17 16.35 8.79
N ASP C 22 4.35 15.88 8.46
CA ASP C 22 4.50 14.40 8.25
C ASP C 22 5.18 13.62 9.37
N ASN C 23 5.92 14.32 10.23
CA ASN C 23 6.58 13.68 11.38
C ASN C 23 7.53 12.62 10.95
N SER C 24 8.19 12.77 9.79
CA SER C 24 8.98 11.67 9.19
C SER C 24 10.10 11.14 10.12
N VAL C 25 10.79 12.06 10.79
CA VAL C 25 11.96 11.66 11.54
C VAL C 25 11.46 10.93 12.81
N ARG C 26 10.39 11.41 13.42
CA ARG C 26 9.81 10.78 14.62
C ARG C 26 9.36 9.37 14.24
N ILE C 27 8.71 9.26 13.08
CA ILE C 27 8.17 7.96 12.69
C ILE C 27 9.28 7.02 12.29
N GLY C 28 10.32 7.55 11.65
CA GLY C 28 11.44 6.70 11.21
C GLY C 28 12.33 6.17 12.34
N SER C 29 12.17 6.67 13.55
CA SER C 29 12.82 6.00 14.70
C SER C 29 12.50 4.45 14.76
N LYS C 30 11.29 4.07 14.37
CA LYS C 30 10.88 2.69 14.33
C LYS C 30 10.53 2.27 12.91
N GLY C 31 9.66 3.02 12.25
CA GLY C 31 9.21 2.61 10.91
C GLY C 31 10.22 2.71 9.78
N ASP C 32 9.83 2.21 8.60
CA ASP C 32 10.73 2.25 7.47
C ASP C 32 10.48 3.53 6.65
N VAL C 33 11.28 4.55 6.87
CA VAL C 33 11.14 5.86 6.30
C VAL C 33 12.48 6.17 5.65
N PHE C 34 12.42 6.77 4.46
CA PHE C 34 13.63 7.12 3.73
C PHE C 34 14.40 8.18 4.46
N VAL C 35 15.74 8.07 4.47
CA VAL C 35 16.54 9.25 4.70
C VAL C 35 16.34 10.21 3.51
N ILE C 36 15.95 11.45 3.78
CA ILE C 36 15.75 12.41 2.69
C ILE C 36 16.23 13.83 3.00
N ARG C 37 16.49 14.58 1.93
CA ARG C 37 16.49 16.01 2.05
C ARG C 37 15.90 16.63 0.77
N GLU C 38 15.83 17.95 0.73
CA GLU C 38 15.32 18.70 -0.42
C GLU C 38 13.89 18.25 -0.72
N PRO C 39 13.02 18.20 0.32
CA PRO C 39 11.63 17.88 0.02
C PRO C 39 10.94 19.08 -0.71
N PHE C 40 9.82 18.84 -1.38
CA PHE C 40 8.98 19.91 -1.87
C PHE C 40 7.58 19.40 -2.24
N ILE C 41 6.67 20.37 -2.38
CA ILE C 41 5.28 20.00 -2.62
C ILE C 41 4.87 20.52 -3.98
N SER C 42 4.03 19.77 -4.66
CA SER C 42 3.52 20.22 -5.97
C SER C 42 2.23 19.47 -6.21
N CYS C 43 1.30 20.14 -6.88
CA CYS C 43 -0.06 19.68 -7.00
C CYS C 43 -0.46 19.52 -8.47
N SER C 44 -1.32 18.53 -8.71
CA SER C 44 -2.02 18.40 -10.00
C SER C 44 -3.41 19.04 -9.82
N PRO C 45 -4.29 19.00 -10.85
CA PRO C 45 -5.70 19.40 -10.64
C PRO C 45 -6.52 18.50 -9.70
N LEU C 46 -5.91 17.40 -9.22
CA LEU C 46 -6.59 16.41 -8.36
C LEU C 46 -5.94 16.07 -7.00
N GLU C 47 -4.65 16.30 -6.81
CA GLU C 47 -4.05 15.99 -5.50
C GLU C 47 -2.75 16.75 -5.33
N CYS C 48 -2.24 16.81 -4.10
CA CYS C 48 -0.93 17.37 -3.83
C CYS C 48 -0.04 16.27 -3.33
N ARG C 49 1.25 16.36 -3.70
CA ARG C 49 2.25 15.37 -3.47
C ARG C 49 3.54 15.95 -2.94
N THR C 50 4.20 15.19 -2.06
CA THR C 50 5.50 15.57 -1.57
C THR C 50 6.51 14.85 -2.43
N PHE C 51 7.45 15.64 -2.99
CA PHE C 51 8.62 15.20 -3.75
C PHE C 51 9.83 15.35 -2.82
N PHE C 52 10.81 14.47 -3.01
CA PHE C 52 11.98 14.49 -2.17
C PHE C 52 13.14 13.72 -2.74
N LEU C 53 14.35 14.08 -2.32
CA LEU C 53 15.54 13.34 -2.71
C LEU C 53 15.93 12.34 -1.65
N THR C 54 15.76 11.07 -1.99
CA THR C 54 16.23 10.07 -1.08
C THR C 54 17.78 9.92 -1.05
N GLN C 55 18.27 9.25 0.00
CA GLN C 55 19.62 8.83 0.07
C GLN C 55 19.78 7.37 -0.20
N GLY C 56 18.75 6.71 -0.74
CA GLY C 56 18.86 5.25 -0.99
C GLY C 56 19.04 4.45 0.29
N ALA C 57 18.45 4.93 1.36
CA ALA C 57 18.71 4.40 2.71
C ALA C 57 17.54 4.76 3.60
N LEU C 58 17.36 4.00 4.66
CA LEU C 58 16.29 4.25 5.60
C LEU C 58 16.85 4.78 6.93
N LEU C 59 16.04 5.56 7.60
CA LEU C 59 16.39 6.01 8.96
C LEU C 59 16.67 4.87 9.93
N ASN C 60 17.72 5.05 10.69
CA ASN C 60 18.04 4.17 11.82
C ASN C 60 18.65 2.83 11.30
N ASP C 61 19.14 2.84 10.08
CA ASP C 61 19.92 1.78 9.50
C ASP C 61 21.31 2.36 9.20
N LYS C 62 22.28 1.47 9.16
CA LYS C 62 23.68 1.81 8.90
C LYS C 62 23.98 2.57 7.57
N HIS C 63 23.24 2.30 6.52
CA HIS C 63 23.42 3.02 5.25
C HIS C 63 23.00 4.47 5.30
N SER C 64 22.43 4.91 6.44
CA SER C 64 22.18 6.29 6.72
C SER C 64 23.44 7.05 6.99
N ASN C 65 24.54 6.35 7.21
CA ASN C 65 25.83 7.01 7.52
C ASN C 65 26.34 7.77 6.29
N GLY C 66 26.81 9.00 6.49
CA GLY C 66 27.52 9.73 5.44
C GLY C 66 26.54 10.61 4.70
N THR C 67 25.26 10.56 5.09
CA THR C 67 24.20 11.26 4.35
C THR C 67 24.23 12.79 4.47
N ILE C 68 25.24 13.34 5.13
CA ILE C 68 25.57 14.76 5.01
C ILE C 68 25.99 15.10 3.56
N LYS C 69 26.51 14.11 2.85
CA LYS C 69 26.96 14.24 1.50
C LYS C 69 25.80 14.51 0.53
N ASP C 70 25.94 15.57 -0.28
CA ASP C 70 24.86 15.95 -1.22
C ASP C 70 24.64 15.06 -2.39
N ARG C 71 25.71 14.58 -2.99
CA ARG C 71 25.58 13.98 -4.32
C ARG C 71 26.22 12.61 -4.35
N SER C 72 25.45 11.65 -4.78
CA SER C 72 25.87 10.28 -4.90
C SER C 72 25.03 9.62 -6.01
N PRO C 73 25.45 8.44 -6.52
CA PRO C 73 24.57 7.69 -7.43
C PRO C 73 23.35 6.97 -6.80
N TYR C 74 23.23 6.99 -5.47
CA TYR C 74 22.16 6.31 -4.78
C TYR C 74 20.92 7.18 -4.61
N ARG C 75 21.07 8.49 -4.71
CA ARG C 75 19.95 9.42 -4.48
C ARG C 75 18.92 9.35 -5.63
N THR C 76 17.63 9.33 -5.26
CA THR C 76 16.51 9.18 -6.22
C THR C 76 15.43 10.19 -5.78
N LEU C 77 14.84 10.82 -6.80
CA LEU C 77 13.63 11.60 -6.66
C LEU C 77 12.49 10.67 -6.56
N MET C 78 11.72 10.78 -5.49
CA MET C 78 10.53 9.95 -5.30
C MET C 78 9.41 10.85 -4.78
N SER C 79 8.19 10.36 -4.77
CA SER C 79 7.07 11.17 -4.30
C SER C 79 6.05 10.38 -3.56
N CYS C 80 5.41 11.00 -2.56
CA CYS C 80 4.32 10.39 -1.83
C CYS C 80 3.19 11.42 -1.59
N PRO C 81 1.99 10.99 -1.16
CA PRO C 81 0.92 11.95 -0.90
C PRO C 81 1.29 12.89 0.21
N ILE C 82 0.82 14.10 0.14
CA ILE C 82 1.14 15.10 1.09
C ILE C 82 0.86 14.68 2.55
N GLY C 83 1.80 15.03 3.44
CA GLY C 83 1.63 14.70 4.85
C GLY C 83 1.87 13.25 5.27
N GLU C 84 2.14 12.34 4.31
CA GLU C 84 2.52 10.96 4.64
C GLU C 84 4.02 10.84 4.77
N VAL C 85 4.53 9.96 5.63
CA VAL C 85 5.97 9.76 5.69
C VAL C 85 6.49 9.18 4.39
N PRO C 86 7.71 9.56 3.94
CA PRO C 86 8.23 8.95 2.73
C PRO C 86 8.82 7.56 3.04
N SER C 87 8.11 6.55 2.60
CA SER C 87 8.49 5.20 2.85
C SER C 87 8.67 4.45 1.58
N PRO C 88 9.50 3.38 1.56
CA PRO C 88 9.51 2.49 0.43
C PRO C 88 8.12 1.93 0.09
N TYR C 89 7.20 1.86 1.06
CA TYR C 89 5.83 1.20 0.89
C TYR C 89 4.73 2.13 0.39
N ASN C 90 4.97 3.42 0.35
CA ASN C 90 3.98 4.39 -0.09
C ASN C 90 4.51 5.36 -1.15
N SER C 91 5.81 5.26 -1.52
CA SER C 91 6.46 6.22 -2.37
C SER C 91 6.59 5.71 -3.83
N ARG C 92 6.29 6.59 -4.77
CA ARG C 92 6.38 6.35 -6.22
C ARG C 92 7.72 6.80 -6.68
N PHE C 93 8.36 5.99 -7.51
CA PHE C 93 9.66 6.30 -8.04
C PHE C 93 9.52 7.35 -9.14
N GLU C 94 10.37 8.38 -9.13
CA GLU C 94 10.34 9.42 -10.23
C GLU C 94 11.61 9.39 -11.11
N SER C 95 12.79 9.48 -10.53
CA SER C 95 13.98 9.70 -11.34
C SER C 95 15.20 9.48 -10.49
N VAL C 96 16.32 9.12 -11.12
CA VAL C 96 17.55 9.07 -10.40
C VAL C 96 18.05 10.49 -10.29
N ALA C 97 18.37 10.94 -9.08
CA ALA C 97 18.55 12.37 -8.88
C ALA C 97 19.18 12.76 -7.57
N TRP C 98 20.13 13.71 -7.70
CA TRP C 98 20.62 14.46 -6.57
C TRP C 98 20.31 15.95 -6.63
N SER C 99 19.55 16.37 -7.65
CA SER C 99 18.95 17.72 -7.72
C SER C 99 17.70 17.56 -8.61
N ALA C 100 16.60 18.22 -8.25
CA ALA C 100 15.33 17.97 -8.92
C ALA C 100 14.34 19.12 -8.98
N SER C 101 13.36 18.92 -9.87
CA SER C 101 12.15 19.73 -9.95
C SER C 101 11.03 18.87 -10.49
N ALA C 102 9.79 19.30 -10.24
CA ALA C 102 8.60 18.63 -10.81
C ALA C 102 7.43 19.60 -10.80
N CYS C 103 6.50 19.41 -11.73
CA CYS C 103 5.31 20.20 -11.77
C CYS C 103 4.34 19.57 -12.82
N HIS C 104 3.05 19.83 -12.61
CA HIS C 104 2.01 19.18 -13.35
C HIS C 104 1.39 20.27 -14.22
N ASP C 105 1.32 20.01 -15.53
CA ASP C 105 0.81 21.04 -16.47
C ASP C 105 -0.73 21.04 -16.59
N GLY C 106 -1.40 20.15 -15.85
CA GLY C 106 -2.83 19.87 -15.98
C GLY C 106 -3.17 18.56 -16.65
N ILE C 107 -2.23 18.01 -17.39
CA ILE C 107 -2.41 16.74 -18.06
C ILE C 107 -1.52 15.67 -17.46
N ASN C 108 -0.23 15.93 -17.36
CA ASN C 108 0.71 14.99 -16.75
C ASN C 108 1.81 15.68 -15.94
N TRP C 109 2.49 14.85 -15.14
CA TRP C 109 3.62 15.29 -14.34
C TRP C 109 4.82 15.42 -15.22
N LEU C 110 5.50 16.54 -15.10
CA LEU C 110 6.88 16.71 -15.50
C LEU C 110 7.82 16.53 -14.31
N THR C 111 8.89 15.75 -14.50
CA THR C 111 9.91 15.57 -13.49
C THR C 111 11.24 15.83 -14.11
N ILE C 112 12.14 16.45 -13.32
CA ILE C 112 13.51 16.76 -13.74
C ILE C 112 14.44 16.23 -12.69
N GLY C 113 15.27 15.29 -13.09
CA GLY C 113 16.23 14.64 -12.17
C GLY C 113 17.66 14.76 -12.69
N ILE C 114 18.54 15.42 -11.95
CA ILE C 114 19.98 15.56 -12.33
C ILE C 114 20.77 14.49 -11.63
N SER C 115 21.45 13.63 -12.37
CA SER C 115 22.45 12.75 -11.79
C SER C 115 23.70 12.79 -12.67
N GLY C 116 24.65 11.92 -12.38
CA GLY C 116 25.91 11.92 -13.11
C GLY C 116 27.00 12.59 -12.26
N PRO C 117 28.21 12.73 -12.85
CA PRO C 117 29.37 13.32 -12.13
C PRO C 117 29.33 14.81 -12.00
N ASP C 118 30.13 15.37 -11.11
CA ASP C 118 30.08 16.83 -10.90
C ASP C 118 30.52 17.62 -12.14
N ASN C 119 31.44 17.05 -12.94
CA ASN C 119 31.96 17.77 -14.12
C ASN C 119 31.14 17.57 -15.39
N GLY C 120 30.00 16.87 -15.33
CA GLY C 120 29.19 16.75 -16.55
C GLY C 120 27.83 16.12 -16.29
N ALA C 121 27.13 16.64 -15.29
CA ALA C 121 25.83 16.08 -14.87
C ALA C 121 24.82 16.25 -15.96
N VAL C 122 23.76 15.43 -15.90
CA VAL C 122 22.66 15.42 -16.88
C VAL C 122 21.35 15.43 -16.14
N ALA C 123 20.52 16.40 -16.50
CA ALA C 123 19.17 16.43 -16.16
C ALA C 123 18.38 15.53 -17.11
N VAL C 124 17.63 14.60 -16.52
CA VAL C 124 16.75 13.75 -17.32
C VAL C 124 15.31 14.23 -17.10
N LEU C 125 14.58 14.57 -18.17
CA LEU C 125 13.25 15.04 -18.02
C LEU C 125 12.30 13.87 -18.42
N LYS C 126 11.24 13.75 -17.63
CA LYS C 126 10.16 12.78 -17.83
C LYS C 126 8.82 13.45 -17.87
N TYR C 127 7.94 12.97 -18.76
CA TYR C 127 6.60 13.41 -18.83
C TYR C 127 5.75 12.16 -18.73
N ASN C 128 4.88 12.12 -17.74
CA ASN C 128 4.13 10.90 -17.41
C ASN C 128 5.09 9.70 -17.21
N GLY C 129 6.25 9.95 -16.62
CA GLY C 129 7.22 8.88 -16.31
C GLY C 129 8.10 8.38 -17.45
N ILE C 130 7.90 8.90 -18.66
CA ILE C 130 8.61 8.47 -19.86
C ILE C 130 9.72 9.51 -20.09
N ILE C 131 10.95 9.11 -20.40
CA ILE C 131 12.00 10.08 -20.73
C ILE C 131 11.68 10.82 -22.02
N THR C 132 11.57 12.14 -21.91
CA THR C 132 11.22 13.02 -23.04
C THR C 132 12.36 13.97 -23.45
N ASP C 133 13.31 14.25 -22.56
CA ASP C 133 14.47 15.07 -22.99
C ASP C 133 15.60 14.90 -22.01
N THR C 134 16.79 15.37 -22.40
CA THR C 134 17.90 15.51 -21.44
C THR C 134 18.56 16.83 -21.69
N ILE C 135 19.22 17.33 -20.68
CA ILE C 135 20.12 18.46 -20.87
C ILE C 135 21.37 18.32 -19.99
N LYS C 136 22.54 18.55 -20.58
CA LYS C 136 23.80 18.32 -19.90
C LYS C 136 24.45 19.58 -19.39
N SER C 137 25.24 19.42 -18.34
CA SER C 137 26.04 20.49 -17.80
C SER C 137 26.76 21.20 -18.98
N TRP C 138 26.70 22.53 -18.97
CA TRP C 138 27.37 23.40 -19.99
C TRP C 138 28.56 24.20 -19.39
N ARG C 139 28.82 24.08 -18.08
CA ARG C 139 29.99 24.64 -17.47
C ARG C 139 30.73 23.61 -16.60
N ASN C 140 30.24 22.37 -16.54
CA ASN C 140 30.95 21.27 -15.92
C ASN C 140 31.21 21.46 -14.43
N ASN C 141 30.31 22.12 -13.73
CA ASN C 141 30.46 22.37 -12.34
C ASN C 141 29.10 22.35 -11.65
N VAL C 142 28.65 21.10 -11.44
CA VAL C 142 27.44 20.71 -10.67
C VAL C 142 26.18 21.40 -11.22
N LEU C 143 25.72 20.96 -12.38
CA LEU C 143 24.45 21.41 -12.88
C LEU C 143 23.40 21.16 -11.77
N ARG C 144 22.64 22.19 -11.44
CA ARG C 144 21.70 22.11 -10.33
C ARG C 144 20.46 22.89 -10.62
N THR C 145 19.34 22.47 -10.03
CA THR C 145 18.06 23.11 -10.29
C THR C 145 17.27 23.43 -8.98
N GLN C 146 15.98 23.66 -9.11
CA GLN C 146 15.21 24.35 -8.08
C GLN C 146 15.12 23.71 -6.71
N GLU C 147 14.97 22.40 -6.68
CA GLU C 147 14.58 21.69 -5.46
C GLU C 147 13.22 22.19 -4.96
N SER C 148 12.36 22.56 -5.91
CA SER C 148 10.99 22.88 -5.66
C SER C 148 10.28 22.86 -7.02
N GLU C 149 8.99 23.09 -6.96
CA GLU C 149 8.14 22.88 -8.13
C GLU C 149 8.48 23.84 -9.20
N CYS C 150 8.46 23.31 -10.41
CA CYS C 150 8.44 24.20 -11.57
C CYS C 150 7.04 24.85 -11.75
N ALA C 151 6.87 25.75 -12.73
CA ALA C 151 5.64 26.53 -12.81
C ALA C 151 5.10 26.43 -14.21
N CYS C 152 3.78 26.30 -14.31
CA CYS C 152 3.10 26.02 -15.57
C CYS C 152 2.01 27.03 -15.89
N VAL C 153 1.96 27.40 -17.19
CA VAL C 153 1.01 28.36 -17.76
C VAL C 153 0.67 27.85 -19.15
N ASN C 154 -0.59 27.49 -19.32
CA ASN C 154 -1.15 27.14 -20.63
C ASN C 154 -0.35 26.07 -21.39
N GLY C 155 0.00 25.01 -20.69
CA GLY C 155 0.68 23.87 -21.29
C GLY C 155 2.18 23.95 -21.43
N SER C 156 2.77 25.08 -21.06
CA SER C 156 4.22 25.20 -20.94
C SER C 156 4.61 25.29 -19.46
N CYS C 157 5.69 24.62 -19.12
CA CYS C 157 6.26 24.65 -17.79
C CYS C 157 7.68 25.24 -17.85
N PHE C 158 8.03 25.97 -16.78
CA PHE C 158 9.26 26.73 -16.69
C PHE C 158 10.06 26.39 -15.45
N THR C 159 11.39 26.36 -15.61
CA THR C 159 12.34 26.14 -14.50
C THR C 159 13.62 26.94 -14.79
N VAL C 160 14.45 27.04 -13.77
CA VAL C 160 15.75 27.66 -13.82
C VAL C 160 16.77 26.61 -13.40
N MET C 161 17.93 26.60 -14.05
CA MET C 161 19.08 25.79 -13.65
C MET C 161 20.35 26.64 -13.68
N THR C 162 21.27 26.27 -12.83
CA THR C 162 22.51 26.99 -12.62
C THR C 162 23.65 26.02 -12.82
N ASP C 163 24.74 26.54 -13.33
CA ASP C 163 25.94 25.72 -13.56
C ASP C 163 27.16 26.60 -13.35
N GLY C 164 28.11 26.13 -12.53
CA GLY C 164 29.30 26.90 -12.21
C GLY C 164 29.60 26.88 -10.72
N PRO C 165 30.53 27.77 -10.28
CA PRO C 165 30.86 27.87 -8.88
C PRO C 165 29.71 28.33 -7.99
N SER C 166 29.80 27.97 -6.70
CA SER C 166 28.85 28.43 -5.68
C SER C 166 29.39 29.55 -4.79
N ASN C 167 30.64 30.00 -5.05
CA ASN C 167 31.26 31.12 -4.27
C ASN C 167 31.72 32.31 -5.15
N GLY C 168 31.06 32.46 -6.29
CA GLY C 168 31.40 33.48 -7.25
C GLY C 168 30.34 33.49 -8.35
N GLN C 169 30.60 34.27 -9.37
CA GLN C 169 29.73 34.29 -10.60
C GLN C 169 29.54 32.92 -11.22
N ALA C 170 28.27 32.54 -11.45
CA ALA C 170 27.96 31.31 -12.14
C ALA C 170 27.09 31.66 -13.31
N SER C 171 26.66 30.62 -14.01
CA SER C 171 25.76 30.75 -15.16
C SER C 171 24.36 30.26 -14.79
N TYR C 172 23.34 30.97 -15.31
CA TYR C 172 21.93 30.73 -14.95
C TYR C 172 21.10 30.66 -16.23
N LYS C 173 20.38 29.55 -16.43
CA LYS C 173 19.53 29.38 -17.60
CA LYS C 173 19.53 29.38 -17.60
C LYS C 173 18.05 29.23 -17.22
N ILE C 174 17.16 29.80 -18.03
CA ILE C 174 15.71 29.67 -17.86
C ILE C 174 15.26 28.76 -19.01
N PHE C 175 14.36 27.82 -18.74
CA PHE C 175 13.83 26.86 -19.72
C PHE C 175 12.34 26.90 -19.85
N ARG C 176 11.84 26.78 -21.09
CA ARG C 176 10.42 26.56 -21.36
C ARG C 176 10.32 25.13 -21.81
N ILE C 177 9.43 24.34 -21.17
CA ILE C 177 9.29 22.91 -21.44
C ILE C 177 7.81 22.62 -21.81
N GLU C 178 7.57 21.86 -22.89
CA GLU C 178 6.24 21.43 -23.28
C GLU C 178 6.25 19.92 -23.49
N LYS C 179 5.36 19.23 -22.76
CA LYS C 179 5.27 17.78 -22.72
C LYS C 179 6.64 17.15 -22.50
N GLY C 180 7.39 17.75 -21.58
CA GLY C 180 8.67 17.24 -21.17
C GLY C 180 9.82 17.47 -22.13
N LYS C 181 9.58 18.26 -23.17
CA LYS C 181 10.56 18.58 -24.21
C LYS C 181 10.99 20.05 -23.99
N ILE C 182 12.29 20.30 -23.93
CA ILE C 182 12.77 21.69 -23.88
C ILE C 182 12.54 22.28 -25.28
N VAL C 183 11.72 23.33 -25.31
CA VAL C 183 11.42 24.05 -26.54
C VAL C 183 12.14 25.39 -26.65
N LYS C 184 12.65 25.90 -25.53
CA LYS C 184 13.45 27.11 -25.55
C LYS C 184 14.18 27.24 -24.23
N SER C 185 15.36 27.84 -24.30
CA SER C 185 16.18 28.21 -23.12
C SER C 185 16.95 29.48 -23.45
N VAL C 186 17.23 30.28 -22.42
CA VAL C 186 18.06 31.46 -22.57
C VAL C 186 19.00 31.49 -21.42
N GLU C 187 20.19 32.01 -21.64
CA GLU C 187 21.14 32.22 -20.56
C GLU C 187 20.99 33.64 -20.09
N MET C 188 20.92 33.84 -18.77
CA MET C 188 20.61 35.14 -18.21
C MET C 188 21.84 35.98 -18.25
N ASN C 189 21.68 37.25 -18.63
CA ASN C 189 22.73 38.28 -18.48
C ASN C 189 22.52 38.79 -17.07
N ALA C 190 23.38 38.37 -16.15
CA ALA C 190 23.20 38.72 -14.74
C ALA C 190 24.54 38.91 -14.02
N PRO C 191 25.33 39.91 -14.45
CA PRO C 191 26.63 40.15 -13.85
C PRO C 191 26.46 40.64 -12.43
N ASN C 192 27.23 40.02 -11.56
CA ASN C 192 27.29 40.34 -10.14
C ASN C 192 26.06 39.84 -9.37
N TYR C 193 25.19 39.07 -10.03
CA TYR C 193 24.02 38.42 -9.39
C TYR C 193 24.33 36.93 -9.30
N TYR C 194 23.60 36.25 -8.41
CA TYR C 194 23.74 34.80 -8.27
C TYR C 194 22.39 34.18 -7.95
N TYR C 195 22.03 33.15 -8.70
CA TYR C 195 20.73 32.48 -8.58
C TYR C 195 20.94 31.00 -8.42
N GLU C 196 20.34 30.40 -7.40
CA GLU C 196 20.18 28.93 -7.37
C GLU C 196 18.97 28.56 -6.53
N GLU C 197 18.51 27.34 -6.67
CA GLU C 197 17.41 26.84 -5.86
C GLU C 197 16.22 27.81 -5.89
N CYS C 198 15.83 28.19 -7.11
CA CYS C 198 14.71 29.12 -7.31
C CYS C 198 13.35 28.57 -6.90
N SER C 199 12.56 29.39 -6.20
CA SER C 199 11.18 29.00 -5.93
C SER C 199 10.36 29.83 -6.92
N CYS C 200 9.81 29.15 -7.92
CA CYS C 200 9.08 29.79 -9.03
C CYS C 200 7.57 29.48 -8.99
N TYR C 201 6.79 30.52 -9.26
CA TYR C 201 5.33 30.40 -9.28
C TYR C 201 4.75 31.19 -10.45
N PRO C 202 3.60 30.74 -10.92
CA PRO C 202 2.91 31.52 -11.92
C PRO C 202 2.00 32.59 -11.29
N ASP C 203 1.83 33.70 -12.01
CA ASP C 203 0.99 34.82 -11.58
C ASP C 203 0.64 35.59 -12.85
N SER C 204 -0.65 35.63 -13.23
CA SER C 204 -1.09 36.36 -14.43
C SER C 204 -0.25 36.06 -15.66
N SER C 205 -0.11 34.77 -15.98
CA SER C 205 0.58 34.25 -17.18
C SER C 205 2.08 34.47 -17.23
N GLU C 206 2.68 34.99 -16.15
CA GLU C 206 4.10 35.16 -16.10
C GLU C 206 4.65 34.44 -14.85
N ILE C 207 5.95 34.21 -14.84
CA ILE C 207 6.56 33.40 -13.78
C ILE C 207 7.41 34.34 -12.97
N THR C 208 7.41 34.17 -11.64
CA THR C 208 8.30 34.95 -10.78
C THR C 208 9.01 33.91 -9.98
N CYS C 209 10.34 34.01 -9.96
CA CYS C 209 11.22 33.18 -9.16
C CYS C 209 11.96 34.02 -8.15
N VAL C 210 12.06 33.53 -6.91
CA VAL C 210 12.84 34.07 -5.82
C VAL C 210 13.82 33.01 -5.42
N CYS C 211 15.10 33.34 -5.39
CA CYS C 211 16.16 32.35 -5.31
C CYS C 211 17.18 32.60 -4.17
N ARG C 212 18.29 31.88 -4.24
CA ARG C 212 19.35 31.94 -3.26
C ARG C 212 20.62 32.49 -3.88
N ASP C 213 21.11 33.63 -3.35
CA ASP C 213 22.44 34.16 -3.69
C ASP C 213 23.45 33.56 -2.71
N ASN C 214 24.15 32.52 -3.12
CA ASN C 214 25.19 31.87 -2.29
C ASN C 214 26.54 32.59 -2.29
N TRP C 215 26.69 33.49 -3.25
CA TRP C 215 27.92 34.27 -3.45
C TRP C 215 28.05 35.46 -2.48
N HIS C 216 27.14 36.41 -2.56
CA HIS C 216 27.35 37.67 -1.87
C HIS C 216 26.16 38.50 -1.58
N GLY C 217 25.04 37.83 -1.26
CA GLY C 217 23.77 38.47 -1.05
C GLY C 217 23.02 37.82 0.10
N SER C 218 22.67 38.65 1.10
CA SER C 218 21.90 38.21 2.24
C SER C 218 20.42 38.51 2.05
N ASN C 219 20.09 39.35 1.06
CA ASN C 219 18.74 39.45 0.51
C ASN C 219 18.63 38.48 -0.65
N ARG C 220 17.39 38.26 -1.15
CA ARG C 220 17.19 37.24 -2.22
C ARG C 220 17.08 37.87 -3.58
N PRO C 221 17.72 37.24 -4.54
CA PRO C 221 17.54 37.64 -5.98
C PRO C 221 16.18 37.16 -6.51
N TRP C 222 15.64 37.86 -7.51
CA TRP C 222 14.44 37.43 -8.20
C TRP C 222 14.65 37.58 -9.69
N VAL C 223 13.92 36.75 -10.43
CA VAL C 223 13.87 36.88 -11.89
C VAL C 223 12.44 36.58 -12.27
N SER C 224 11.88 37.39 -13.18
CA SER C 224 10.53 37.15 -13.61
C SER C 224 10.58 37.14 -15.14
N PHE C 225 9.68 36.39 -15.75
CA PHE C 225 9.70 36.25 -17.22
C PHE C 225 8.40 35.83 -17.80
N ASN C 226 8.25 36.11 -19.09
CA ASN C 226 7.04 35.74 -19.80
C ASN C 226 7.27 34.41 -20.54
N GLN C 227 6.23 33.95 -21.21
CA GLN C 227 6.25 32.66 -21.91
C GLN C 227 7.33 32.58 -22.97
N ASN C 228 7.77 33.74 -23.49
CA ASN C 228 8.92 33.86 -24.42
C ASN C 228 10.30 33.93 -23.73
N LEU C 229 10.36 33.79 -22.39
CA LEU C 229 11.62 33.86 -21.63
C LEU C 229 12.30 35.26 -21.72
N GLU C 230 11.50 36.30 -21.96
CA GLU C 230 11.97 37.66 -21.83
C GLU C 230 11.86 37.95 -20.34
N TYR C 231 12.96 38.37 -19.74
CA TYR C 231 13.06 38.37 -18.28
C TYR C 231 13.47 39.72 -17.68
N GLN C 232 13.14 39.90 -16.41
CA GLN C 232 13.58 41.04 -15.65
C GLN C 232 14.23 40.49 -14.44
N ILE C 233 15.21 41.25 -13.90
CA ILE C 233 15.96 40.78 -12.70
C ILE C 233 16.08 41.88 -11.66
N GLY C 234 16.36 41.47 -10.43
CA GLY C 234 16.43 42.38 -9.31
C GLY C 234 16.66 41.57 -8.05
N TYR C 235 16.81 42.24 -6.91
CA TYR C 235 16.85 41.57 -5.58
C TYR C 235 15.74 42.19 -4.74
N ILE C 236 15.30 41.47 -3.71
CA ILE C 236 14.26 41.96 -2.83
C ILE C 236 14.91 43.12 -2.04
N CYS C 237 14.24 44.27 -2.07
CA CYS C 237 14.79 45.54 -1.58
C CYS C 237 14.64 45.66 -0.09
N SER C 238 13.65 44.98 0.47
CA SER C 238 13.38 45.09 1.87
C SER C 238 14.60 44.85 2.76
N GLY C 239 14.72 45.70 3.78
CA GLY C 239 15.68 45.54 4.85
C GLY C 239 15.36 44.42 5.81
N ILE C 240 14.20 43.78 5.61
CA ILE C 240 13.91 42.50 6.23
C ILE C 240 14.60 41.42 5.42
N PHE C 241 15.86 41.15 5.73
CA PHE C 241 16.68 40.29 4.86
C PHE C 241 16.16 38.86 4.89
N GLY C 242 16.10 38.24 3.70
CA GLY C 242 15.46 36.93 3.58
C GLY C 242 16.33 35.68 3.66
N ASP C 243 17.66 35.79 3.44
CA ASP C 243 18.51 34.59 3.35
C ASP C 243 18.94 34.21 4.79
N ASN C 244 19.60 33.07 4.87
CA ASN C 244 20.32 32.61 6.05
C ASN C 244 21.68 32.08 5.57
N PRO C 245 22.79 32.66 6.02
CA PRO C 245 22.84 33.70 7.04
C PRO C 245 22.46 35.07 6.51
N ARG C 246 22.42 36.02 7.42
CA ARG C 246 22.12 37.39 7.12
C ARG C 246 22.51 38.27 8.27
N PRO C 247 22.48 39.58 8.05
CA PRO C 247 22.63 40.48 9.17
C PRO C 247 21.32 40.72 9.84
N ASN C 248 21.38 41.36 11.01
CA ASN C 248 20.16 41.89 11.59
C ASN C 248 19.53 42.89 10.63
N ASP C 249 18.22 43.07 10.76
CA ASP C 249 17.47 43.90 9.80
C ASP C 249 17.91 45.36 9.91
N LYS C 250 18.15 45.98 8.77
CA LYS C 250 18.53 47.40 8.68
C LYS C 250 18.10 47.87 7.28
N THR C 251 18.68 48.94 6.76
CA THR C 251 18.35 49.39 5.43
C THR C 251 18.80 48.41 4.39
N GLY C 252 17.91 48.05 3.49
CA GLY C 252 18.20 47.00 2.53
C GLY C 252 18.78 47.59 1.28
N SER C 253 18.83 46.77 0.25
CA SER C 253 19.27 47.22 -1.06
C SER C 253 18.51 46.49 -2.15
N CYS C 254 18.39 47.15 -3.31
CA CYS C 254 17.81 46.56 -4.50
C CYS C 254 18.86 45.76 -5.31
N GLY C 255 20.15 45.88 -4.96
CA GLY C 255 21.20 44.96 -5.38
C GLY C 255 21.55 43.97 -4.27
N PRO C 256 22.47 43.02 -4.53
CA PRO C 256 22.82 42.12 -3.46
C PRO C 256 23.42 42.84 -2.24
N VAL C 257 22.97 42.43 -1.06
CA VAL C 257 23.49 42.91 0.23
C VAL C 257 24.66 42.06 0.62
N SER C 258 25.87 42.65 0.55
CA SER C 258 27.09 41.87 0.77
C SER C 258 27.28 41.46 2.22
N SER C 259 26.80 42.26 3.18
CA SER C 259 26.93 41.90 4.61
C SER C 259 26.30 40.55 4.91
N ASN C 260 27.12 39.63 5.44
CA ASN C 260 26.74 38.23 5.68
C ASN C 260 26.20 37.50 4.42
N GLY C 261 26.60 37.97 3.24
CA GLY C 261 26.03 37.52 1.97
C GLY C 261 26.47 36.15 1.46
N ALA C 262 27.68 35.73 1.78
CA ALA C 262 28.15 34.41 1.39
C ALA C 262 27.32 33.31 2.08
N ASN C 263 27.28 32.13 1.45
CA ASN C 263 26.48 30.97 1.85
C ASN C 263 24.97 31.32 1.71
N GLY C 264 24.11 30.45 2.21
CA GLY C 264 22.69 30.69 2.03
C GLY C 264 21.82 29.54 2.43
N VAL C 265 20.52 29.67 2.11
CA VAL C 265 19.54 28.60 2.27
C VAL C 265 18.46 28.77 1.20
N LYS C 266 17.95 27.67 0.66
CA LYS C 266 16.80 27.77 -0.25
C LYS C 266 15.63 28.37 0.50
N GLY C 267 15.03 29.38 -0.14
CA GLY C 267 13.82 30.01 0.33
C GLY C 267 12.93 30.55 -0.76
N PHE C 268 11.94 31.33 -0.36
CA PHE C 268 10.89 31.79 -1.30
C PHE C 268 10.35 33.14 -0.77
N SER C 269 9.64 33.84 -1.65
CA SER C 269 8.78 34.96 -1.23
C SER C 269 7.71 35.17 -2.31
N PHE C 270 6.65 35.89 -1.97
CA PHE C 270 5.55 36.15 -2.93
C PHE C 270 5.42 37.64 -3.08
N LYS C 271 5.42 38.11 -4.34
CA LYS C 271 5.25 39.51 -4.70
C LYS C 271 3.77 39.86 -4.88
N TYR C 272 3.38 41.00 -4.31
CA TYR C 272 2.05 41.54 -4.40
C TYR C 272 2.21 43.07 -4.65
N GLY C 273 2.27 43.46 -5.90
CA GLY C 273 2.66 44.83 -6.27
C GLY C 273 4.02 45.20 -5.70
N ASN C 274 4.06 46.24 -4.87
CA ASN C 274 5.29 46.67 -4.25
C ASN C 274 5.49 45.93 -2.94
N GLY C 275 4.50 45.12 -2.52
CA GLY C 275 4.66 44.39 -1.26
C GLY C 275 5.18 42.98 -1.44
N VAL C 276 5.51 42.37 -0.32
CA VAL C 276 6.08 41.02 -0.33
C VAL C 276 5.76 40.26 0.95
N TRP C 277 5.38 39.00 0.77
CA TRP C 277 5.34 38.01 1.84
C TRP C 277 6.66 37.32 1.81
N ILE C 278 7.42 37.47 2.90
CA ILE C 278 8.74 36.85 3.09
C ILE C 278 8.65 35.70 4.09
N GLY C 279 9.06 34.50 3.68
CA GLY C 279 9.38 33.44 4.61
C GLY C 279 10.88 33.38 4.92
N ARG C 280 11.24 33.29 6.20
CA ARG C 280 12.65 33.20 6.55
C ARG C 280 12.83 32.49 7.87
N THR C 281 14.08 32.10 8.13
CA THR C 281 14.45 31.54 9.41
C THR C 281 14.30 32.64 10.44
N LYS C 282 14.27 32.27 11.73
CA LYS C 282 14.26 33.29 12.79
C LYS C 282 15.69 33.66 13.20
N SER C 283 16.62 32.68 13.21
CA SER C 283 18.05 32.95 13.45
C SER C 283 18.67 33.62 12.24
N ILE C 284 19.57 34.57 12.51
CA ILE C 284 20.37 35.18 11.45
C ILE C 284 21.59 34.37 11.02
N SER C 285 21.95 33.34 11.78
CA SER C 285 23.20 32.61 11.51
C SER C 285 23.07 31.12 11.27
N SER C 286 21.95 30.53 11.69
CA SER C 286 21.74 29.11 11.43
C SER C 286 20.30 28.82 11.06
N ARG C 287 20.07 27.59 10.61
CA ARG C 287 18.78 27.19 10.04
C ARG C 287 17.88 26.79 11.20
N ASN C 288 17.45 27.81 11.94
CA ASN C 288 16.61 27.68 13.12
C ASN C 288 15.46 28.63 13.06
N GLY C 289 14.27 28.10 13.35
CA GLY C 289 13.06 28.90 13.37
C GLY C 289 12.54 29.19 11.96
N PHE C 290 11.32 29.68 11.92
CA PHE C 290 10.72 30.12 10.68
C PHE C 290 9.57 31.07 10.95
N GLU C 291 9.46 32.08 10.09
CA GLU C 291 8.44 33.06 10.23
C GLU C 291 8.03 33.59 8.87
N MET C 292 6.80 34.08 8.79
CA MET C 292 6.25 34.73 7.62
C MET C 292 5.99 36.19 7.92
N ILE C 293 6.49 37.04 7.07
CA ILE C 293 6.42 38.50 7.29
C ILE C 293 5.79 39.11 6.05
N TRP C 294 4.78 39.94 6.27
CA TRP C 294 4.22 40.80 5.27
C TRP C 294 4.81 42.21 5.42
N ASP C 295 5.44 42.66 4.35
CA ASP C 295 6.04 43.95 4.24
C ASP C 295 5.44 44.62 3.02
N PRO C 296 4.48 45.55 3.24
CA PRO C 296 3.68 46.10 2.14
C PRO C 296 4.47 46.94 1.10
N ASN C 297 5.68 47.36 1.43
CA ASN C 297 6.53 47.98 0.38
C ASN C 297 7.89 47.30 0.21
N GLY C 298 7.99 46.04 0.68
CA GLY C 298 9.26 45.33 0.69
C GLY C 298 9.84 44.86 -0.64
N TRP C 299 9.03 44.72 -1.69
CA TRP C 299 9.61 44.27 -2.97
C TRP C 299 10.53 45.38 -3.51
N THR C 300 10.08 46.64 -3.43
CA THR C 300 10.78 47.78 -4.03
C THR C 300 11.39 48.79 -3.04
N GLY C 301 10.93 48.77 -1.78
CA GLY C 301 11.40 49.72 -0.73
C GLY C 301 12.40 49.09 0.21
N THR C 302 13.35 49.89 0.71
CA THR C 302 14.52 49.38 1.43
C THR C 302 14.45 49.47 2.96
N ASP C 303 13.42 50.11 3.49
CA ASP C 303 13.25 50.19 4.93
C ASP C 303 13.07 48.79 5.56
N ASN C 304 13.29 48.70 6.88
CA ASN C 304 13.13 47.44 7.64
C ASN C 304 11.83 47.42 8.45
N ASN C 305 10.80 48.12 7.98
CA ASN C 305 9.51 48.13 8.64
C ASN C 305 8.66 47.11 7.94
N PHE C 306 7.85 46.40 8.73
CA PHE C 306 6.91 45.43 8.17
C PHE C 306 5.61 45.57 8.91
N SER C 307 4.54 44.94 8.40
CA SER C 307 3.26 45.16 9.04
C SER C 307 2.66 43.94 9.72
N ILE C 308 3.09 42.72 9.35
CA ILE C 308 2.57 41.49 9.97
C ILE C 308 3.68 40.45 10.08
N LYS C 309 3.75 39.79 11.23
CA LYS C 309 4.58 38.62 11.42
C LYS C 309 3.76 37.47 11.99
N GLN C 310 3.98 36.29 11.43
CA GLN C 310 3.30 35.04 11.84
C GLN C 310 4.36 33.99 12.08
N ASP C 311 4.48 33.55 13.34
CA ASP C 311 5.44 32.52 13.68
C ASP C 311 5.05 31.19 13.11
N ILE C 312 6.06 30.41 12.71
CA ILE C 312 5.82 29.07 12.10
C ILE C 312 6.61 27.97 12.85
N VAL C 313 7.88 28.19 13.09
CA VAL C 313 8.76 27.33 13.89
C VAL C 313 9.55 28.21 14.87
N GLY C 314 9.66 27.78 16.13
CA GLY C 314 10.25 28.67 17.12
C GLY C 314 11.76 28.78 16.92
N ILE C 315 12.34 29.86 17.43
CA ILE C 315 13.74 30.17 17.19
C ILE C 315 14.72 29.10 17.68
N ASN C 316 14.40 28.37 18.74
CA ASN C 316 15.29 27.30 19.22
C ASN C 316 15.06 25.93 18.55
N GLU C 317 14.26 25.87 17.49
CA GLU C 317 13.96 24.63 16.80
C GLU C 317 14.57 24.59 15.42
N TRP C 318 14.94 23.40 14.97
CA TRP C 318 15.54 23.23 13.63
C TRP C 318 14.57 23.55 12.51
N SER C 319 15.07 24.31 11.54
CA SER C 319 14.35 24.51 10.30
C SER C 319 15.28 24.10 9.16
N GLY C 320 15.18 24.76 7.99
CA GLY C 320 15.89 24.27 6.86
C GLY C 320 15.41 25.00 5.61
N TYR C 321 15.47 24.32 4.52
CA TYR C 321 14.94 24.83 3.24
C TYR C 321 13.42 25.21 3.32
N SER C 322 12.95 26.11 2.43
CA SER C 322 11.51 26.38 2.26
C SER C 322 11.28 26.66 0.82
N GLY C 323 10.06 26.47 0.35
CA GLY C 323 9.76 26.82 -1.03
C GLY C 323 8.29 27.08 -1.15
N SER C 324 7.96 27.73 -2.28
CA SER C 324 6.61 27.98 -2.65
C SER C 324 6.04 26.76 -3.37
N PHE C 325 4.73 26.61 -3.17
CA PHE C 325 3.83 25.90 -4.10
C PHE C 325 2.49 26.57 -4.27
N VAL C 326 1.84 26.29 -5.39
CA VAL C 326 0.56 26.94 -5.66
C VAL C 326 -0.55 25.93 -5.84
N GLN C 327 -1.76 26.38 -5.58
CA GLN C 327 -2.94 25.62 -5.92
C GLN C 327 -3.70 26.44 -6.94
N HIS C 328 -3.75 25.92 -8.15
CA HIS C 328 -4.40 26.61 -9.28
C HIS C 328 -5.93 26.54 -9.12
N PRO C 329 -6.67 27.48 -9.75
CA PRO C 329 -8.14 27.40 -9.73
C PRO C 329 -8.73 26.10 -10.26
N GLU C 330 -8.04 25.39 -11.14
CA GLU C 330 -8.52 24.08 -11.62
C GLU C 330 -8.61 23.04 -10.49
N LEU C 331 -7.77 23.20 -9.46
CA LEU C 331 -7.81 22.35 -8.25
C LEU C 331 -8.83 22.83 -7.19
N THR C 332 -8.81 24.12 -6.88
CA THR C 332 -9.58 24.73 -5.79
C THR C 332 -10.99 25.24 -6.13
N GLY C 333 -11.26 25.52 -7.39
CA GLY C 333 -12.46 26.29 -7.73
C GLY C 333 -12.44 27.78 -7.37
N LEU C 334 -11.30 28.30 -6.92
CA LEU C 334 -11.15 29.73 -6.70
C LEU C 334 -10.99 30.43 -8.03
N ASP C 335 -10.96 31.75 -7.98
CA ASP C 335 -10.73 32.62 -9.16
C ASP C 335 -9.29 33.18 -9.23
N CYS C 336 -8.41 32.61 -8.41
CA CYS C 336 -7.07 33.11 -8.25
C CYS C 336 -6.15 31.95 -7.91
N ILE C 337 -4.87 32.15 -8.14
CA ILE C 337 -3.85 31.11 -7.83
C ILE C 337 -3.49 31.21 -6.35
N ARG C 338 -3.66 30.13 -5.57
CA ARG C 338 -3.47 30.22 -4.12
C ARG C 338 -2.00 30.01 -3.75
N PRO C 339 -1.39 30.90 -2.99
CA PRO C 339 0.00 30.67 -2.60
C PRO C 339 0.04 29.76 -1.39
N CYS C 340 0.99 28.81 -1.39
CA CYS C 340 1.24 27.97 -0.24
C CYS C 340 2.77 27.87 -0.07
N PHE C 341 3.21 27.27 1.04
CA PHE C 341 4.63 27.04 1.22
C PHE C 341 4.92 25.85 2.11
N TRP C 342 6.11 25.29 1.95
CA TRP C 342 6.57 24.17 2.80
C TRP C 342 7.85 24.60 3.49
N VAL C 343 8.16 23.97 4.64
CA VAL C 343 9.44 24.16 5.28
C VAL C 343 9.95 22.76 5.54
N GLU C 344 11.23 22.55 5.18
CA GLU C 344 11.99 21.36 5.56
C GLU C 344 12.61 21.64 6.94
N LEU C 345 12.50 20.65 7.84
CA LEU C 345 13.02 20.71 9.20
C LEU C 345 14.15 19.68 9.24
N ILE C 346 15.40 20.18 9.11
CA ILE C 346 16.57 19.33 8.91
C ILE C 346 17.06 18.84 10.28
N ARG C 347 17.28 17.53 10.40
CA ARG C 347 17.82 16.94 11.61
C ARG C 347 19.11 16.19 11.34
N GLY C 348 19.99 16.14 12.35
CA GLY C 348 21.21 15.38 12.26
C GLY C 348 22.41 16.26 11.94
N ARG C 349 23.29 15.76 11.10
CA ARG C 349 24.49 16.54 10.75
C ARG C 349 24.19 17.79 9.92
N PRO C 350 24.95 18.88 10.14
CA PRO C 350 26.18 18.90 10.95
C PRO C 350 25.98 19.32 12.41
N LYS C 351 24.73 19.65 12.77
CA LYS C 351 24.48 20.28 14.06
C LYS C 351 24.32 19.32 15.22
N GLU C 352 23.99 18.07 14.96
CA GLU C 352 23.72 17.09 16.00
C GLU C 352 24.63 15.90 15.88
N ASN C 353 24.77 15.17 16.99
CA ASN C 353 25.67 14.03 17.07
C ASN C 353 25.11 12.72 16.49
N THR C 354 24.86 12.75 15.20
CA THR C 354 24.37 11.61 14.49
C THR C 354 25.34 11.28 13.38
N ILE C 355 25.09 10.14 12.74
CA ILE C 355 25.85 9.71 11.57
C ILE C 355 25.15 10.13 10.27
N TRP C 356 23.95 10.66 10.43
CA TRP C 356 23.05 10.91 9.30
C TRP C 356 22.49 12.33 9.34
N THR C 357 21.89 12.73 8.21
CA THR C 357 21.15 13.96 8.06
C THR C 357 19.83 13.62 7.32
N SER C 358 18.70 14.11 7.83
CA SER C 358 17.40 13.89 7.17
C SER C 358 16.42 14.96 7.60
N GLY C 359 15.36 15.19 6.83
CA GLY C 359 14.39 16.20 7.22
C GLY C 359 13.00 15.62 7.26
N SER C 360 12.14 16.29 8.00
CA SER C 360 10.71 16.18 7.88
C SER C 360 10.16 17.52 7.29
N SER C 361 8.82 17.64 7.23
CA SER C 361 8.26 18.81 6.61
C SER C 361 6.97 19.23 7.27
N ILE C 362 6.66 20.49 7.00
CA ILE C 362 5.43 21.14 7.36
C ILE C 362 5.07 21.96 6.10
N SER C 363 3.76 22.15 5.91
CA SER C 363 3.30 23.12 4.88
C SER C 363 2.03 23.91 5.32
N PHE C 364 1.79 25.06 4.67
CA PHE C 364 0.75 26.03 5.00
C PHE C 364 0.15 26.54 3.67
N CYS C 365 -1.11 26.89 3.68
CA CYS C 365 -1.71 27.61 2.55
C CYS C 365 -2.22 28.96 2.99
N GLY C 366 -2.14 29.88 2.03
CA GLY C 366 -2.56 31.25 2.30
C GLY C 366 -4.05 31.39 2.31
N VAL C 367 -4.56 32.09 3.31
CA VAL C 367 -5.99 32.32 3.45
C VAL C 367 -6.24 33.81 3.82
N ASN C 368 -7.50 34.22 3.74
CA ASN C 368 -7.93 35.50 4.33
C ASN C 368 -8.79 35.39 5.56
N SER C 369 -8.85 34.21 6.14
CA SER C 369 -9.64 34.00 7.31
C SER C 369 -8.63 34.01 8.47
N ASP C 370 -9.12 33.76 9.67
CA ASP C 370 -8.29 33.88 10.84
C ASP C 370 -7.24 32.78 10.87
N THR C 371 -6.05 33.17 11.34
CA THR C 371 -4.92 32.27 11.52
C THR C 371 -4.20 32.53 12.85
N VAL C 372 -3.19 31.71 13.14
CA VAL C 372 -2.37 31.92 14.34
C VAL C 372 -0.91 31.49 14.15
N GLY C 373 -0.01 32.22 14.77
CA GLY C 373 1.36 31.81 14.83
C GLY C 373 1.51 30.76 15.93
N TRP C 374 2.40 29.80 15.73
CA TRP C 374 2.84 28.88 16.77
C TRP C 374 4.18 28.30 16.34
N SER C 375 4.54 27.16 16.88
CA SER C 375 5.69 26.42 16.45
C SER C 375 5.26 24.99 16.19
N TRP C 376 5.42 24.54 14.95
CA TRP C 376 5.26 23.10 14.58
C TRP C 376 6.68 22.53 14.16
N PRO C 377 7.53 22.11 15.12
CA PRO C 377 8.90 21.67 14.86
C PRO C 377 8.94 20.23 14.57
N ASP C 378 10.14 19.72 14.30
CA ASP C 378 10.28 18.33 13.89
C ASP C 378 9.87 17.33 14.97
N GLY C 379 10.43 17.55 16.16
CA GLY C 379 9.99 16.76 17.31
C GLY C 379 10.75 15.47 17.59
N ALA C 380 11.67 15.06 16.74
CA ALA C 380 12.42 13.85 16.98
C ALA C 380 13.44 14.09 18.11
N GLU C 381 13.83 13.03 18.82
CA GLU C 381 14.76 13.11 19.94
C GLU C 381 15.97 12.38 19.44
N LEU C 382 17.04 13.12 19.20
CA LEU C 382 18.30 12.60 18.70
C LEU C 382 19.29 12.52 19.86
N PRO C 383 20.33 11.70 19.73
CA PRO C 383 20.55 10.77 18.62
C PRO C 383 19.61 9.54 18.63
N PHE C 384 19.73 8.75 17.57
CA PHE C 384 18.92 7.54 17.40
C PHE C 384 19.75 6.30 17.72
N THR C 385 19.07 5.16 17.70
CA THR C 385 19.69 3.85 18.00
C THR C 385 20.97 3.60 17.17
N ILE C 386 20.92 3.91 15.87
CA ILE C 386 22.03 3.64 14.98
C ILE C 386 23.27 4.51 15.19
N ASP C 387 23.12 5.62 15.90
CA ASP C 387 24.19 6.59 16.10
C ASP C 387 25.11 6.13 17.23
N SER D 1 -8.34 0.09 -25.14
CA SER D 1 -7.36 -1.03 -24.95
C SER D 1 -7.10 -1.78 -26.27
N VAL D 2 -5.88 -1.65 -26.80
CA VAL D 2 -5.57 -2.16 -28.13
C VAL D 2 -4.22 -2.85 -28.14
N LYS D 3 -4.12 -3.83 -29.03
CA LYS D 3 -2.92 -4.63 -29.16
C LYS D 3 -1.77 -3.74 -29.57
N LEU D 4 -0.60 -3.96 -28.98
CA LEU D 4 0.60 -3.31 -29.45
C LEU D 4 0.88 -3.78 -30.88
N ALA D 5 1.13 -2.84 -31.78
CA ALA D 5 1.32 -3.16 -33.20
C ALA D 5 2.64 -3.87 -33.43
N GLY D 6 3.70 -3.30 -32.88
CA GLY D 6 5.04 -3.85 -32.98
C GLY D 6 5.65 -3.82 -34.37
N ASN D 7 5.16 -2.92 -35.22
CA ASN D 7 5.58 -2.95 -36.60
C ASN D 7 6.54 -1.85 -36.99
N SER D 8 6.86 -0.93 -36.07
CA SER D 8 7.79 0.15 -36.36
C SER D 8 9.19 -0.36 -36.08
N SER D 9 10.21 0.41 -36.46
CA SER D 9 11.57 -0.04 -36.24
C SER D 9 12.05 0.47 -34.89
N LEU D 10 13.16 -0.09 -34.41
CA LEU D 10 13.87 0.45 -33.21
C LEU D 10 14.32 1.88 -33.45
N CYS D 11 14.09 2.73 -32.45
CA CYS D 11 14.61 4.09 -32.47
C CYS D 11 16.14 4.01 -32.47
N PRO D 12 16.79 4.64 -33.46
CA PRO D 12 18.26 4.73 -33.32
C PRO D 12 18.58 5.60 -32.13
N VAL D 13 19.59 5.22 -31.35
CA VAL D 13 19.97 6.03 -30.22
C VAL D 13 21.46 6.33 -30.28
N SER D 14 21.85 7.43 -29.63
CA SER D 14 23.27 7.84 -29.50
C SER D 14 23.83 7.61 -28.09
N GLY D 15 22.93 7.36 -27.13
CA GLY D 15 23.38 7.21 -25.75
C GLY D 15 22.24 6.78 -24.84
N TRP D 16 22.57 6.51 -23.58
CA TRP D 16 21.67 5.93 -22.61
C TRP D 16 21.46 6.88 -21.41
N ALA D 17 20.21 7.21 -21.13
CA ALA D 17 19.86 8.11 -20.05
C ALA D 17 19.32 7.28 -18.90
N ILE D 18 19.72 7.62 -17.68
CA ILE D 18 19.35 6.76 -16.54
C ILE D 18 17.86 6.93 -16.23
N TYR D 19 17.20 5.78 -15.99
CA TYR D 19 15.73 5.69 -15.93
C TYR D 19 15.28 5.33 -14.51
N SER D 20 15.93 4.34 -13.89
CA SER D 20 15.53 3.94 -12.55
C SER D 20 16.69 3.36 -11.83
N LYS D 21 16.53 3.36 -10.50
CA LYS D 21 17.41 2.67 -9.62
C LYS D 21 16.68 2.41 -8.34
N ASP D 22 16.68 1.16 -7.88
CA ASP D 22 15.83 0.79 -6.73
C ASP D 22 16.54 0.81 -5.34
N ASN D 23 17.87 0.65 -5.30
CA ASN D 23 18.62 0.59 -4.02
C ASN D 23 18.11 -0.50 -3.10
N SER D 24 17.69 -1.65 -3.63
CA SER D 24 16.95 -2.60 -2.83
C SER D 24 17.77 -3.22 -1.69
N VAL D 25 19.04 -3.49 -1.93
CA VAL D 25 19.88 -4.18 -0.93
C VAL D 25 20.19 -3.16 0.18
N ARG D 26 20.47 -1.90 -0.15
CA ARG D 26 20.68 -0.81 0.86
C ARG D 26 19.46 -0.64 1.70
N ILE D 27 18.28 -0.61 1.05
CA ILE D 27 17.03 -0.45 1.79
C ILE D 27 16.70 -1.69 2.64
N GLY D 28 16.95 -2.88 2.09
CA GLY D 28 16.73 -4.15 2.79
C GLY D 28 17.56 -4.42 4.02
N SER D 29 18.63 -3.69 4.20
CA SER D 29 19.28 -3.68 5.50
C SER D 29 18.36 -3.47 6.74
N LYS D 30 17.34 -2.61 6.65
CA LYS D 30 16.33 -2.48 7.65
C LYS D 30 14.92 -2.78 7.14
N GLY D 31 14.58 -2.38 5.93
CA GLY D 31 13.24 -2.59 5.45
C GLY D 31 12.94 -4.02 5.07
N ASP D 32 11.67 -4.23 4.80
CA ASP D 32 11.18 -5.56 4.46
C ASP D 32 11.24 -5.74 2.99
N VAL D 33 12.39 -6.23 2.48
CA VAL D 33 12.67 -6.28 1.03
C VAL D 33 12.98 -7.73 0.73
N PHE D 34 12.35 -8.27 -0.31
CA PHE D 34 12.58 -9.64 -0.73
C PHE D 34 14.06 -9.86 -1.17
N VAL D 35 14.62 -11.01 -0.84
CA VAL D 35 15.81 -11.48 -1.49
C VAL D 35 15.33 -11.89 -2.87
N ILE D 36 16.01 -11.44 -3.90
CA ILE D 36 15.60 -11.68 -5.25
C ILE D 36 16.83 -11.88 -6.10
N ARG D 37 16.64 -12.53 -7.23
CA ARG D 37 17.61 -12.38 -8.32
C ARG D 37 16.77 -12.45 -9.58
N GLU D 38 17.41 -12.34 -10.73
CA GLU D 38 16.79 -12.44 -12.05
C GLU D 38 15.62 -11.45 -12.21
N PRO D 39 15.86 -10.18 -11.86
CA PRO D 39 14.88 -9.16 -12.19
C PRO D 39 14.84 -8.78 -13.68
N PHE D 40 13.77 -8.14 -14.05
CA PHE D 40 13.71 -7.59 -15.39
C PHE D 40 12.62 -6.59 -15.45
N ILE D 41 12.61 -5.75 -16.48
CA ILE D 41 11.63 -4.75 -16.61
C ILE D 41 10.80 -5.06 -17.84
N SER D 42 9.52 -4.76 -17.74
CA SER D 42 8.60 -4.87 -18.86
C SER D 42 7.49 -3.86 -18.73
N CYS D 43 7.00 -3.35 -19.88
CA CYS D 43 6.05 -2.26 -19.87
C CYS D 43 4.76 -2.59 -20.56
N SER D 44 3.69 -1.99 -20.08
CA SER D 44 2.41 -2.04 -20.76
C SER D 44 2.28 -0.73 -21.55
N PRO D 45 1.10 -0.52 -22.14
CA PRO D 45 0.85 0.81 -22.71
C PRO D 45 0.71 1.94 -21.70
N LEU D 46 0.59 1.62 -20.40
CA LEU D 46 0.43 2.59 -19.33
C LEU D 46 1.57 2.70 -18.30
N GLU D 47 2.34 1.63 -18.04
CA GLU D 47 3.36 1.64 -16.98
C GLU D 47 4.43 0.60 -17.22
N CYS D 48 5.56 0.77 -16.54
CA CYS D 48 6.66 -0.14 -16.57
C CYS D 48 6.75 -0.71 -15.16
N ARG D 49 7.00 -2.02 -15.11
CA ARG D 49 7.08 -2.80 -13.88
C ARG D 49 8.37 -3.57 -13.83
N THR D 50 8.82 -3.89 -12.63
CA THR D 50 9.97 -4.76 -12.47
C THR D 50 9.44 -6.11 -12.00
N PHE D 51 9.85 -7.16 -12.68
CA PHE D 51 9.52 -8.51 -12.37
C PHE D 51 10.77 -9.08 -11.74
N PHE D 52 10.60 -10.06 -10.90
CA PHE D 52 11.75 -10.62 -10.18
C PHE D 52 11.37 -11.97 -9.63
N LEU D 53 12.38 -12.84 -9.39
CA LEU D 53 12.17 -14.09 -8.69
C LEU D 53 12.68 -13.96 -7.24
N THR D 54 11.74 -13.96 -6.31
CA THR D 54 12.04 -13.97 -4.93
C THR D 54 12.54 -15.30 -4.53
N GLN D 55 13.16 -15.33 -3.35
CA GLN D 55 13.54 -16.57 -2.75
C GLN D 55 12.60 -16.92 -1.56
N GLY D 56 11.41 -16.33 -1.54
CA GLY D 56 10.50 -16.63 -0.50
C GLY D 56 10.96 -16.24 0.86
N ALA D 57 11.84 -15.21 0.97
CA ALA D 57 12.57 -14.76 2.16
C ALA D 57 12.89 -13.27 2.03
N LEU D 58 13.10 -12.64 3.17
CA LEU D 58 13.43 -11.22 3.22
C LEU D 58 14.93 -11.04 3.58
N LEU D 59 15.52 -9.97 3.10
CA LEU D 59 16.91 -9.64 3.43
C LEU D 59 17.12 -9.39 4.94
N ASN D 60 18.30 -9.79 5.37
CA ASN D 60 18.70 -9.71 6.75
C ASN D 60 17.85 -10.56 7.71
N ASP D 61 17.17 -11.59 7.18
CA ASP D 61 16.45 -12.57 7.99
C ASP D 61 17.05 -13.99 7.73
N LYS D 62 16.89 -14.88 8.70
CA LYS D 62 17.58 -16.18 8.60
C LYS D 62 17.18 -17.01 7.38
N HIS D 63 15.98 -16.76 6.86
CA HIS D 63 15.53 -17.52 5.68
C HIS D 63 16.24 -17.15 4.33
N SER D 64 17.05 -16.12 4.37
CA SER D 64 17.84 -15.72 3.24
C SER D 64 19.09 -16.61 3.17
N ASN D 65 19.33 -17.42 4.20
CA ASN D 65 20.44 -18.39 4.13
C ASN D 65 20.33 -19.35 2.92
N GLY D 66 21.45 -19.56 2.22
CA GLY D 66 21.53 -20.55 1.18
C GLY D 66 20.90 -20.08 -0.11
N THR D 67 20.66 -18.75 -0.24
CA THR D 67 20.00 -18.20 -1.45
C THR D 67 20.94 -18.09 -2.64
N ILE D 68 22.18 -18.58 -2.52
CA ILE D 68 22.95 -18.89 -3.74
C ILE D 68 22.23 -19.95 -4.60
N LYS D 69 21.47 -20.82 -3.94
CA LYS D 69 20.76 -21.88 -4.62
C LYS D 69 19.73 -21.37 -5.60
N ASP D 70 19.79 -21.87 -6.83
CA ASP D 70 18.91 -21.36 -7.93
C ASP D 70 17.44 -21.78 -7.89
N ARG D 71 17.19 -23.02 -7.47
CA ARG D 71 15.83 -23.57 -7.69
C ARG D 71 15.31 -24.24 -6.43
N SER D 72 14.13 -23.75 -6.04
CA SER D 72 13.48 -24.27 -4.86
C SER D 72 11.98 -24.10 -5.09
N PRO D 73 11.16 -24.71 -4.26
CA PRO D 73 9.72 -24.54 -4.31
C PRO D 73 9.26 -23.24 -3.66
N TYR D 74 10.18 -22.46 -3.10
CA TYR D 74 9.77 -21.21 -2.43
C TYR D 74 9.83 -20.04 -3.39
N ARG D 75 10.51 -20.22 -4.51
CA ARG D 75 10.81 -19.09 -5.37
C ARG D 75 9.51 -18.69 -6.09
N THR D 76 9.23 -17.40 -6.15
CA THR D 76 8.01 -16.88 -6.81
C THR D 76 8.32 -15.71 -7.75
N LEU D 77 7.65 -15.63 -8.93
CA LEU D 77 7.67 -14.49 -9.79
C LEU D 77 6.70 -13.44 -9.25
N MET D 78 7.19 -12.26 -8.90
CA MET D 78 6.35 -11.13 -8.47
C MET D 78 6.76 -9.88 -9.28
N SER D 79 6.03 -8.81 -9.13
CA SER D 79 6.35 -7.58 -9.78
C SER D 79 5.97 -6.39 -8.92
N CYS D 80 6.69 -5.31 -9.14
CA CYS D 80 6.29 -4.03 -8.57
C CYS D 80 6.56 -2.91 -9.54
N PRO D 81 6.18 -1.67 -9.20
CA PRO D 81 6.50 -0.58 -10.07
C PRO D 81 7.98 -0.32 -10.22
N ILE D 82 8.40 0.12 -11.40
CA ILE D 82 9.78 0.35 -11.66
C ILE D 82 10.40 1.33 -10.64
N GLY D 83 11.58 0.97 -10.17
CA GLY D 83 12.33 1.78 -9.20
C GLY D 83 11.92 1.66 -7.75
N GLU D 84 10.81 0.98 -7.45
CA GLU D 84 10.50 0.70 -6.00
C GLU D 84 11.20 -0.56 -5.58
N VAL D 85 11.57 -0.66 -4.29
CA VAL D 85 12.12 -1.93 -3.78
C VAL D 85 11.07 -3.03 -3.81
N PRO D 86 11.46 -4.27 -4.12
CA PRO D 86 10.49 -5.31 -4.07
C PRO D 86 10.17 -5.74 -2.61
N SER D 87 9.01 -5.34 -2.09
CA SER D 87 8.61 -5.74 -0.71
C SER D 87 7.34 -6.54 -0.72
N PRO D 88 7.11 -7.32 0.33
CA PRO D 88 5.75 -7.93 0.33
C PRO D 88 4.61 -6.89 0.41
N TYR D 89 4.92 -5.62 0.69
CA TYR D 89 3.86 -4.61 0.90
C TYR D 89 3.66 -3.82 -0.32
N ASN D 90 4.48 -4.00 -1.35
CA ASN D 90 4.16 -3.30 -2.66
C ASN D 90 4.12 -4.26 -3.85
N SER D 91 4.32 -5.53 -3.61
CA SER D 91 4.55 -6.51 -4.68
C SER D 91 3.33 -7.34 -5.08
N ARG D 92 2.97 -7.30 -6.36
CA ARG D 92 1.99 -8.17 -6.97
C ARG D 92 2.50 -9.55 -7.16
N PHE D 93 1.75 -10.56 -6.70
CA PHE D 93 2.15 -11.93 -6.95
C PHE D 93 1.86 -12.36 -8.41
N GLU D 94 2.81 -13.02 -9.10
CA GLU D 94 2.50 -13.47 -10.49
C GLU D 94 2.39 -14.99 -10.64
N SER D 95 3.34 -15.76 -10.10
CA SER D 95 3.47 -17.15 -10.38
C SER D 95 4.48 -17.77 -9.45
N VAL D 96 4.36 -19.07 -9.26
CA VAL D 96 5.35 -19.81 -8.50
C VAL D 96 6.37 -20.14 -9.58
N ALA D 97 7.63 -19.77 -9.37
CA ALA D 97 8.66 -19.85 -10.38
C ALA D 97 10.06 -19.72 -9.87
N TRP D 98 10.94 -20.56 -10.42
CA TRP D 98 12.35 -20.39 -10.38
C TRP D 98 13.02 -20.01 -11.71
N SER D 99 12.22 -19.74 -12.76
CA SER D 99 12.69 -19.17 -14.03
C SER D 99 11.43 -18.56 -14.72
N ALA D 100 11.56 -17.48 -15.45
CA ALA D 100 10.32 -16.78 -15.86
C ALA D 100 10.49 -15.84 -17.04
N SER D 101 9.34 -15.49 -17.61
CA SER D 101 9.26 -14.42 -18.53
C SER D 101 7.91 -13.72 -18.33
N ALA D 102 7.81 -12.47 -18.80
CA ALA D 102 6.55 -11.75 -18.85
C ALA D 102 6.57 -10.67 -19.92
N CYS D 103 5.38 -10.38 -20.44
CA CYS D 103 5.19 -9.28 -21.40
C CYS D 103 3.72 -9.00 -21.59
N HIS D 104 3.45 -7.76 -22.00
CA HIS D 104 2.11 -7.25 -22.12
C HIS D 104 1.82 -7.09 -23.62
N ASP D 105 0.70 -7.61 -24.07
CA ASP D 105 0.36 -7.57 -25.52
C ASP D 105 -0.37 -6.31 -25.97
N GLY D 106 -0.62 -5.41 -25.03
CA GLY D 106 -1.44 -4.23 -25.22
C GLY D 106 -2.77 -4.30 -24.52
N ILE D 107 -3.24 -5.52 -24.25
CA ILE D 107 -4.50 -5.78 -23.55
C ILE D 107 -4.24 -6.29 -22.14
N ASN D 108 -3.43 -7.35 -22.00
CA ASN D 108 -3.15 -7.95 -20.68
C ASN D 108 -1.73 -8.45 -20.59
N TRP D 109 -1.33 -8.73 -19.34
CA TRP D 109 -0.05 -9.31 -19.08
C TRP D 109 -0.06 -10.81 -19.33
N LEU D 110 0.97 -11.29 -20.00
CA LEU D 110 1.34 -12.66 -20.03
C LEU D 110 2.46 -12.91 -19.03
N THR D 111 2.31 -13.93 -18.19
CA THR D 111 3.42 -14.37 -17.34
C THR D 111 3.68 -15.85 -17.55
N ILE D 112 4.94 -16.20 -17.48
CA ILE D 112 5.44 -17.55 -17.66
C ILE D 112 6.37 -17.85 -16.47
N GLY D 113 5.97 -18.83 -15.69
CA GLY D 113 6.63 -19.22 -14.46
C GLY D 113 6.90 -20.71 -14.49
N ILE D 114 8.16 -21.11 -14.45
CA ILE D 114 8.52 -22.53 -14.44
C ILE D 114 8.83 -22.95 -13.01
N SER D 115 8.17 -24.00 -12.53
CA SER D 115 8.54 -24.66 -11.25
C SER D 115 8.46 -26.18 -11.41
N GLY D 116 8.59 -26.84 -10.26
CA GLY D 116 8.70 -28.25 -10.17
C GLY D 116 10.11 -28.81 -10.25
N PRO D 117 10.22 -30.14 -10.35
CA PRO D 117 11.54 -30.82 -10.31
C PRO D 117 12.43 -30.54 -11.54
N ASP D 118 13.73 -30.55 -11.31
CA ASP D 118 14.72 -30.43 -12.41
C ASP D 118 14.46 -31.44 -13.57
N ASN D 119 13.99 -32.65 -13.25
CA ASN D 119 13.74 -33.66 -14.24
C ASN D 119 12.32 -33.65 -14.89
N GLY D 120 11.52 -32.62 -14.65
CA GLY D 120 10.17 -32.55 -15.17
C GLY D 120 9.45 -31.24 -14.87
N ALA D 121 10.18 -30.14 -15.06
CA ALA D 121 9.66 -28.82 -14.71
C ALA D 121 8.52 -28.48 -15.65
N VAL D 122 7.64 -27.57 -15.21
CA VAL D 122 6.46 -27.17 -15.94
C VAL D 122 6.43 -25.67 -15.92
N ALA D 123 6.38 -25.07 -17.11
CA ALA D 123 6.03 -23.66 -17.31
C ALA D 123 4.52 -23.46 -17.21
N VAL D 124 4.07 -22.59 -16.29
CA VAL D 124 2.66 -22.24 -16.14
C VAL D 124 2.50 -20.89 -16.80
N LEU D 125 1.61 -20.81 -17.76
CA LEU D 125 1.34 -19.55 -18.45
C LEU D 125 0.02 -18.95 -18.00
N LYS D 126 0.08 -17.66 -17.74
CA LYS D 126 -1.05 -16.93 -17.24
C LYS D 126 -1.27 -15.72 -18.12
N TYR D 127 -2.55 -15.45 -18.37
CA TYR D 127 -2.99 -14.22 -19.08
C TYR D 127 -3.97 -13.52 -18.17
N ASN D 128 -3.67 -12.26 -17.83
CA ASN D 128 -4.39 -11.44 -16.85
C ASN D 128 -4.50 -12.24 -15.51
N GLY D 129 -3.46 -12.96 -15.13
CA GLY D 129 -3.55 -13.76 -13.86
C GLY D 129 -4.35 -15.04 -13.86
N ILE D 130 -4.93 -15.42 -14.98
CA ILE D 130 -5.60 -16.69 -15.12
C ILE D 130 -4.68 -17.67 -15.86
N ILE D 131 -4.60 -18.90 -15.36
CA ILE D 131 -3.83 -19.94 -16.04
C ILE D 131 -4.50 -20.28 -17.38
N THR D 132 -3.75 -20.17 -18.46
CA THR D 132 -4.22 -20.37 -19.83
C THR D 132 -3.50 -21.48 -20.56
N ASP D 133 -2.29 -21.88 -20.09
CA ASP D 133 -1.58 -23.05 -20.61
C ASP D 133 -0.48 -23.58 -19.72
N THR D 134 0.08 -24.71 -20.11
CA THR D 134 1.31 -25.21 -19.55
C THR D 134 2.20 -25.86 -20.59
N ILE D 135 3.49 -25.79 -20.37
CA ILE D 135 4.36 -26.61 -21.16
C ILE D 135 5.36 -27.31 -20.23
N LYS D 136 5.57 -28.60 -20.42
CA LYS D 136 6.39 -29.42 -19.59
C LYS D 136 7.72 -29.68 -20.28
N SER D 137 8.74 -29.87 -19.46
CA SER D 137 10.07 -30.24 -19.87
C SER D 137 10.04 -31.39 -20.90
N TRP D 138 10.70 -31.23 -22.04
CA TRP D 138 10.76 -32.26 -23.11
C TRP D 138 12.16 -32.96 -23.14
N ARG D 139 13.16 -32.48 -22.40
CA ARG D 139 14.46 -33.16 -22.23
C ARG D 139 14.79 -33.48 -20.74
N ASN D 140 13.84 -33.22 -19.83
CA ASN D 140 13.98 -33.58 -18.41
C ASN D 140 15.22 -33.06 -17.75
N ASN D 141 15.62 -31.87 -18.13
CA ASN D 141 16.85 -31.30 -17.61
C ASN D 141 16.83 -29.80 -17.50
N VAL D 142 16.22 -29.35 -16.41
CA VAL D 142 16.01 -27.93 -16.10
C VAL D 142 15.45 -27.10 -17.26
N LEU D 143 14.18 -27.31 -17.56
CA LEU D 143 13.44 -26.39 -18.46
C LEU D 143 13.62 -24.98 -17.92
N ARG D 144 14.05 -24.05 -18.77
CA ARG D 144 14.39 -22.69 -18.37
C ARG D 144 14.07 -21.65 -19.44
N THR D 145 13.77 -20.42 -19.03
CA THR D 145 13.44 -19.43 -20.04
C THR D 145 14.21 -18.13 -19.82
N GLN D 146 13.65 -17.01 -20.30
CA GLN D 146 14.45 -15.88 -20.60
C GLN D 146 15.04 -15.18 -19.40
N GLU D 147 14.27 -15.11 -18.29
CA GLU D 147 14.57 -14.17 -17.19
C GLU D 147 14.59 -12.72 -17.70
N SER D 148 13.82 -12.47 -18.71
CA SER D 148 13.58 -11.07 -19.19
C SER D 148 12.29 -11.04 -19.96
N GLU D 149 11.87 -9.87 -20.42
CA GLU D 149 10.58 -9.80 -21.07
C GLU D 149 10.49 -10.59 -22.37
N CYS D 150 9.34 -11.24 -22.57
CA CYS D 150 8.95 -11.72 -23.88
C CYS D 150 8.63 -10.54 -24.83
N ALA D 151 8.38 -10.84 -26.09
CA ALA D 151 8.20 -9.76 -27.09
C ALA D 151 6.91 -9.96 -27.82
N CYS D 152 6.20 -8.87 -28.11
CA CYS D 152 4.84 -8.97 -28.64
C CYS D 152 4.74 -8.13 -29.91
N VAL D 153 4.01 -8.68 -30.89
CA VAL D 153 3.73 -8.03 -32.18
C VAL D 153 2.30 -8.42 -32.54
N ASN D 154 1.43 -7.43 -32.63
CA ASN D 154 0.07 -7.61 -33.16
C ASN D 154 -0.76 -8.71 -32.48
N GLY D 155 -0.64 -8.83 -31.17
CA GLY D 155 -1.45 -9.77 -30.46
C GLY D 155 -0.84 -11.12 -30.22
N SER D 156 0.35 -11.36 -30.78
CA SER D 156 1.10 -12.59 -30.53
C SER D 156 2.34 -12.23 -29.72
N CYS D 157 2.60 -12.99 -28.66
CA CYS D 157 3.84 -12.89 -27.92
C CYS D 157 4.76 -14.12 -28.08
N PHE D 158 6.06 -13.88 -27.95
CA PHE D 158 7.07 -14.84 -28.31
C PHE D 158 8.11 -14.95 -27.21
N THR D 159 8.54 -16.19 -26.94
CA THR D 159 9.66 -16.41 -26.07
C THR D 159 10.47 -17.60 -26.53
N VAL D 160 11.57 -17.84 -25.83
CA VAL D 160 12.47 -18.93 -26.10
C VAL D 160 12.65 -19.70 -24.78
N MET D 161 12.61 -21.04 -24.84
CA MET D 161 12.96 -21.87 -23.69
C MET D 161 14.01 -22.89 -24.08
N THR D 162 14.73 -23.37 -23.07
CA THR D 162 15.84 -24.31 -23.28
C THR D 162 15.65 -25.45 -22.34
N ASP D 163 16.04 -26.64 -22.78
CA ASP D 163 15.98 -27.84 -21.95
C ASP D 163 17.17 -28.72 -22.33
N GLY D 164 17.93 -29.18 -21.35
CA GLY D 164 19.17 -29.99 -21.54
C GLY D 164 20.32 -29.47 -20.68
N PRO D 165 21.52 -30.09 -20.80
CA PRO D 165 22.74 -29.68 -20.05
C PRO D 165 23.16 -28.24 -20.31
N SER D 166 23.86 -27.65 -19.34
CA SER D 166 24.45 -26.30 -19.44
C SER D 166 25.93 -26.26 -19.84
N ASN D 167 26.50 -27.43 -20.15
CA ASN D 167 27.87 -27.57 -20.62
C ASN D 167 27.98 -28.42 -21.91
N GLY D 168 26.99 -28.31 -22.76
CA GLY D 168 26.96 -29.04 -24.02
C GLY D 168 25.76 -28.67 -24.85
N GLN D 169 25.56 -29.45 -25.92
CA GLN D 169 24.44 -29.26 -26.80
C GLN D 169 23.17 -29.40 -25.95
N ALA D 170 22.22 -28.46 -26.07
CA ALA D 170 20.92 -28.65 -25.45
C ALA D 170 19.88 -28.46 -26.53
N SER D 171 18.61 -28.36 -26.14
CA SER D 171 17.54 -28.23 -27.02
C SER D 171 16.89 -26.85 -26.77
N TYR D 172 16.47 -26.20 -27.84
CA TYR D 172 16.01 -24.78 -27.79
C TYR D 172 14.75 -24.66 -28.60
N LYS D 173 13.68 -24.14 -28.01
CA LYS D 173 12.39 -24.11 -28.67
C LYS D 173 11.95 -22.65 -28.66
N ILE D 174 11.22 -22.27 -29.68
CA ILE D 174 10.65 -20.93 -29.80
C ILE D 174 9.11 -21.07 -29.80
N PHE D 175 8.43 -20.15 -29.10
CA PHE D 175 7.01 -20.27 -28.86
C PHE D 175 6.27 -19.01 -29.37
N ARG D 176 5.10 -19.24 -29.97
CA ARG D 176 4.15 -18.17 -30.26
C ARG D 176 2.95 -18.30 -29.36
N ILE D 177 2.60 -17.23 -28.66
CA ILE D 177 1.58 -17.30 -27.63
C ILE D 177 0.55 -16.19 -27.83
N GLU D 178 -0.72 -16.56 -27.82
CA GLU D 178 -1.82 -15.63 -28.01
C GLU D 178 -2.87 -15.76 -26.90
N LYS D 179 -3.05 -14.67 -26.15
CA LYS D 179 -3.91 -14.64 -25.01
C LYS D 179 -3.50 -15.73 -24.03
N GLY D 180 -2.21 -15.95 -23.90
CA GLY D 180 -1.65 -16.94 -23.00
C GLY D 180 -1.67 -18.39 -23.44
N LYS D 181 -2.21 -18.66 -24.64
CA LYS D 181 -2.22 -20.01 -25.19
C LYS D 181 -1.13 -20.20 -26.21
N ILE D 182 -0.43 -21.34 -26.10
CA ILE D 182 0.65 -21.63 -27.03
C ILE D 182 -0.06 -22.00 -28.33
N VAL D 183 0.14 -21.21 -29.37
CA VAL D 183 -0.48 -21.53 -30.66
C VAL D 183 0.47 -22.12 -31.68
N LYS D 184 1.77 -21.92 -31.50
CA LYS D 184 2.75 -22.67 -32.27
C LYS D 184 4.07 -22.73 -31.51
N SER D 185 4.82 -23.81 -31.75
CA SER D 185 6.19 -23.97 -31.22
C SER D 185 7.07 -24.71 -32.20
N VAL D 186 8.34 -24.40 -32.23
CA VAL D 186 9.29 -25.04 -33.15
C VAL D 186 10.53 -25.36 -32.35
N GLU D 187 11.21 -26.46 -32.69
CA GLU D 187 12.50 -26.77 -32.03
C GLU D 187 13.59 -26.35 -32.96
N MET D 188 14.54 -25.54 -32.47
CA MET D 188 15.58 -24.99 -33.36
C MET D 188 16.60 -26.08 -33.78
N ASN D 189 16.89 -26.10 -35.09
CA ASN D 189 17.96 -26.93 -35.63
C ASN D 189 19.18 -26.04 -35.46
N ALA D 190 20.00 -26.27 -34.44
CA ALA D 190 21.14 -25.37 -34.14
C ALA D 190 22.30 -26.16 -33.59
N PRO D 191 22.85 -27.05 -34.44
CA PRO D 191 23.96 -27.89 -33.98
C PRO D 191 25.19 -27.03 -33.76
N ASN D 192 25.88 -27.28 -32.67
CA ASN D 192 27.03 -26.50 -32.23
C ASN D 192 26.67 -25.10 -31.72
N TYR D 193 25.38 -24.80 -31.59
CA TYR D 193 24.97 -23.53 -30.95
C TYR D 193 24.45 -23.83 -29.58
N TYR D 194 24.49 -22.83 -28.69
CA TYR D 194 23.78 -22.91 -27.42
C TYR D 194 23.08 -21.58 -27.05
N TYR D 195 21.87 -21.67 -26.57
CA TYR D 195 21.02 -20.50 -26.36
C TYR D 195 20.39 -20.71 -25.00
N GLU D 196 20.53 -19.73 -24.12
CA GLU D 196 19.61 -19.63 -22.97
C GLU D 196 19.49 -18.20 -22.51
N GLU D 197 18.56 -17.94 -21.59
CA GLU D 197 18.34 -16.58 -21.04
C GLU D 197 18.34 -15.50 -22.16
N CYS D 198 17.53 -15.73 -23.18
CA CYS D 198 17.47 -14.87 -24.34
C CYS D 198 16.89 -13.51 -23.99
N SER D 199 17.50 -12.46 -24.49
CA SER D 199 16.90 -11.13 -24.39
C SER D 199 16.33 -10.87 -25.77
N CYS D 200 15.01 -10.81 -25.87
CA CYS D 200 14.26 -10.69 -27.13
C CYS D 200 13.48 -9.40 -27.25
N TYR D 201 13.48 -8.80 -28.43
CA TYR D 201 12.69 -7.56 -28.59
C TYR D 201 12.03 -7.55 -29.97
N PRO D 202 10.89 -6.85 -30.11
CA PRO D 202 10.29 -6.70 -31.43
C PRO D 202 10.94 -5.55 -32.22
N ASP D 203 10.96 -5.69 -33.55
CA ASP D 203 11.57 -4.68 -34.43
C ASP D 203 11.01 -4.95 -35.83
N SER D 204 10.19 -4.03 -36.33
CA SER D 204 9.60 -4.13 -37.70
C SER D 204 8.83 -5.44 -37.86
N SER D 205 7.97 -5.70 -36.88
CA SER D 205 7.14 -6.91 -36.82
C SER D 205 7.88 -8.25 -36.67
N GLU D 206 9.19 -8.22 -36.40
CA GLU D 206 9.96 -9.42 -36.22
C GLU D 206 10.66 -9.43 -34.87
N ILE D 207 11.06 -10.63 -34.43
CA ILE D 207 11.68 -10.77 -33.08
C ILE D 207 13.15 -11.00 -33.24
N THR D 208 13.97 -10.22 -32.56
CA THR D 208 15.39 -10.53 -32.44
C THR D 208 15.75 -10.90 -30.97
N CYS D 209 16.43 -12.01 -30.79
CA CYS D 209 16.91 -12.44 -29.49
C CYS D 209 18.40 -12.56 -29.45
N VAL D 210 18.98 -12.07 -28.36
CA VAL D 210 20.40 -12.20 -28.11
C VAL D 210 20.55 -12.88 -26.76
N CYS D 211 21.30 -13.98 -26.77
CA CYS D 211 21.24 -14.91 -25.66
C CYS D 211 22.62 -15.20 -25.06
N ARG D 212 22.65 -16.23 -24.21
CA ARG D 212 23.83 -16.69 -23.56
C ARG D 212 24.27 -18.08 -24.05
N ASP D 213 25.50 -18.17 -24.56
CA ASP D 213 26.13 -19.45 -24.83
C ASP D 213 27.00 -19.83 -23.63
N ASN D 214 26.45 -20.75 -22.83
CA ASN D 214 27.11 -21.27 -21.64
C ASN D 214 28.04 -22.46 -21.91
N TRP D 215 27.95 -22.99 -23.13
CA TRP D 215 28.69 -24.20 -23.55
C TRP D 215 30.12 -23.85 -23.97
N HIS D 216 30.25 -23.05 -25.01
CA HIS D 216 31.56 -22.77 -25.63
C HIS D 216 31.58 -21.50 -26.49
N GLY D 217 31.00 -20.42 -25.98
CA GLY D 217 30.98 -19.18 -26.73
C GLY D 217 31.14 -17.98 -25.84
N SER D 218 32.06 -17.08 -26.18
CA SER D 218 32.31 -15.85 -25.45
C SER D 218 31.76 -14.63 -26.14
N ASN D 219 31.41 -14.76 -27.42
CA ASN D 219 30.45 -13.89 -28.05
C ASN D 219 29.03 -14.44 -27.80
N ARG D 220 28.03 -13.63 -28.13
CA ARG D 220 26.65 -14.02 -27.85
C ARG D 220 25.97 -14.58 -29.09
N PRO D 221 25.27 -15.71 -28.92
CA PRO D 221 24.43 -16.17 -29.98
C PRO D 221 23.16 -15.32 -30.21
N TRP D 222 22.62 -15.37 -31.41
CA TRP D 222 21.33 -14.69 -31.72
C TRP D 222 20.42 -15.56 -32.61
N VAL D 223 19.12 -15.28 -32.52
CA VAL D 223 18.06 -15.96 -33.32
C VAL D 223 17.02 -14.90 -33.52
N SER D 224 16.59 -14.80 -34.77
CA SER D 224 15.59 -13.88 -35.13
C SER D 224 14.56 -14.68 -35.89
N PHE D 225 13.31 -14.24 -35.82
CA PHE D 225 12.23 -14.99 -36.44
C PHE D 225 10.99 -14.15 -36.71
N ASN D 226 10.12 -14.64 -37.59
CA ASN D 226 8.89 -13.92 -37.86
C ASN D 226 7.74 -14.54 -37.10
N GLN D 227 6.54 -14.09 -37.38
CA GLN D 227 5.35 -14.53 -36.66
C GLN D 227 5.05 -16.01 -36.85
N ASN D 228 5.54 -16.60 -37.95
CA ASN D 228 5.40 -18.04 -38.22
C ASN D 228 6.54 -18.84 -37.58
N LEU D 229 7.42 -18.17 -36.84
CA LEU D 229 8.55 -18.81 -36.22
C LEU D 229 9.53 -19.40 -37.22
N GLU D 230 9.56 -18.83 -38.43
CA GLU D 230 10.61 -19.16 -39.36
C GLU D 230 11.77 -18.30 -38.93
N TYR D 231 12.90 -18.92 -38.70
CA TYR D 231 14.01 -18.31 -37.98
C TYR D 231 15.31 -18.30 -38.75
N GLN D 232 16.22 -17.42 -38.33
CA GLN D 232 17.60 -17.44 -38.72
C GLN D 232 18.49 -17.42 -37.47
N ILE D 233 19.70 -17.91 -37.58
CA ILE D 233 20.62 -18.03 -36.41
C ILE D 233 22.03 -17.59 -36.73
N GLY D 234 22.75 -17.12 -35.69
CA GLY D 234 24.12 -16.68 -35.84
C GLY D 234 24.68 -16.32 -34.52
N TYR D 235 25.91 -15.82 -34.51
CA TYR D 235 26.50 -15.19 -33.30
C TYR D 235 26.98 -13.80 -33.70
N ILE D 236 27.00 -12.88 -32.73
CA ILE D 236 27.47 -11.51 -32.94
C ILE D 236 28.95 -11.57 -33.31
N CYS D 237 29.32 -10.94 -34.43
CA CYS D 237 30.66 -11.14 -35.04
C CYS D 237 31.76 -10.34 -34.42
N SER D 238 31.39 -9.22 -33.79
CA SER D 238 32.34 -8.26 -33.26
C SER D 238 33.35 -8.91 -32.39
N GLY D 239 34.58 -8.39 -32.46
CA GLY D 239 35.66 -8.74 -31.54
C GLY D 239 35.62 -8.12 -30.15
N ILE D 240 34.63 -7.27 -29.94
CA ILE D 240 34.19 -6.79 -28.63
C ILE D 240 33.22 -7.87 -28.07
N PHE D 241 33.80 -8.81 -27.34
CA PHE D 241 33.06 -10.01 -26.95
C PHE D 241 32.12 -9.62 -25.83
N GLY D 242 30.93 -10.18 -25.89
CA GLY D 242 29.83 -9.70 -25.06
C GLY D 242 29.58 -10.50 -23.78
N ASP D 243 30.10 -11.74 -23.71
CA ASP D 243 29.75 -12.61 -22.58
C ASP D 243 30.71 -12.35 -21.42
N ASN D 244 30.41 -12.94 -20.28
CA ASN D 244 31.32 -12.95 -19.16
C ASN D 244 31.29 -14.37 -18.57
N PRO D 245 32.39 -15.12 -18.51
CA PRO D 245 33.72 -14.64 -18.86
C PRO D 245 33.95 -14.50 -20.38
N ARG D 246 35.12 -14.02 -20.74
CA ARG D 246 35.51 -13.85 -22.12
C ARG D 246 36.99 -13.53 -22.19
N PRO D 247 37.58 -13.64 -23.40
CA PRO D 247 38.98 -13.16 -23.49
C PRO D 247 38.98 -11.65 -23.69
N ASN D 248 40.17 -11.03 -23.70
CA ASN D 248 40.30 -9.63 -24.09
C ASN D 248 39.93 -9.50 -25.53
N ASP D 249 39.57 -8.30 -25.95
CA ASP D 249 39.03 -8.07 -27.29
C ASP D 249 40.12 -8.32 -28.34
N LYS D 250 39.70 -8.79 -29.51
CA LYS D 250 40.60 -9.17 -30.61
C LYS D 250 39.70 -9.60 -31.74
N THR D 251 40.22 -10.14 -32.82
CA THR D 251 39.36 -10.53 -33.92
C THR D 251 38.31 -11.52 -33.45
N GLY D 252 37.06 -11.21 -33.79
CA GLY D 252 35.93 -12.01 -33.37
C GLY D 252 35.62 -13.13 -34.35
N SER D 253 34.40 -13.64 -34.23
CA SER D 253 33.95 -14.73 -35.09
C SER D 253 32.46 -14.69 -35.20
N CYS D 254 31.95 -15.15 -36.36
CA CYS D 254 30.53 -15.22 -36.64
C CYS D 254 29.86 -16.51 -36.16
N GLY D 255 30.63 -17.49 -35.65
CA GLY D 255 30.08 -18.64 -34.88
C GLY D 255 30.62 -18.54 -33.45
N PRO D 256 30.46 -19.59 -32.61
CA PRO D 256 30.93 -19.43 -31.22
C PRO D 256 32.45 -19.25 -31.05
N VAL D 257 32.85 -18.29 -30.21
CA VAL D 257 34.26 -18.08 -29.83
C VAL D 257 34.59 -18.95 -28.60
N SER D 258 35.36 -20.03 -28.80
CA SER D 258 35.59 -21.02 -27.76
C SER D 258 36.46 -20.55 -26.59
N SER D 259 37.34 -19.57 -26.85
CA SER D 259 38.21 -19.04 -25.82
C SER D 259 37.39 -18.35 -24.76
N ASN D 260 37.58 -18.82 -23.54
CA ASN D 260 36.77 -18.49 -22.38
C ASN D 260 35.28 -18.69 -22.55
N GLY D 261 34.92 -19.61 -23.44
CA GLY D 261 33.57 -19.71 -23.89
C GLY D 261 32.61 -20.41 -22.94
N ALA D 262 33.11 -21.34 -22.12
CA ALA D 262 32.25 -22.00 -21.12
C ALA D 262 31.81 -20.98 -20.06
N ASN D 263 30.61 -21.19 -19.56
CA ASN D 263 30.04 -20.34 -18.56
C ASN D 263 29.56 -19.10 -19.25
N GLY D 264 29.03 -18.15 -18.48
CA GLY D 264 28.45 -16.94 -19.07
C GLY D 264 27.64 -16.11 -18.10
N VAL D 265 26.88 -15.19 -18.63
CA VAL D 265 26.01 -14.31 -17.86
C VAL D 265 24.91 -13.96 -18.86
N LYS D 266 23.68 -13.81 -18.38
CA LYS D 266 22.60 -13.26 -19.20
C LYS D 266 22.96 -11.89 -19.64
N GLY D 267 22.70 -11.58 -20.90
CA GLY D 267 22.84 -10.26 -21.45
C GLY D 267 22.02 -9.98 -22.67
N PHE D 268 22.40 -8.90 -23.31
CA PHE D 268 21.58 -8.40 -24.41
C PHE D 268 22.46 -7.63 -25.42
N SER D 269 21.88 -7.36 -26.59
CA SER D 269 22.43 -6.39 -27.55
C SER D 269 21.32 -5.94 -28.47
N PHE D 270 21.43 -4.75 -29.07
CA PHE D 270 20.45 -4.26 -30.07
C PHE D 270 21.14 -4.16 -31.42
N LYS D 271 20.46 -4.66 -32.45
CA LYS D 271 20.94 -4.68 -33.85
C LYS D 271 20.36 -3.52 -34.60
N TYR D 272 21.23 -2.82 -35.33
CA TYR D 272 20.89 -1.67 -36.10
C TYR D 272 21.65 -1.85 -37.43
N GLY D 273 20.97 -2.42 -38.43
CA GLY D 273 21.66 -2.91 -39.65
C GLY D 273 22.84 -3.81 -39.34
N ASN D 274 24.01 -3.43 -39.86
CA ASN D 274 25.26 -4.13 -39.61
C ASN D 274 25.88 -3.75 -38.26
N GLY D 275 25.38 -2.70 -37.62
CA GLY D 275 25.92 -2.31 -36.28
C GLY D 275 25.22 -2.91 -35.07
N VAL D 276 25.85 -2.74 -33.92
CA VAL D 276 25.36 -3.34 -32.69
C VAL D 276 25.67 -2.43 -31.50
N TRP D 277 24.67 -2.22 -30.63
CA TRP D 277 24.90 -1.71 -29.27
C TRP D 277 25.08 -2.92 -28.35
N ILE D 278 26.23 -3.02 -27.73
CA ILE D 278 26.57 -4.11 -26.85
C ILE D 278 26.63 -3.62 -25.40
N GLY D 279 25.82 -4.25 -24.53
CA GLY D 279 26.04 -4.14 -23.09
C GLY D 279 26.81 -5.35 -22.59
N ARG D 280 27.81 -5.11 -21.76
CA ARG D 280 28.61 -6.16 -21.22
C ARG D 280 29.24 -5.68 -19.93
N THR D 281 29.82 -6.63 -19.24
CA THR D 281 30.54 -6.38 -17.97
C THR D 281 31.87 -5.69 -18.35
N LYS D 282 32.50 -4.97 -17.43
CA LYS D 282 33.83 -4.35 -17.72
C LYS D 282 34.96 -5.34 -17.46
N SER D 283 34.82 -6.20 -16.44
CA SER D 283 35.74 -7.29 -16.23
C SER D 283 35.55 -8.41 -17.26
N ILE D 284 36.66 -8.99 -17.73
CA ILE D 284 36.61 -10.19 -18.56
C ILE D 284 36.39 -11.51 -17.77
N SER D 285 36.61 -11.50 -16.48
CA SER D 285 36.63 -12.71 -15.67
C SER D 285 35.53 -12.88 -14.66
N SER D 286 34.94 -11.76 -14.20
CA SER D 286 33.84 -11.82 -13.22
C SER D 286 32.76 -10.75 -13.46
N ARG D 287 31.69 -10.83 -12.70
CA ARG D 287 30.56 -9.94 -12.98
C ARG D 287 30.80 -8.60 -12.30
N ASN D 288 31.72 -7.83 -12.85
CA ASN D 288 32.06 -6.49 -12.38
C ASN D 288 31.98 -5.42 -13.48
N GLY D 289 31.36 -4.32 -13.12
CA GLY D 289 31.22 -3.20 -13.99
C GLY D 289 30.21 -3.52 -15.06
N PHE D 290 29.92 -2.48 -15.79
CA PHE D 290 29.06 -2.52 -16.91
C PHE D 290 29.33 -1.33 -17.84
N GLU D 291 29.16 -1.56 -19.14
CA GLU D 291 29.35 -0.51 -20.14
C GLU D 291 28.50 -0.84 -21.34
N MET D 292 28.11 0.18 -22.08
CA MET D 292 27.54 0.09 -23.40
C MET D 292 28.51 0.54 -24.53
N ILE D 293 28.56 -0.25 -25.60
CA ILE D 293 29.51 -0.05 -26.72
C ILE D 293 28.77 -0.08 -27.98
N TRP D 294 28.87 0.99 -28.76
CA TRP D 294 28.30 1.06 -30.11
C TRP D 294 29.39 0.67 -31.09
N ASP D 295 29.18 -0.47 -31.75
CA ASP D 295 30.08 -0.90 -32.82
C ASP D 295 29.32 -0.88 -34.14
N PRO D 296 29.60 0.12 -35.01
CA PRO D 296 28.80 0.33 -36.21
C PRO D 296 28.84 -0.84 -37.26
N ASN D 297 29.79 -1.78 -37.16
CA ASN D 297 29.80 -2.98 -38.02
C ASN D 297 29.89 -4.30 -37.21
N GLY D 298 29.56 -4.21 -35.92
CA GLY D 298 29.80 -5.33 -35.01
C GLY D 298 28.83 -6.50 -35.09
N TRP D 299 27.72 -6.36 -35.78
CA TRP D 299 26.80 -7.48 -35.91
C TRP D 299 27.40 -8.50 -36.85
N THR D 300 27.91 -8.00 -37.99
CA THR D 300 28.48 -8.84 -39.06
C THR D 300 30.02 -8.79 -39.26
N GLY D 301 30.69 -7.76 -38.75
CA GLY D 301 32.17 -7.65 -38.81
C GLY D 301 32.88 -8.15 -37.56
N THR D 302 34.11 -8.66 -37.76
CA THR D 302 34.89 -9.33 -36.70
C THR D 302 36.03 -8.50 -36.05
N ASP D 303 36.28 -7.31 -36.55
CA ASP D 303 37.30 -6.46 -35.93
C ASP D 303 36.83 -6.03 -34.53
N ASN D 304 37.77 -5.57 -33.72
CA ASN D 304 37.47 -5.09 -32.36
C ASN D 304 37.52 -3.55 -32.28
N ASN D 305 37.23 -2.88 -33.39
CA ASN D 305 37.14 -1.44 -33.38
C ASN D 305 35.68 -1.05 -33.15
N PHE D 306 35.49 0.06 -32.46
CA PHE D 306 34.18 0.58 -32.08
C PHE D 306 34.26 2.10 -31.91
N SER D 307 33.08 2.71 -31.88
CA SER D 307 32.89 4.12 -31.99
C SER D 307 32.55 4.85 -30.71
N ILE D 308 31.65 4.27 -29.88
CA ILE D 308 31.18 4.90 -28.63
C ILE D 308 31.22 3.89 -27.48
N LYS D 309 31.75 4.30 -26.31
CA LYS D 309 31.67 3.56 -25.02
C LYS D 309 31.08 4.47 -23.93
N GLN D 310 30.06 3.99 -23.23
CA GLN D 310 29.42 4.77 -22.21
C GLN D 310 29.49 3.93 -20.96
N ASP D 311 30.14 4.48 -19.94
CA ASP D 311 30.24 3.78 -18.65
C ASP D 311 28.85 3.78 -17.94
N ILE D 312 28.58 2.69 -17.26
CA ILE D 312 27.33 2.45 -16.52
C ILE D 312 27.63 2.02 -15.09
N VAL D 313 28.52 1.04 -14.93
CA VAL D 313 29.00 0.65 -13.61
C VAL D 313 30.52 0.50 -13.73
N GLY D 314 31.21 1.06 -12.72
CA GLY D 314 32.67 1.03 -12.60
C GLY D 314 33.25 -0.36 -12.36
N ILE D 315 34.45 -0.58 -12.89
CA ILE D 315 35.03 -1.90 -12.97
C ILE D 315 35.20 -2.62 -11.62
N ASN D 316 35.37 -1.87 -10.53
CA ASN D 316 35.51 -2.50 -9.18
C ASN D 316 34.18 -2.66 -8.44
N GLU D 317 33.05 -2.53 -9.16
CA GLU D 317 31.71 -2.59 -8.53
C GLU D 317 31.01 -3.82 -9.08
N TRP D 318 30.17 -4.43 -8.28
CA TRP D 318 29.47 -5.69 -8.67
C TRP D 318 28.37 -5.39 -9.70
N SER D 319 28.29 -6.22 -10.75
CA SER D 319 27.21 -6.20 -11.70
C SER D 319 26.56 -7.57 -11.70
N GLY D 320 26.15 -8.07 -12.85
CA GLY D 320 25.35 -9.29 -12.88
C GLY D 320 24.63 -9.39 -14.24
N TYR D 321 23.43 -9.96 -14.22
CA TYR D 321 22.58 -10.04 -15.44
C TYR D 321 22.21 -8.69 -15.98
N SER D 322 21.91 -8.68 -17.29
CA SER D 322 21.40 -7.49 -17.90
C SER D 322 20.42 -7.95 -18.94
N GLY D 323 19.47 -7.15 -19.22
CA GLY D 323 18.48 -7.50 -20.27
C GLY D 323 17.88 -6.34 -21.01
N SER D 324 17.40 -6.60 -22.22
CA SER D 324 16.65 -5.56 -22.92
C SER D 324 15.23 -5.37 -22.39
N PHE D 325 14.69 -4.16 -22.51
CA PHE D 325 13.25 -3.95 -22.52
C PHE D 325 12.92 -2.80 -23.45
N VAL D 326 11.75 -2.84 -24.04
CA VAL D 326 11.32 -1.80 -24.97
C VAL D 326 10.14 -0.98 -24.44
N GLN D 327 9.99 0.21 -24.98
CA GLN D 327 8.81 1.02 -24.81
C GLN D 327 8.23 1.21 -26.21
N HIS D 328 7.04 0.69 -26.44
CA HIS D 328 6.36 0.75 -27.73
C HIS D 328 5.79 2.16 -27.97
N PRO D 329 5.58 2.53 -29.24
CA PRO D 329 4.87 3.80 -29.53
C PRO D 329 3.57 4.04 -28.75
N GLU D 330 2.80 2.98 -28.50
CA GLU D 330 1.54 3.07 -27.77
C GLU D 330 1.74 3.63 -26.33
N LEU D 331 2.92 3.41 -25.78
CA LEU D 331 3.32 3.97 -24.48
C LEU D 331 3.91 5.39 -24.57
N THR D 332 4.83 5.58 -25.51
CA THR D 332 5.65 6.79 -25.62
C THR D 332 5.11 7.89 -26.53
N GLY D 333 4.23 7.56 -27.49
CA GLY D 333 3.87 8.51 -28.56
C GLY D 333 4.94 8.73 -29.63
N LEU D 334 6.06 8.00 -29.58
CA LEU D 334 7.07 8.09 -30.61
C LEU D 334 6.65 7.28 -31.85
N ASP D 335 7.40 7.39 -32.94
CA ASP D 335 7.11 6.63 -34.17
C ASP D 335 7.99 5.38 -34.31
N CYS D 336 8.63 4.98 -33.22
CA CYS D 336 9.61 3.90 -33.26
C CYS D 336 9.58 3.21 -31.91
N ILE D 337 10.14 2.01 -31.85
CA ILE D 337 10.18 1.20 -30.62
C ILE D 337 11.44 1.63 -29.87
N ARG D 338 11.29 2.16 -28.65
CA ARG D 338 12.46 2.66 -27.92
C ARG D 338 13.20 1.55 -27.15
N PRO D 339 14.53 1.39 -27.33
CA PRO D 339 15.26 0.36 -26.61
C PRO D 339 15.65 0.88 -25.23
N CYS D 340 15.57 0.00 -24.24
CA CYS D 340 15.98 0.32 -22.89
C CYS D 340 16.69 -0.92 -22.42
N PHE D 341 17.37 -0.82 -21.29
CA PHE D 341 18.01 -1.99 -20.70
C PHE D 341 18.06 -1.85 -19.17
N TRP D 342 18.20 -2.96 -18.51
CA TRP D 342 18.35 -2.96 -17.06
C TRP D 342 19.62 -3.73 -16.78
N VAL D 343 20.15 -3.53 -15.57
CA VAL D 343 21.25 -4.33 -15.11
C VAL D 343 20.96 -4.75 -13.71
N GLU D 344 21.17 -6.01 -13.47
CA GLU D 344 21.11 -6.61 -12.14
C GLU D 344 22.45 -6.43 -11.41
N LEU D 345 22.39 -5.84 -10.21
CA LEU D 345 23.59 -5.65 -9.42
C LEU D 345 23.60 -6.69 -8.30
N ILE D 346 24.38 -7.76 -8.46
CA ILE D 346 24.28 -8.90 -7.61
C ILE D 346 25.12 -8.69 -6.38
N ARG D 347 24.60 -8.98 -5.22
CA ARG D 347 25.41 -9.00 -3.98
C ARG D 347 25.31 -10.28 -3.21
N GLY D 348 26.36 -10.57 -2.42
CA GLY D 348 26.50 -11.76 -1.62
C GLY D 348 27.28 -12.90 -2.25
N ARG D 349 26.78 -14.12 -2.12
CA ARG D 349 27.54 -15.28 -2.63
C ARG D 349 27.49 -15.27 -4.13
N PRO D 350 28.55 -15.72 -4.82
CA PRO D 350 29.68 -16.39 -4.17
C PRO D 350 30.88 -15.45 -3.94
N LYS D 351 30.78 -14.19 -4.38
CA LYS D 351 31.93 -13.29 -4.34
C LYS D 351 32.10 -12.62 -3.01
N GLU D 352 31.08 -12.55 -2.18
CA GLU D 352 31.17 -11.92 -0.85
C GLU D 352 30.81 -12.87 0.25
N ASN D 353 31.27 -12.54 1.46
CA ASN D 353 31.17 -13.46 2.58
C ASN D 353 29.87 -13.25 3.37
N THR D 354 28.78 -13.76 2.79
CA THR D 354 27.44 -13.62 3.36
C THR D 354 26.80 -14.99 3.33
N ILE D 355 25.61 -15.15 3.91
CA ILE D 355 24.90 -16.41 3.86
C ILE D 355 23.92 -16.38 2.67
N TRP D 356 23.82 -15.23 1.98
CA TRP D 356 22.71 -14.95 1.04
C TRP D 356 23.24 -14.36 -0.24
N THR D 357 22.41 -14.35 -1.28
CA THR D 357 22.70 -13.67 -2.52
C THR D 357 21.41 -12.91 -2.90
N SER D 358 21.55 -11.66 -3.32
CA SER D 358 20.39 -10.87 -3.66
C SER D 358 20.87 -9.72 -4.51
N GLY D 359 20.00 -9.15 -5.29
CA GLY D 359 20.35 -8.21 -6.34
C GLY D 359 19.59 -6.89 -6.20
N SER D 360 20.18 -5.75 -6.59
CA SER D 360 19.36 -4.61 -6.88
C SER D 360 19.40 -4.34 -8.41
N SER D 361 18.77 -3.28 -8.84
CA SER D 361 18.74 -2.96 -10.29
C SER D 361 18.93 -1.52 -10.60
N ILE D 362 19.36 -1.31 -11.82
CA ILE D 362 19.40 0.03 -12.47
C ILE D 362 18.85 -0.17 -13.91
N SER D 363 18.26 0.86 -14.51
CA SER D 363 17.83 0.82 -15.87
C SER D 363 17.99 2.18 -16.55
N PHE D 364 18.08 2.10 -17.87
CA PHE D 364 18.50 3.15 -18.72
C PHE D 364 17.60 3.07 -19.98
N CYS D 365 17.22 4.21 -20.53
CA CYS D 365 16.59 4.25 -21.88
C CYS D 365 17.43 4.97 -22.96
N GLY D 366 17.31 4.49 -24.19
CA GLY D 366 18.08 5.07 -25.30
C GLY D 366 17.48 6.40 -25.71
N VAL D 367 18.35 7.39 -25.96
CA VAL D 367 17.94 8.70 -26.40
C VAL D 367 18.96 9.17 -27.45
N ASN D 368 18.65 10.29 -28.10
CA ASN D 368 19.56 11.00 -28.99
C ASN D 368 19.99 12.35 -28.47
N SER D 369 19.69 12.61 -27.22
CA SER D 369 20.08 13.85 -26.60
C SER D 369 21.32 13.52 -25.77
N ASP D 370 21.84 14.53 -25.08
CA ASP D 370 23.13 14.41 -24.39
C ASP D 370 23.03 13.51 -23.17
N THR D 371 24.07 12.69 -22.98
CA THR D 371 24.12 11.72 -21.92
C THR D 371 25.52 11.77 -21.33
N VAL D 372 25.75 10.99 -20.28
CA VAL D 372 27.04 10.94 -19.65
C VAL D 372 27.28 9.56 -19.09
N GLY D 373 28.54 9.15 -19.10
CA GLY D 373 28.93 7.94 -18.37
C GLY D 373 29.15 8.20 -16.91
N TRP D 374 28.86 7.20 -16.08
CA TRP D 374 29.18 7.30 -14.66
C TRP D 374 29.19 5.92 -14.07
N SER D 375 29.18 5.83 -12.73
CA SER D 375 28.95 4.52 -12.10
C SER D 375 27.74 4.64 -11.15
N TRP D 376 26.71 3.81 -11.35
CA TRP D 376 25.54 3.73 -10.48
C TRP D 376 25.47 2.32 -9.88
N PRO D 377 26.30 2.04 -8.84
CA PRO D 377 26.49 0.70 -8.29
C PRO D 377 25.45 0.38 -7.24
N ASP D 378 25.52 -0.80 -6.67
CA ASP D 378 24.45 -1.22 -5.75
C ASP D 378 24.53 -0.37 -4.46
N GLY D 379 25.75 -0.24 -3.92
CA GLY D 379 25.94 0.62 -2.76
C GLY D 379 25.85 0.07 -1.35
N ALA D 380 25.41 -1.17 -1.19
CA ALA D 380 25.25 -1.73 0.11
C ALA D 380 26.63 -2.06 0.70
N GLU D 381 26.74 -2.00 2.02
N GLU D 381 26.74 -1.97 2.02
CA GLU D 381 27.94 -2.35 2.74
CA GLU D 381 27.92 -2.37 2.78
C GLU D 381 27.68 -3.72 3.33
C GLU D 381 27.65 -3.74 3.33
N LEU D 382 28.36 -4.73 2.79
CA LEU D 382 28.29 -6.13 3.27
C LEU D 382 29.51 -6.41 4.15
N PRO D 383 29.44 -7.37 5.05
CA PRO D 383 28.24 -8.14 5.35
C PRO D 383 27.13 -7.36 6.09
N PHE D 384 25.99 -8.00 6.17
CA PHE D 384 24.85 -7.54 6.95
C PHE D 384 24.84 -8.24 8.32
N THR D 385 23.97 -7.73 9.20
CA THR D 385 23.75 -8.24 10.57
C THR D 385 23.56 -9.75 10.62
N ILE D 386 22.78 -10.30 9.66
CA ILE D 386 22.48 -11.72 9.62
C ILE D 386 23.68 -12.63 9.31
N ASP D 387 24.75 -12.05 8.77
CA ASP D 387 25.88 -12.80 8.31
C ASP D 387 26.85 -13.12 9.45
C1 NAG E . 30.20 5.87 9.47
C2 NAG E . 30.75 4.79 10.40
C3 NAG E . 32.22 4.96 10.74
C4 NAG E . 32.97 5.16 9.44
C5 NAG E . 32.35 6.37 8.72
C6 NAG E . 33.12 6.83 7.50
C7 NAG E . 29.06 3.83 11.86
C8 NAG E . 28.29 3.94 13.14
N2 NAG E . 29.96 4.79 11.62
O3 NAG E . 32.67 3.83 11.46
O4 NAG E . 34.38 5.36 9.72
O5 NAG E . 30.99 6.06 8.32
O6 NAG E . 33.32 5.74 6.60
O7 NAG E . 28.84 2.92 11.07
C1 NAG E . 35.16 4.34 9.09
C2 NAG E . 36.57 4.84 8.88
C3 NAG E . 37.41 3.71 8.25
C4 NAG E . 37.21 2.35 8.95
C5 NAG E . 35.73 2.06 9.19
C6 NAG E . 35.43 0.78 9.95
C7 NAG E . 36.90 7.25 8.41
C8 NAG E . 36.81 8.31 7.35
N2 NAG E . 36.55 6.02 8.03
O3 NAG E . 38.78 4.13 8.28
O4 NAG E . 37.64 1.29 8.10
O5 NAG E . 35.17 3.17 9.88
O6 NAG E . 35.88 0.96 11.28
O7 NAG E . 37.29 7.52 9.53
C1 BMA E . 38.59 0.41 8.71
C2 BMA E . 38.56 -0.95 7.99
C3 BMA E . 39.64 -1.88 8.56
C4 BMA E . 40.99 -1.18 8.71
C5 BMA E . 40.85 0.23 9.32
C6 BMA E . 42.18 0.99 9.34
O2 BMA E . 38.79 -0.73 6.59
O3 BMA E . 39.85 -3.01 7.68
O4 BMA E . 41.83 -1.98 9.57
O5 BMA E . 39.89 1.02 8.61
O6 BMA E . 42.45 1.41 7.98
C1 MAN E . 39.14 -4.23 8.05
C2 MAN E . 40.11 -5.40 7.77
C3 MAN E . 40.28 -5.65 6.28
C4 MAN E . 38.90 -5.84 5.65
C5 MAN E . 38.09 -4.57 5.93
C6 MAN E . 36.78 -4.63 5.15
O2 MAN E . 39.62 -6.60 8.40
O3 MAN E . 41.12 -6.80 6.01
O4 MAN E . 39.03 -6.09 4.24
O5 MAN E . 37.90 -4.39 7.34
O6 MAN E . 37.13 -4.34 3.78
C1 MAN E . 43.72 2.06 7.78
C2 MAN E . 44.02 2.07 6.26
C3 MAN E . 44.43 0.65 5.79
C4 MAN E . 45.52 0.02 6.68
C5 MAN E . 45.16 0.14 8.16
C6 MAN E . 46.25 -0.33 9.09
O2 MAN E . 45.03 3.04 5.91
O3 MAN E . 44.83 0.64 4.40
O4 MAN E . 45.60 -1.40 6.37
O5 MAN E . 44.78 1.48 8.56
O6 MAN E . 45.65 -0.72 10.34
C1 NAG F . 22.38 -22.54 5.55
C2 NAG F . 22.07 -23.60 6.63
C3 NAG F . 22.86 -24.93 6.46
C4 NAG F . 22.91 -25.23 4.95
C5 NAG F . 23.63 -24.02 4.32
C6 NAG F . 24.22 -24.09 2.92
C7 NAG F . 21.30 -22.50 8.76
C8 NAG F . 21.64 -21.36 9.69
N2 NAG F . 22.20 -22.68 7.78
O3 NAG F . 22.24 -26.05 7.11
O4 NAG F . 23.54 -26.53 4.71
O5 NAG F . 22.60 -23.04 4.28
O6 NAG F . 24.70 -22.85 2.38
O7 NAG F . 20.30 -23.21 8.92
C1 NAG F . 22.89 -27.58 3.95
C2 NAG F . 23.90 -28.22 2.96
C3 NAG F . 24.17 -27.27 1.80
C4 NAG F . 22.84 -26.96 1.08
C5 NAG F . 21.70 -26.54 2.05
C6 NAG F . 20.29 -26.64 1.47
C7 NAG F . 26.15 -28.25 4.25
C8 NAG F . 26.52 -26.79 4.13
N2 NAG F . 25.03 -28.81 3.71
O3 NAG F . 25.19 -27.74 0.87
O4 NAG F . 23.12 -25.87 0.17
O5 NAG F . 21.64 -27.30 3.27
O6 NAG F . 19.97 -25.40 0.82
O7 NAG F . 26.92 -29.00 4.86
CA CA G . -13.16 -38.18 10.62
CA CA H . -11.72 -47.00 -7.74
C1 G39 I . -8.87 -28.10 13.58
O1A G39 I . -7.73 -27.66 13.25
O1B G39 I . -9.18 -29.33 13.59
C2 G39 I . -9.96 -27.16 13.93
C3 G39 I . -9.71 -25.70 13.75
C4 G39 I . -10.98 -24.86 13.54
C5 G39 I . -12.03 -25.28 14.59
N5 G39 I . -13.24 -24.52 14.38
C10 G39 I . -13.69 -23.65 15.30
O10 G39 I . -13.14 -23.40 16.35
C11 G39 I . -14.97 -22.88 14.91
C6 G39 I . -12.39 -26.73 14.53
C7 G39 I . -11.17 -27.62 14.33
O7 G39 I . -13.10 -27.07 15.74
C8 G39 I . -14.30 -27.81 15.40
C9 G39 I . -14.02 -29.27 14.97
C81 G39 I . -15.25 -27.76 16.57
C82 G39 I . -15.67 -26.34 16.92
C91 G39 I . -13.25 -30.09 15.98
N4 G39 I . -10.58 -23.45 13.67
C1 NAG J . -26.47 -20.55 -18.99
C2 NAG J . -26.81 -21.13 -20.36
C3 NAG J . -27.02 -20.06 -21.46
C4 NAG J . -27.46 -18.67 -20.97
C5 NAG J . -26.67 -18.28 -19.71
C6 NAG J . -26.93 -16.86 -19.22
C7 NAG J . -25.67 -23.35 -20.46
C8 NAG J . -24.36 -24.02 -20.74
N2 NAG J . -25.67 -22.01 -20.61
O3 NAG J . -28.03 -20.52 -22.38
O4 NAG J . -27.27 -17.72 -22.04
O5 NAG J . -27.03 -19.25 -18.72
O6 NAG J . -28.20 -16.79 -18.57
O7 NAG J . -26.66 -23.99 -20.15
C1 NAG K . 2.83 -17.54 26.83
C2 NAG K . 3.93 -17.00 27.71
C3 NAG K . 4.03 -17.82 28.99
C4 NAG K . 2.66 -17.95 29.67
C5 NAG K . 1.65 -18.52 28.67
C6 NAG K . 0.25 -18.65 29.29
C7 NAG K . 5.78 -16.13 26.31
C8 NAG K . 7.09 -16.51 25.67
N2 NAG K . 5.21 -17.10 27.00
O3 NAG K . 5.01 -17.21 29.83
O4 NAG K . 2.74 -18.79 30.85
O5 NAG K . 1.57 -17.66 27.51
O6 NAG K . -0.18 -17.35 29.72
O7 NAG K . 5.31 -15.01 26.17
CA CA L . 9.91 -3.54 10.82
CA CA M . -19.63 14.60 33.80
CA CA N . -37.01 4.12 31.92
C1 G39 O . -10.26 12.79 28.06
O1A G39 O . -9.81 11.64 27.76
O1B G39 O . -11.12 12.91 29.01
C2 G39 O . -9.83 13.95 27.23
C3 G39 O . -9.09 13.71 25.90
C4 G39 O . -9.28 14.83 24.84
C5 G39 O . -9.16 16.20 25.48
N5 G39 O . -9.32 17.18 24.44
C10 G39 O . -8.40 18.08 24.12
O10 G39 O . -7.32 18.14 24.62
C11 G39 O . -8.76 19.09 23.05
C6 G39 O . -10.22 16.37 26.58
C7 G39 O . -10.20 15.19 27.57
O7 G39 O . -9.94 17.57 27.32
C8 G39 O . -11.06 18.47 27.59
C9 G39 O . -12.01 17.93 28.67
C81 G39 O . -10.50 19.84 27.96
C82 G39 O . -9.54 20.34 26.93
C91 G39 O . -11.39 17.81 30.05
N4 G39 O . -8.22 14.69 23.86
C1 NAG P . -36.39 12.52 0.84
C2 NAG P . -37.90 12.56 0.53
C3 NAG P . -38.18 12.11 -0.93
C4 NAG P . -37.13 12.67 -1.91
C5 NAG P . -35.72 12.37 -1.42
C6 NAG P . -34.57 12.72 -2.36
C7 NAG P . -38.46 10.54 1.96
C8 NAG P . -38.92 10.20 3.36
N2 NAG P . -38.40 11.86 1.73
O3 NAG P . -39.46 12.60 -1.37
O4 NAG P . -37.32 12.16 -3.24
O5 NAG P . -35.60 13.12 -0.21
O6 NAG P . -34.57 14.12 -2.67
O7 NAG P . -38.21 9.66 1.13
C1 NAG Q . 10.63 9.47 28.66
C2 NAG Q . 11.99 8.80 28.47
C3 NAG Q . 12.83 8.92 29.74
C4 NAG Q . 12.83 10.35 30.29
C5 NAG Q . 11.43 11.00 30.27
C6 NAG Q . 11.42 12.48 30.68
C7 NAG Q . 12.25 7.02 26.81
C8 NAG Q . 12.19 5.56 26.45
N2 NAG Q . 11.95 7.39 28.06
O3 NAG Q . 14.17 8.57 29.36
O4 NAG Q . 13.33 10.28 31.63
O5 NAG Q . 10.85 10.84 28.96
O6 NAG Q . 11.80 13.34 29.61
O7 NAG Q . 12.57 7.82 25.94
C1 NAG R . -32.03 20.94 -0.48
C2 NAG R . -33.44 21.50 -0.43
C3 NAG R . -33.82 21.99 -1.82
C4 NAG R . -32.77 22.96 -2.37
C5 NAG R . -31.35 22.39 -2.23
C6 NAG R . -30.25 23.36 -2.64
C7 NAG R . -35.02 20.49 1.16
C8 NAG R . -36.03 19.40 1.37
N2 NAG R . -34.43 20.51 -0.03
O3 NAG R . -35.09 22.63 -1.76
O4 NAG R . -33.07 23.23 -3.74
O5 NAG R . -31.15 22.00 -0.87
O6 NAG R . -30.10 24.33 -1.59
O7 NAG R . -34.77 21.30 2.03
C1 EDO S . -18.07 -0.71 2.63
O1 EDO S . -17.38 0.06 1.63
C2 EDO S . -17.84 -0.28 4.07
O2 EDO S . -16.54 0.31 4.25
C1 EDO T . -18.47 27.39 -0.87
O1 EDO T . -18.09 27.06 -2.19
C2 EDO T . -19.93 27.03 -0.89
O2 EDO T . -20.34 26.85 0.42
C1 EDO U . -1.92 16.12 30.04
O1 EDO U . -0.51 16.31 29.93
C2 EDO U . -2.57 17.37 29.54
O2 EDO U . -2.91 17.09 28.17
CA CA V . 23.53 34.46 0.75
CA CA W . 8.74 47.98 4.49
C1 G39 X . 22.66 23.18 1.51
O1A G39 X . 23.06 24.39 1.66
O1B G39 X . 22.06 22.53 2.44
C2 G39 X . 22.88 22.55 0.20
C3 G39 X . 22.21 21.22 -0.05
C4 G39 X . 21.93 20.99 -1.55
C5 G39 X . 23.17 21.33 -2.41
N5 G39 X . 22.89 21.08 -3.82
C10 G39 X . 23.54 20.14 -4.50
O10 G39 X . 24.37 19.38 -4.08
C11 G39 X . 23.18 20.03 -5.98
C6 G39 X . 23.57 22.77 -2.23
C7 G39 X . 23.55 23.20 -0.77
O7 G39 X . 24.90 22.92 -2.77
C8 G39 X . 25.02 24.04 -3.67
C9 G39 X . 25.06 25.43 -3.00
C81 G39 X . 26.25 23.77 -4.51
C82 G39 X . 26.13 22.57 -5.42
C91 G39 X . 26.11 25.56 -1.91
N4 G39 X . 21.59 19.58 -1.69
C1 NAG Y . -8.09 32.94 -18.48
C2 NAG Y . -9.04 34.03 -18.98
C3 NAG Y . -10.32 33.48 -19.67
C4 NAG Y . -10.14 32.14 -20.41
C5 NAG Y . -9.38 31.18 -19.49
C6 NAG Y . -9.25 29.75 -20.02
C7 NAG Y . -8.53 35.81 -17.29
C8 NAG Y . -8.93 36.30 -15.92
N2 NAG Y . -9.25 34.75 -17.73
O3 NAG Y . -10.82 34.42 -20.64
O4 NAG Y . -11.42 31.59 -20.80
O5 NAG Y . -8.09 31.76 -19.31
O6 NAG Y . -8.56 29.75 -21.27
O7 NAG Y . -7.65 36.37 -17.93
C1 NAG Z . -2.51 28.55 -25.14
C2 NAG Z . -2.67 29.88 -25.89
C3 NAG Z . -3.41 29.67 -27.20
C4 NAG Z . -2.69 28.63 -28.05
C5 NAG Z . -2.48 27.34 -27.23
C6 NAG Z . -1.62 26.32 -27.98
C7 NAG Z . -2.87 31.99 -24.66
C8 NAG Z . -3.80 32.86 -23.86
N2 NAG Z . -3.40 30.85 -25.10
O3 NAG Z . -3.53 30.91 -27.90
O4 NAG Z . -3.45 28.42 -29.25
O5 NAG Z . -1.80 27.63 -25.99
O6 NAG Z . -0.30 26.84 -28.17
O7 NAG Z . -1.70 32.29 -24.87
C1 EDO AA . 4.17 3.72 -5.06
O1 EDO AA . 3.24 3.14 -6.02
C2 EDO AA . 3.67 3.69 -3.64
O2 EDO AA . 3.09 2.45 -3.21
C1 EDO BA . 25.95 21.00 4.38
O1 EDO BA . 25.29 21.92 3.52
C2 EDO BA . 25.13 21.01 5.67
O2 EDO BA . 25.16 22.31 6.28
CA CA CA . 29.91 -18.30 -22.53
CA CA DA . 33.76 -3.00 -35.34
C1 G39 EA . 23.81 -17.70 -13.21
O1A G39 EA . 24.75 -17.91 -14.03
O1B G39 EA . 23.85 -16.74 -12.41
C2 G39 EA . 22.61 -18.55 -13.22
C3 G39 EA . 21.36 -18.10 -12.49
C4 G39 EA . 20.07 -18.68 -13.09
C5 G39 EA . 20.22 -20.15 -13.43
N5 G39 EA . 18.96 -20.62 -13.95
C10 G39 EA . 18.25 -21.59 -13.36
O10 G39 EA . 18.58 -22.08 -12.34
C11 G39 EA . 16.99 -22.07 -14.03
C6 G39 EA . 21.36 -20.39 -14.43
C7 G39 EA . 22.62 -19.65 -13.99
O7 G39 EA . 21.66 -21.79 -14.52
C8 G39 EA . 21.74 -22.34 -15.87
C9 G39 EA . 23.01 -22.02 -16.64
C81 G39 EA . 21.58 -23.84 -15.76
C82 G39 EA . 20.22 -24.19 -15.21
C91 G39 EA . 24.32 -22.39 -15.96
N4 G39 EA . 19.00 -18.54 -12.13
C1 NAG FA . 1.92 -0.28 -38.36
C2 NAG FA . 1.89 0.23 -39.80
C3 NAG FA . 0.69 1.15 -40.04
C4 NAG FA . -0.59 0.70 -39.30
C5 NAG FA . -0.28 0.37 -37.83
C6 NAG FA . -1.50 0.03 -36.96
C7 NAG FA . 4.16 0.26 -40.81
C8 NAG FA . 5.40 1.07 -41.03
N2 NAG FA . 3.18 0.87 -40.11
O3 NAG FA . 0.39 1.14 -41.45
O4 NAG FA . -1.58 1.73 -39.38
O5 NAG FA . 0.63 -0.72 -37.90
O6 NAG FA . -2.11 -1.16 -37.44
O7 NAG FA . 4.06 -0.88 -41.26
C1 NAG GA . -2.77 -8.63 -37.03
C2 NAG GA . -2.69 -8.70 -38.56
C3 NAG GA . -4.10 -8.58 -39.17
C4 NAG GA . -5.03 -9.61 -38.53
C5 NAG GA . -5.00 -9.50 -37.00
C6 NAG GA . -5.88 -10.54 -36.32
C7 NAG GA . -0.69 -7.85 -39.74
C8 NAG GA . 0.07 -6.62 -40.18
N2 NAG GA . -1.83 -7.63 -39.07
O3 NAG GA . -4.02 -8.78 -40.57
O4 NAG GA . -6.37 -9.44 -39.04
O5 NAG GA . -3.63 -9.66 -36.54
O6 NAG GA . -5.27 -11.84 -36.49
O7 NAG GA . -0.28 -8.97 -40.01
C1 EDO HA . 13.24 -28.39 -1.05
O1 EDO HA . 12.71 -27.77 0.09
C2 EDO HA . 12.61 -29.75 -1.25
O2 EDO HA . 11.17 -29.68 -1.04
C1 EDO IA . 6.13 4.80 -17.08
O1 EDO IA . 4.78 5.25 -16.89
C2 EDO IA . 6.63 4.12 -15.80
O2 EDO IA . 5.62 3.23 -15.36
C1 EDO JA . 2.09 -27.11 -24.84
O1 EDO JA . 2.45 -27.17 -26.26
C2 EDO JA . 0.79 -26.35 -24.65
O2 EDO JA . -0.34 -27.17 -24.27
C1 EDO KA . 18.46 -34.22 -14.68
O1 EDO KA . 17.20 -33.75 -14.23
C2 EDO KA . 19.24 -32.94 -14.73
O2 EDO KA . 18.76 -32.00 -13.81
C1 EDO LA . -6.12 -17.63 -27.89
O1 EDO LA . -4.99 -18.35 -28.24
C2 EDO LA . -6.70 -18.40 -26.74
O2 EDO LA . -7.85 -17.76 -26.21
C1 EDO MA . 23.03 -24.37 -7.64
O1 EDO MA . 21.98 -23.45 -8.04
C2 EDO MA . 22.96 -24.67 -6.14
O2 EDO MA . 22.46 -26.01 -5.82
NA NA NA . 28.17 -12.63 -5.89
#